data_2KRD
#
_entry.id   2KRD
#
loop_
_entity.id
_entity.type
_entity.pdbx_description
1 polymer 'Troponin C, slow skeletal and cardiac muscles'
2 polymer 'Troponin I, cardiac muscle'
3 non-polymer 'CALCIUM ION'
4 non-polymer N-(6-AMINOHEXYL)-5-CHLORO-1-NAPHTHALENESULFONAMIDE
#
loop_
_entity_poly.entity_id
_entity_poly.type
_entity_poly.pdbx_seq_one_letter_code
_entity_poly.pdbx_strand_id
1 'polypeptide(L)'
;MDDIYKAAVEQLTEEQKNEFKAAFDIFVLGAEDGCISTKELGKVMRMLGQNPTPEELQEMIDEVDEDGSGTVDFDEFLVM
MVRCMKDDS
;
C
2 'polypeptide(L)' RISADAMMQALLGARAK I
#
# COMPACT_ATOMS: atom_id res chain seq x y z
N MET A 1 -18.13 10.92 -8.47
CA MET A 1 -18.06 12.24 -7.80
C MET A 1 -17.13 12.15 -6.57
N ASP A 2 -16.10 11.29 -6.69
CA ASP A 2 -15.11 11.10 -5.62
C ASP A 2 -13.81 11.84 -5.98
N ASP A 3 -13.96 12.98 -6.64
CA ASP A 3 -12.84 13.75 -7.15
C ASP A 3 -11.96 14.33 -6.03
N ILE A 4 -12.49 14.38 -4.81
CA ILE A 4 -11.73 14.97 -3.70
C ILE A 4 -10.51 14.11 -3.34
N TYR A 5 -10.58 12.80 -3.63
CA TYR A 5 -9.43 11.90 -3.42
C TYR A 5 -8.66 11.72 -4.72
N LYS A 6 -9.40 11.66 -5.82
CA LYS A 6 -8.81 11.50 -7.14
C LYS A 6 -7.92 12.70 -7.48
N ALA A 7 -8.42 13.91 -7.23
CA ALA A 7 -7.64 15.12 -7.48
C ALA A 7 -6.39 15.17 -6.61
N ALA A 8 -6.51 14.64 -5.40
CA ALA A 8 -5.40 14.64 -4.45
C ALA A 8 -4.25 13.76 -4.95
N VAL A 9 -4.59 12.66 -5.60
CA VAL A 9 -3.58 11.72 -6.09
C VAL A 9 -2.62 12.40 -7.09
N GLU A 10 -3.13 13.40 -7.82
CA GLU A 10 -2.30 14.17 -8.75
C GLU A 10 -1.24 15.00 -8.02
N GLN A 11 -1.47 15.25 -6.73
CA GLN A 11 -0.53 16.00 -5.90
C GLN A 11 0.75 15.19 -5.73
N LEU A 12 0.65 13.89 -5.95
CA LEU A 12 1.79 13.01 -5.87
C LEU A 12 2.76 13.36 -6.99
N THR A 13 4.06 13.38 -6.66
CA THR A 13 5.09 13.69 -7.65
C THR A 13 5.38 12.46 -8.48
N GLU A 14 6.11 12.64 -9.58
CA GLU A 14 6.47 11.51 -10.44
C GLU A 14 7.29 10.50 -9.68
N GLU A 15 8.17 10.98 -8.83
CA GLU A 15 8.99 10.12 -8.00
C GLU A 15 8.11 9.31 -7.05
N GLN A 16 7.17 10.00 -6.40
CA GLN A 16 6.24 9.33 -5.50
C GLN A 16 5.32 8.38 -6.25
N LYS A 17 4.72 8.91 -7.29
CA LYS A 17 3.73 8.20 -8.07
C LYS A 17 4.33 6.96 -8.74
N ASN A 18 5.52 7.14 -9.34
CA ASN A 18 6.20 6.03 -10.01
C ASN A 18 6.69 4.96 -9.04
N GLU A 19 7.27 5.42 -7.92
CA GLU A 19 7.75 4.51 -6.88
C GLU A 19 6.59 3.91 -6.10
N PHE A 20 5.40 4.45 -6.33
CA PHE A 20 4.18 3.98 -5.70
C PHE A 20 4.02 2.49 -6.00
N LYS A 21 4.23 2.17 -7.28
CA LYS A 21 4.28 0.80 -7.79
C LYS A 21 5.45 -0.01 -7.18
N ALA A 22 6.63 0.61 -7.10
CA ALA A 22 7.86 -0.09 -6.71
C ALA A 22 7.67 -1.00 -5.50
N ALA A 23 7.27 -0.43 -4.37
CA ALA A 23 7.03 -1.21 -3.16
C ALA A 23 5.85 -2.16 -3.35
N PHE A 24 4.85 -1.71 -4.09
CA PHE A 24 3.65 -2.51 -4.34
C PHE A 24 4.04 -3.83 -5.01
N ASP A 25 5.02 -3.75 -5.90
CA ASP A 25 5.48 -4.92 -6.65
C ASP A 25 6.08 -6.00 -5.74
N ILE A 26 6.58 -5.60 -4.55
CA ILE A 26 7.16 -6.59 -3.63
C ILE A 26 6.08 -7.58 -3.16
N PHE A 27 4.91 -7.05 -2.88
CA PHE A 27 3.78 -7.85 -2.41
C PHE A 27 3.23 -8.74 -3.53
N VAL A 28 3.19 -8.20 -4.75
CA VAL A 28 2.60 -8.90 -5.90
C VAL A 28 3.67 -9.47 -6.84
N LEU A 29 4.58 -10.26 -6.26
CA LEU A 29 5.65 -10.89 -7.06
C LEU A 29 5.08 -11.87 -8.09
N GLY A 30 4.08 -12.65 -7.67
CA GLY A 30 3.43 -13.63 -8.55
C GLY A 30 1.91 -13.57 -8.44
N ALA A 31 1.40 -12.43 -7.97
CA ALA A 31 -0.03 -12.24 -7.79
C ALA A 31 -0.72 -11.88 -9.11
N GLU A 32 -1.42 -12.87 -9.67
CA GLU A 32 -2.20 -12.66 -10.90
C GLU A 32 -3.31 -11.65 -10.64
N ASP A 33 -3.82 -11.67 -9.40
CA ASP A 33 -4.91 -10.79 -8.99
C ASP A 33 -4.48 -9.31 -9.09
N GLY A 34 -3.23 -9.03 -8.73
CA GLY A 34 -2.73 -7.66 -8.73
C GLY A 34 -3.07 -6.92 -7.43
N CYS A 35 -3.38 -7.69 -6.38
CA CYS A 35 -3.71 -7.14 -5.07
C CYS A 35 -2.89 -7.84 -3.96
N ILE A 36 -2.84 -7.23 -2.76
CA ILE A 36 -2.12 -7.84 -1.63
C ILE A 36 -3.13 -8.62 -0.76
N SER A 37 -2.87 -9.91 -0.56
CA SER A 37 -3.85 -10.82 0.08
C SER A 37 -3.46 -11.15 1.52
N THR A 38 -2.93 -10.15 2.21
CA THR A 38 -2.49 -10.27 3.62
C THR A 38 -1.37 -11.29 3.83
N LYS A 39 -1.43 -12.41 3.11
CA LYS A 39 -0.37 -13.41 3.14
C LYS A 39 0.94 -12.77 2.69
N GLU A 40 0.88 -12.07 1.54
CA GLU A 40 2.00 -11.31 1.02
C GLU A 40 2.29 -10.08 1.87
N LEU A 41 1.24 -9.60 2.57
CA LEU A 41 1.31 -8.35 3.34
C LEU A 41 2.36 -8.42 4.45
N GLY A 42 2.46 -9.59 5.12
CA GLY A 42 3.38 -9.76 6.26
C GLY A 42 4.75 -9.12 6.00
N LYS A 43 5.10 -8.99 4.73
CA LYS A 43 6.32 -8.30 4.32
C LYS A 43 6.26 -6.81 4.67
N VAL A 44 5.06 -6.23 4.55
CA VAL A 44 4.84 -4.80 4.82
C VAL A 44 5.29 -4.43 6.24
N MET A 45 4.93 -5.26 7.20
CA MET A 45 5.34 -5.06 8.58
C MET A 45 6.86 -5.23 8.73
N ARG A 46 7.40 -6.17 7.98
CA ARG A 46 8.83 -6.42 8.00
C ARG A 46 9.60 -5.19 7.56
N MET A 47 9.05 -4.47 6.56
CA MET A 47 9.71 -3.27 6.03
C MET A 47 9.94 -2.30 7.18
N LEU A 48 8.91 -2.14 7.99
CA LEU A 48 8.98 -1.35 9.20
C LEU A 48 9.92 -1.99 10.22
N GLY A 49 9.81 -3.31 10.34
CA GLY A 49 10.67 -4.09 11.25
C GLY A 49 9.84 -5.00 12.17
N GLN A 50 8.74 -5.52 11.64
CA GLN A 50 7.80 -6.37 12.42
C GLN A 50 7.32 -7.58 11.59
N ASN A 51 7.08 -8.71 12.27
CA ASN A 51 6.65 -9.95 11.59
C ASN A 51 5.46 -10.63 12.30
N PRO A 52 4.43 -9.89 12.59
CA PRO A 52 3.19 -10.42 13.24
C PRO A 52 2.37 -11.34 12.32
N THR A 53 1.63 -12.26 12.94
CA THR A 53 0.83 -13.28 12.23
C THR A 53 0.06 -12.71 11.02
N PRO A 54 -0.15 -13.52 9.99
CA PRO A 54 -0.94 -13.11 8.76
C PRO A 54 -2.34 -12.62 9.14
N GLU A 55 -2.91 -13.26 10.13
CA GLU A 55 -4.22 -12.88 10.63
C GLU A 55 -4.16 -11.49 11.23
N GLU A 56 -3.07 -11.22 11.95
CA GLU A 56 -2.81 -9.92 12.53
C GLU A 56 -2.58 -8.89 11.41
N LEU A 57 -1.92 -9.33 10.33
CA LEU A 57 -1.73 -8.52 9.13
C LEU A 57 -3.08 -8.17 8.50
N GLN A 58 -3.98 -9.14 8.48
CA GLN A 58 -5.30 -8.93 7.87
C GLN A 58 -6.08 -7.83 8.58
N GLU A 59 -5.89 -7.71 9.90
CA GLU A 59 -6.54 -6.67 10.67
C GLU A 59 -6.06 -5.30 10.21
N MET A 60 -4.79 -5.22 9.84
CA MET A 60 -4.20 -3.98 9.31
C MET A 60 -4.92 -3.60 8.02
N ILE A 61 -5.17 -4.61 7.16
CA ILE A 61 -5.98 -4.43 5.97
C ILE A 61 -7.42 -4.08 6.35
N ASP A 62 -7.97 -4.79 7.33
CA ASP A 62 -9.36 -4.61 7.71
C ASP A 62 -9.63 -3.17 8.15
N GLU A 63 -8.75 -2.62 8.97
CA GLU A 63 -8.88 -1.24 9.43
C GLU A 63 -8.66 -0.26 8.26
N VAL A 64 -7.61 -0.51 7.49
CA VAL A 64 -7.20 0.36 6.38
C VAL A 64 -8.11 0.25 5.14
N ASP A 65 -8.72 -0.93 4.94
CA ASP A 65 -9.52 -1.21 3.73
C ASP A 65 -10.92 -0.60 3.84
N GLU A 66 -11.10 0.57 3.23
CA GLU A 66 -12.37 1.29 3.22
C GLU A 66 -13.46 0.52 2.46
N ASP A 67 -13.09 -0.07 1.31
CA ASP A 67 -14.05 -0.81 0.48
C ASP A 67 -14.61 -2.04 1.20
N GLY A 68 -13.80 -2.64 2.06
CA GLY A 68 -14.23 -3.78 2.85
C GLY A 68 -14.04 -5.10 2.11
N SER A 69 -13.06 -5.14 1.20
CA SER A 69 -12.76 -6.36 0.45
C SER A 69 -11.88 -7.31 1.26
N GLY A 70 -11.25 -6.79 2.31
CA GLY A 70 -10.31 -7.59 3.11
C GLY A 70 -8.99 -7.75 2.37
N THR A 71 -8.87 -7.05 1.25
CA THR A 71 -7.66 -7.06 0.43
C THR A 71 -7.34 -5.65 -0.04
N VAL A 72 -6.09 -5.41 -0.38
CA VAL A 72 -5.63 -4.10 -0.84
C VAL A 72 -4.92 -4.20 -2.18
N ASP A 73 -5.56 -3.69 -3.24
CA ASP A 73 -4.96 -3.70 -4.56
C ASP A 73 -4.26 -2.38 -4.85
N PHE A 74 -3.66 -2.27 -6.03
CA PHE A 74 -2.96 -1.07 -6.41
C PHE A 74 -3.90 0.15 -6.44
N ASP A 75 -5.07 -0.01 -7.04
CA ASP A 75 -6.04 1.09 -7.12
C ASP A 75 -6.53 1.52 -5.73
N GLU A 76 -6.83 0.54 -4.87
CA GLU A 76 -7.23 0.86 -3.50
C GLU A 76 -6.04 1.46 -2.76
N PHE A 77 -4.89 0.84 -2.93
CA PHE A 77 -3.68 1.35 -2.34
C PHE A 77 -3.39 2.76 -2.82
N LEU A 78 -3.53 2.97 -4.13
CA LEU A 78 -3.34 4.30 -4.72
C LEU A 78 -4.37 5.33 -4.26
N VAL A 79 -5.66 4.97 -4.33
CA VAL A 79 -6.72 5.95 -4.04
C VAL A 79 -7.23 5.90 -2.58
N MET A 80 -7.36 4.68 -2.03
CA MET A 80 -7.88 4.52 -0.67
C MET A 80 -6.97 5.18 0.34
N MET A 81 -5.68 5.03 0.11
CA MET A 81 -4.67 5.60 0.98
C MET A 81 -4.78 7.13 1.01
N VAL A 82 -5.19 7.71 -0.13
CA VAL A 82 -5.42 9.14 -0.22
C VAL A 82 -6.52 9.58 0.75
N ARG A 83 -7.34 8.61 1.21
CA ARG A 83 -8.39 8.91 2.17
C ARG A 83 -7.75 9.47 3.44
N CYS A 84 -6.63 8.87 3.83
CA CYS A 84 -5.84 9.35 4.96
C CYS A 84 -5.19 10.70 4.64
N MET A 85 -4.69 10.84 3.41
CA MET A 85 -4.01 12.06 2.98
C MET A 85 -4.95 13.27 2.98
N LYS A 86 -6.19 13.07 2.54
CA LYS A 86 -7.16 14.16 2.42
C LYS A 86 -7.41 14.84 3.76
N ASP A 87 -7.63 14.03 4.81
CA ASP A 87 -7.88 14.51 6.18
C ASP A 87 -8.33 15.99 6.21
N ASP A 88 -9.61 16.21 5.92
CA ASP A 88 -10.23 17.55 5.88
C ASP A 88 -9.22 18.71 5.86
N SER A 89 -8.73 19.04 4.66
CA SER A 89 -7.78 20.15 4.49
C SER A 89 -8.10 20.96 3.21
N ARG B 1 2.90 9.18 1.14
CA ARG B 1 1.55 8.54 1.04
C ARG B 1 0.76 8.77 2.34
N ILE B 2 0.37 7.69 3.04
CA ILE B 2 -0.42 7.81 4.27
C ILE B 2 0.36 8.56 5.37
N SER B 3 1.66 8.25 5.48
CA SER B 3 2.54 8.88 6.47
C SER B 3 3.88 9.29 5.83
N ALA B 4 4.97 9.14 6.58
CA ALA B 4 6.31 9.48 6.09
C ALA B 4 6.64 8.70 4.81
N ASP B 5 5.97 7.54 4.65
CA ASP B 5 6.15 6.68 3.48
C ASP B 5 7.37 5.77 3.62
N ALA B 6 7.28 4.80 4.54
CA ALA B 6 8.35 3.83 4.76
C ALA B 6 8.60 2.98 3.51
N MET B 7 7.61 2.92 2.63
CA MET B 7 7.68 2.13 1.40
C MET B 7 8.79 2.57 0.47
N MET B 8 9.07 3.86 0.44
CA MET B 8 10.13 4.38 -0.42
C MET B 8 11.47 3.73 -0.03
N GLN B 9 11.69 3.57 1.28
CA GLN B 9 12.90 2.91 1.82
C GLN B 9 12.73 1.39 1.92
N ALA B 10 11.48 0.94 1.80
CA ALA B 10 11.11 -0.46 2.06
C ALA B 10 11.86 -1.49 1.22
N LEU B 11 12.36 -1.10 0.06
CA LEU B 11 12.98 -2.07 -0.85
C LEU B 11 14.18 -2.73 -0.20
N LEU B 12 14.97 -1.93 0.50
CA LEU B 12 16.09 -2.41 1.32
C LEU B 12 17.08 -3.30 0.53
N GLY B 13 16.61 -4.48 0.07
CA GLY B 13 17.46 -5.42 -0.69
C GLY B 13 16.84 -5.73 -2.06
N ALA B 14 17.69 -5.97 -3.06
CA ALA B 14 17.22 -6.22 -4.42
C ALA B 14 18.19 -7.08 -5.26
N ARG B 15 17.63 -7.73 -6.27
CA ARG B 15 18.38 -8.53 -7.24
C ARG B 15 18.08 -8.11 -8.69
N ALA B 16 19.02 -8.43 -9.58
CA ALA B 16 18.94 -8.15 -11.02
C ALA B 16 19.66 -6.85 -11.38
N LYS B 17 19.54 -5.86 -10.49
CA LYS B 17 20.22 -4.56 -10.65
C LYS B 17 20.00 -3.67 -9.42
N MET A 1 -16.59 8.31 -7.37
CA MET A 1 -15.88 8.97 -6.25
C MET A 1 -15.34 10.32 -6.70
N ASP A 2 -15.05 11.19 -5.73
CA ASP A 2 -14.59 12.54 -5.99
C ASP A 2 -13.17 12.56 -6.57
N ASP A 3 -12.93 13.55 -7.43
CA ASP A 3 -11.65 13.69 -8.13
C ASP A 3 -10.54 14.14 -7.19
N ILE A 4 -10.91 14.58 -5.99
CA ILE A 4 -9.94 15.10 -5.03
C ILE A 4 -8.92 14.03 -4.63
N TYR A 5 -9.37 12.80 -4.45
CA TYR A 5 -8.49 11.71 -4.06
C TYR A 5 -7.43 11.45 -5.14
N LYS A 6 -7.88 11.44 -6.40
CA LYS A 6 -6.99 11.31 -7.55
C LYS A 6 -6.04 12.51 -7.64
N ALA A 7 -6.60 13.71 -7.49
CA ALA A 7 -5.85 14.97 -7.58
C ALA A 7 -4.82 15.06 -6.46
N ALA A 8 -5.18 14.55 -5.29
CA ALA A 8 -4.30 14.54 -4.12
C ALA A 8 -3.01 13.76 -4.42
N VAL A 9 -3.17 12.68 -5.18
CA VAL A 9 -2.04 11.84 -5.59
C VAL A 9 -1.06 12.65 -6.45
N GLU A 10 -1.60 13.44 -7.36
CA GLU A 10 -0.78 14.26 -8.25
C GLU A 10 0.16 15.19 -7.47
N GLN A 11 -0.15 15.41 -6.18
CA GLN A 11 0.72 16.22 -5.31
C GLN A 11 2.04 15.50 -5.07
N LEU A 12 1.99 14.16 -5.06
CA LEU A 12 3.18 13.34 -4.88
C LEU A 12 4.04 13.40 -6.14
N THR A 13 5.36 13.27 -5.95
CA THR A 13 6.31 13.33 -7.06
C THR A 13 6.21 12.08 -7.93
N GLU A 14 6.86 12.11 -9.09
CA GLU A 14 6.85 10.95 -9.97
C GLU A 14 7.54 9.78 -9.31
N GLU A 15 8.60 10.07 -8.55
CA GLU A 15 9.33 9.04 -7.81
C GLU A 15 8.44 8.35 -6.79
N GLN A 16 7.60 9.14 -6.14
CA GLN A 16 6.66 8.61 -5.14
C GLN A 16 5.67 7.65 -5.81
N LYS A 17 5.03 8.14 -6.88
CA LYS A 17 4.11 7.34 -7.69
C LYS A 17 4.84 6.18 -8.39
N ASN A 18 6.05 6.44 -8.89
CA ASN A 18 6.82 5.41 -9.60
C ASN A 18 7.17 4.25 -8.69
N GLU A 19 7.58 4.58 -7.48
CA GLU A 19 7.87 3.57 -6.46
C GLU A 19 6.58 2.95 -5.96
N PHE A 20 5.49 3.68 -6.13
CA PHE A 20 4.16 3.24 -5.69
C PHE A 20 3.82 1.93 -6.39
N LYS A 21 3.98 1.93 -7.71
CA LYS A 21 3.80 0.73 -8.52
C LYS A 21 4.86 -0.33 -8.21
N ALA A 22 6.08 0.12 -7.93
CA ALA A 22 7.19 -0.78 -7.60
C ALA A 22 6.90 -1.55 -6.31
N ALA A 23 6.31 -0.84 -5.34
CA ALA A 23 5.89 -1.46 -4.09
C ALA A 23 4.78 -2.47 -4.33
N PHE A 24 3.92 -2.20 -5.31
CA PHE A 24 2.87 -3.14 -5.67
C PHE A 24 3.47 -4.50 -6.03
N ASP A 25 4.54 -4.46 -6.82
CA ASP A 25 5.21 -5.69 -7.24
C ASP A 25 5.76 -6.46 -6.03
N ILE A 26 6.16 -5.76 -4.96
CA ILE A 26 6.70 -6.45 -3.78
C ILE A 26 5.63 -7.34 -3.14
N PHE A 27 4.40 -6.84 -3.08
CA PHE A 27 3.28 -7.60 -2.54
C PHE A 27 2.98 -8.81 -3.42
N VAL A 28 3.02 -8.60 -4.73
CA VAL A 28 2.69 -9.65 -5.71
C VAL A 28 3.91 -10.07 -6.52
N LEU A 29 4.84 -10.73 -5.85
CA LEU A 29 6.07 -11.21 -6.49
C LEU A 29 5.74 -12.23 -7.58
N GLY A 30 4.82 -13.13 -7.24
CA GLY A 30 4.35 -14.16 -8.17
C GLY A 30 2.89 -14.51 -7.91
N ALA A 31 2.13 -13.54 -7.40
CA ALA A 31 0.71 -13.74 -7.08
C ALA A 31 -0.14 -14.01 -8.33
N GLU A 32 -1.11 -14.90 -8.18
CA GLU A 32 -2.01 -15.28 -9.28
C GLU A 32 -2.92 -14.12 -9.73
N ASP A 33 -3.41 -13.34 -8.76
CA ASP A 33 -4.36 -12.26 -9.07
C ASP A 33 -3.65 -10.95 -9.40
N GLY A 34 -3.29 -10.18 -8.37
CA GLY A 34 -2.64 -8.87 -8.56
C GLY A 34 -3.26 -7.82 -7.64
N CYS A 35 -3.50 -8.23 -6.40
CA CYS A 35 -4.06 -7.34 -5.36
C CYS A 35 -3.38 -7.62 -4.03
N ILE A 36 -3.52 -6.69 -3.06
CA ILE A 36 -2.98 -6.95 -1.74
C ILE A 36 -4.12 -7.53 -0.90
N SER A 37 -4.07 -8.84 -0.69
CA SER A 37 -5.12 -9.56 0.03
C SER A 37 -4.65 -9.93 1.41
N THR A 38 -3.85 -9.04 1.99
CA THR A 38 -3.30 -9.19 3.35
C THR A 38 -2.33 -10.35 3.48
N LYS A 39 -2.62 -11.46 2.83
CA LYS A 39 -1.71 -12.58 2.81
C LYS A 39 -0.41 -12.12 2.14
N GLU A 40 -0.58 -11.37 1.05
CA GLU A 40 0.53 -10.70 0.34
C GLU A 40 1.10 -9.56 1.16
N LEU A 41 0.26 -8.97 2.00
CA LEU A 41 0.59 -7.77 2.76
C LEU A 41 1.77 -8.01 3.71
N GLY A 42 1.82 -9.22 4.29
CA GLY A 42 2.79 -9.55 5.34
C GLY A 42 4.19 -8.99 5.07
N LYS A 43 4.51 -8.73 3.81
CA LYS A 43 5.76 -8.09 3.45
C LYS A 43 5.85 -6.68 4.02
N VAL A 44 4.70 -6.01 4.14
CA VAL A 44 4.64 -4.63 4.59
C VAL A 44 5.24 -4.44 5.98
N MET A 45 4.89 -5.34 6.89
CA MET A 45 5.38 -5.26 8.26
C MET A 45 6.90 -5.47 8.32
N ARG A 46 7.42 -6.39 7.52
CA ARG A 46 8.86 -6.64 7.50
C ARG A 46 9.67 -5.44 7.05
N MET A 47 9.16 -4.68 6.09
CA MET A 47 9.88 -3.47 5.64
C MET A 47 10.03 -2.53 6.82
N LEU A 48 8.95 -2.43 7.60
CA LEU A 48 8.90 -1.58 8.79
C LEU A 48 9.90 -2.07 9.84
N GLY A 49 10.03 -3.40 9.94
CA GLY A 49 10.90 -4.04 10.90
C GLY A 49 10.08 -4.85 11.90
N GLN A 50 8.86 -5.18 11.49
CA GLN A 50 7.93 -5.91 12.35
C GLN A 50 7.48 -7.22 11.71
N ASN A 51 7.21 -8.22 12.55
CA ASN A 51 6.74 -9.52 12.07
C ASN A 51 5.57 -10.03 12.93
N PRO A 52 4.53 -9.25 13.03
CA PRO A 52 3.31 -9.59 13.83
C PRO A 52 2.43 -10.64 13.16
N THR A 53 1.45 -11.16 13.90
CA THR A 53 0.54 -12.19 13.38
C THR A 53 -0.03 -11.77 12.01
N PRO A 54 -0.20 -12.70 11.09
CA PRO A 54 -0.82 -12.40 9.75
C PRO A 54 -2.22 -11.80 9.92
N GLU A 55 -2.86 -12.11 11.04
CA GLU A 55 -4.15 -11.54 11.38
C GLU A 55 -4.02 -10.04 11.57
N GLU A 56 -2.88 -9.64 12.13
CA GLU A 56 -2.57 -8.23 12.34
C GLU A 56 -2.38 -7.47 11.01
N LEU A 57 -1.88 -8.17 9.99
CA LEU A 57 -1.74 -7.60 8.65
C LEU A 57 -3.11 -7.19 8.10
N GLN A 58 -4.08 -8.06 8.33
CA GLN A 58 -5.45 -7.85 7.85
C GLN A 58 -6.09 -6.62 8.49
N GLU A 59 -5.79 -6.37 9.74
CA GLU A 59 -6.37 -5.23 10.44
C GLU A 59 -5.98 -3.91 9.78
N MET A 60 -4.73 -3.81 9.31
CA MET A 60 -4.29 -2.59 8.62
C MET A 60 -5.09 -2.42 7.33
N ILE A 61 -5.28 -3.54 6.60
CA ILE A 61 -6.19 -3.55 5.45
C ILE A 61 -7.62 -3.27 5.86
N ASP A 62 -8.06 -3.87 6.96
CA ASP A 62 -9.41 -3.63 7.43
C ASP A 62 -9.64 -2.15 7.71
N GLU A 63 -8.67 -1.53 8.38
CA GLU A 63 -8.70 -0.10 8.65
C GLU A 63 -8.57 0.69 7.34
N VAL A 64 -7.61 0.29 6.52
CA VAL A 64 -7.35 0.94 5.23
C VAL A 64 -8.50 0.71 4.22
N ASP A 65 -9.01 -0.52 4.20
CA ASP A 65 -10.07 -0.91 3.26
C ASP A 65 -11.38 -0.18 3.57
N GLU A 66 -11.48 1.04 3.06
CA GLU A 66 -12.67 1.90 3.25
C GLU A 66 -13.89 1.30 2.54
N ASP A 67 -13.67 0.71 1.37
CA ASP A 67 -14.77 0.18 0.57
C ASP A 67 -15.44 -1.03 1.23
N GLY A 68 -14.83 -1.54 2.29
CA GLY A 68 -15.41 -2.65 3.07
C GLY A 68 -15.34 -3.96 2.29
N SER A 69 -14.45 -4.03 1.31
CA SER A 69 -14.27 -5.23 0.51
C SER A 69 -13.39 -6.27 1.22
N GLY A 70 -12.58 -5.81 2.17
CA GLY A 70 -11.63 -6.68 2.89
C GLY A 70 -10.44 -7.04 1.99
N THR A 71 -10.51 -6.58 0.75
CA THR A 71 -9.47 -6.80 -0.24
C THR A 71 -8.99 -5.45 -0.78
N VAL A 72 -7.69 -5.31 -0.90
CA VAL A 72 -7.09 -4.07 -1.37
C VAL A 72 -6.49 -4.25 -2.78
N ASP A 73 -7.13 -3.62 -3.75
CA ASP A 73 -6.73 -3.71 -5.16
C ASP A 73 -5.69 -2.63 -5.51
N PHE A 74 -5.00 -2.82 -6.64
CA PHE A 74 -4.00 -1.83 -7.08
C PHE A 74 -4.65 -0.47 -7.34
N ASP A 75 -5.75 -0.48 -8.06
CA ASP A 75 -6.50 0.75 -8.32
C ASP A 75 -7.04 1.33 -7.03
N GLU A 76 -7.52 0.43 -6.15
CA GLU A 76 -8.00 0.80 -4.82
C GLU A 76 -6.86 1.36 -3.97
N PHE A 77 -5.71 0.68 -4.04
CA PHE A 77 -4.52 1.08 -3.33
C PHE A 77 -4.08 2.48 -3.73
N LEU A 78 -4.07 2.74 -5.02
CA LEU A 78 -3.68 4.03 -5.52
C LEU A 78 -4.61 5.16 -5.05
N VAL A 79 -5.92 4.95 -5.15
CA VAL A 79 -6.87 6.00 -4.81
C VAL A 79 -7.41 5.95 -3.36
N MET A 80 -7.75 4.74 -2.89
CA MET A 80 -8.34 4.57 -1.54
C MET A 80 -7.34 4.93 -0.44
N MET A 81 -6.09 4.60 -0.66
CA MET A 81 -5.04 4.90 0.32
C MET A 81 -5.01 6.40 0.61
N VAL A 82 -5.36 7.18 -0.41
CA VAL A 82 -5.41 8.64 -0.31
C VAL A 82 -6.41 9.12 0.76
N ARG A 83 -7.59 8.47 0.81
CA ARG A 83 -8.64 8.90 1.76
C ARG A 83 -8.04 8.93 3.16
N CYS A 84 -7.28 7.87 3.48
CA CYS A 84 -6.62 7.73 4.76
C CYS A 84 -5.50 8.75 4.94
N MET A 85 -4.82 9.07 3.83
CA MET A 85 -3.70 10.02 3.84
C MET A 85 -4.19 11.42 4.26
N LYS A 86 -5.36 11.79 3.75
CA LYS A 86 -5.93 13.12 3.96
C LYS A 86 -6.24 13.41 5.43
N ASP A 87 -6.87 12.44 6.11
CA ASP A 87 -7.22 12.58 7.51
C ASP A 87 -6.07 12.18 8.44
N ASP A 88 -6.01 12.83 9.59
CA ASP A 88 -4.96 12.60 10.58
C ASP A 88 -5.09 11.19 11.20
N SER A 89 -3.92 10.58 11.48
CA SER A 89 -3.85 9.26 12.11
C SER A 89 -2.66 9.17 13.08
N ARG B 1 1.54 7.86 1.86
CA ARG B 1 1.61 9.21 2.49
C ARG B 1 1.01 9.12 3.90
N ILE B 2 0.24 8.04 4.16
CA ILE B 2 -0.28 7.76 5.50
C ILE B 2 0.86 7.78 6.51
N SER B 3 0.88 8.85 7.33
CA SER B 3 2.03 9.15 8.21
C SER B 3 3.25 9.52 7.36
N ALA B 4 3.62 8.62 6.46
CA ALA B 4 4.71 8.82 5.51
C ALA B 4 4.64 7.77 4.39
N ASP B 5 5.23 8.09 3.24
CA ASP B 5 5.27 7.14 2.13
C ASP B 5 6.38 6.10 2.34
N ALA B 6 6.06 5.10 3.15
CA ALA B 6 6.98 3.99 3.47
C ALA B 6 7.14 3.06 2.28
N MET B 7 6.26 3.21 1.29
CA MET B 7 6.27 2.35 0.11
C MET B 7 7.58 2.50 -0.65
N MET B 8 8.11 3.71 -0.68
CA MET B 8 9.39 3.96 -1.34
C MET B 8 10.53 3.17 -0.68
N GLN B 9 10.54 3.10 0.66
CA GLN B 9 11.57 2.32 1.39
C GLN B 9 11.33 0.80 1.34
N ALA B 10 10.12 0.42 0.95
CA ALA B 10 9.70 -0.99 0.91
C ALA B 10 10.69 -1.89 0.14
N LEU B 11 11.52 -1.26 -0.69
CA LEU B 11 12.49 -1.98 -1.52
C LEU B 11 13.52 -2.76 -0.67
N LEU B 12 13.96 -2.15 0.43
CA LEU B 12 14.94 -2.77 1.33
C LEU B 12 16.25 -3.10 0.60
N GLY B 13 16.80 -2.11 -0.09
CA GLY B 13 18.09 -2.28 -0.80
C GLY B 13 18.03 -3.41 -1.79
N ALA B 14 16.92 -3.48 -2.53
CA ALA B 14 16.67 -4.55 -3.49
C ALA B 14 17.79 -4.66 -4.53
N ARG B 15 18.03 -5.89 -4.97
CA ARG B 15 19.06 -6.22 -5.97
C ARG B 15 20.48 -6.15 -5.39
N ALA B 16 20.58 -6.10 -4.08
CA ALA B 16 21.89 -6.09 -3.42
C ALA B 16 22.63 -7.42 -3.65
N LYS B 17 21.88 -8.53 -3.59
CA LYS B 17 22.44 -9.88 -3.75
C LYS B 17 23.60 -10.13 -2.76
N MET A 1 -19.10 13.00 -4.15
CA MET A 1 -18.15 12.87 -5.29
C MET A 1 -17.11 11.80 -4.99
N ASP A 2 -16.33 12.01 -3.92
CA ASP A 2 -15.23 11.10 -3.58
C ASP A 2 -14.12 11.20 -4.63
N ASP A 3 -14.36 12.02 -5.65
CA ASP A 3 -13.39 12.27 -6.70
C ASP A 3 -12.25 13.14 -6.15
N ILE A 4 -12.45 13.63 -4.92
CA ILE A 4 -11.49 14.50 -4.25
C ILE A 4 -10.15 13.79 -4.08
N TYR A 5 -10.19 12.51 -3.71
CA TYR A 5 -8.96 11.74 -3.55
C TYR A 5 -8.21 11.59 -4.85
N LYS A 6 -8.94 11.32 -5.92
CA LYS A 6 -8.33 11.26 -7.23
C LYS A 6 -7.74 12.61 -7.62
N ALA A 7 -8.46 13.69 -7.28
CA ALA A 7 -7.93 15.04 -7.50
C ALA A 7 -6.63 15.23 -6.72
N ALA A 8 -6.57 14.63 -5.54
CA ALA A 8 -5.37 14.65 -4.71
C ALA A 8 -4.22 13.95 -5.44
N VAL A 9 -4.56 12.91 -6.19
CA VAL A 9 -3.58 12.16 -6.97
C VAL A 9 -2.91 13.08 -7.99
N GLU A 10 -3.71 13.95 -8.61
CA GLU A 10 -3.19 14.93 -9.57
C GLU A 10 -2.18 15.85 -8.87
N GLN A 11 -2.44 16.14 -7.59
CA GLN A 11 -1.56 17.00 -6.81
C GLN A 11 -0.21 16.30 -6.54
N LEU A 12 -0.23 14.97 -6.48
CA LEU A 12 0.99 14.18 -6.28
C LEU A 12 1.90 14.28 -7.52
N THR A 13 3.21 14.34 -7.27
CA THR A 13 4.19 14.49 -8.34
C THR A 13 4.36 13.19 -9.12
N GLU A 14 5.05 13.28 -10.26
CA GLU A 14 5.28 12.11 -11.11
C GLU A 14 6.09 11.08 -10.34
N GLU A 15 7.08 11.55 -9.60
CA GLU A 15 7.96 10.68 -8.81
C GLU A 15 7.17 10.00 -7.69
N GLN A 16 6.28 10.74 -7.04
CA GLN A 16 5.44 10.16 -5.98
C GLN A 16 4.59 9.03 -6.54
N LYS A 17 4.02 9.27 -7.70
CA LYS A 17 3.24 8.26 -8.38
C LYS A 17 4.13 7.07 -8.80
N ASN A 18 5.34 7.38 -9.29
CA ASN A 18 6.28 6.34 -9.73
C ASN A 18 6.77 5.48 -8.55
N GLU A 19 7.09 6.16 -7.43
CA GLU A 19 7.52 5.49 -6.20
C GLU A 19 6.38 4.71 -5.60
N PHE A 20 5.18 5.08 -6.01
CA PHE A 20 3.94 4.53 -5.47
C PHE A 20 3.91 3.02 -5.68
N LYS A 21 4.23 2.59 -6.91
CA LYS A 21 4.22 1.17 -7.28
C LYS A 21 5.45 0.41 -6.77
N ALA A 22 6.47 1.14 -6.35
CA ALA A 22 7.78 0.55 -6.02
C ALA A 22 7.69 -0.76 -5.22
N ALA A 23 7.04 -0.71 -4.06
CA ALA A 23 6.93 -1.89 -3.21
C ALA A 23 5.76 -2.77 -3.60
N PHE A 24 4.88 -2.27 -4.45
CA PHE A 24 3.70 -3.04 -4.89
C PHE A 24 4.15 -4.32 -5.60
N ASP A 25 5.19 -4.19 -6.40
CA ASP A 25 5.71 -5.28 -7.21
C ASP A 25 6.20 -6.44 -6.32
N ILE A 26 6.77 -6.13 -5.16
CA ILE A 26 7.31 -7.17 -4.28
C ILE A 26 6.22 -8.19 -3.90
N PHE A 27 4.99 -7.71 -3.72
CA PHE A 27 3.88 -8.57 -3.28
C PHE A 27 3.47 -9.59 -4.33
N VAL A 28 3.46 -9.15 -5.59
CA VAL A 28 2.92 -9.97 -6.69
C VAL A 28 3.93 -10.97 -7.26
N LEU A 29 5.14 -11.00 -6.69
CA LEU A 29 6.16 -11.92 -7.17
C LEU A 29 5.72 -13.38 -7.02
N GLY A 30 5.09 -13.69 -5.87
CA GLY A 30 4.62 -15.05 -5.60
C GLY A 30 3.12 -15.09 -5.31
N ALA A 31 2.41 -14.01 -5.65
CA ALA A 31 0.97 -13.95 -5.41
C ALA A 31 0.23 -14.95 -6.28
N GLU A 32 -0.64 -15.74 -5.66
CA GLU A 32 -1.41 -16.76 -6.37
C GLU A 32 -2.41 -16.12 -7.34
N ASP A 33 -3.15 -15.13 -6.85
CA ASP A 33 -4.13 -14.41 -7.68
C ASP A 33 -3.57 -13.10 -8.23
N GLY A 34 -2.80 -12.40 -7.40
CA GLY A 34 -2.27 -11.07 -7.74
C GLY A 34 -2.60 -10.06 -6.63
N CYS A 35 -2.30 -8.78 -6.87
CA CYS A 35 -2.56 -7.72 -5.87
C CYS A 35 -1.84 -8.04 -4.55
N ILE A 36 -2.28 -7.40 -3.45
CA ILE A 36 -1.75 -7.73 -2.13
C ILE A 36 -2.80 -8.49 -1.33
N SER A 37 -2.42 -9.64 -0.82
CA SER A 37 -3.30 -10.45 0.02
C SER A 37 -2.86 -10.33 1.46
N THR A 38 -3.77 -10.49 2.40
CA THR A 38 -3.44 -10.32 3.81
C THR A 38 -2.28 -11.24 4.21
N LYS A 39 -2.32 -12.49 3.73
CA LYS A 39 -1.20 -13.40 3.95
C LYS A 39 0.07 -12.89 3.25
N GLU A 40 -0.10 -12.40 2.02
CA GLU A 40 1.01 -11.83 1.25
C GLU A 40 1.53 -10.55 1.94
N LEU A 41 0.59 -9.81 2.57
CA LEU A 41 0.89 -8.57 3.30
C LEU A 41 2.09 -8.77 4.23
N GLY A 42 2.34 -10.02 4.63
CA GLY A 42 3.45 -10.35 5.52
C GLY A 42 4.73 -9.60 5.11
N LYS A 43 4.86 -9.34 3.80
CA LYS A 43 6.00 -8.62 3.23
C LYS A 43 6.09 -7.19 3.78
N VAL A 44 4.93 -6.55 3.94
CA VAL A 44 4.89 -5.23 4.54
C VAL A 44 5.41 -5.29 5.97
N MET A 45 4.93 -6.29 6.70
CA MET A 45 5.36 -6.50 8.08
C MET A 45 6.83 -6.87 8.14
N ARG A 46 7.27 -7.63 7.13
CA ARG A 46 8.67 -7.97 6.99
C ARG A 46 9.51 -6.69 6.83
N MET A 47 9.01 -5.74 6.04
CA MET A 47 9.66 -4.43 5.90
C MET A 47 9.72 -3.72 7.25
N LEU A 48 8.62 -3.78 7.98
CA LEU A 48 8.51 -3.17 9.30
C LEU A 48 9.44 -3.86 10.30
N GLY A 49 9.59 -5.18 10.15
CA GLY A 49 10.29 -6.00 11.13
C GLY A 49 9.30 -6.67 12.08
N GLN A 50 8.03 -6.66 11.67
CA GLN A 50 6.95 -7.26 12.44
C GLN A 50 6.56 -8.62 11.82
N ASN A 51 6.06 -9.55 12.65
CA ASN A 51 5.67 -10.88 12.14
C ASN A 51 4.36 -11.40 12.77
N PRO A 52 3.28 -10.67 12.62
CA PRO A 52 1.91 -11.09 13.10
C PRO A 52 1.34 -12.20 12.22
N THR A 53 0.46 -13.03 12.79
CA THR A 53 -0.21 -14.08 12.00
C THR A 53 -0.87 -13.48 10.76
N PRO A 54 -0.70 -14.09 9.61
CA PRO A 54 -1.22 -13.53 8.32
C PRO A 54 -2.75 -13.38 8.29
N GLU A 55 -3.45 -14.18 9.09
CA GLU A 55 -4.90 -14.03 9.23
C GLU A 55 -5.22 -12.70 9.94
N GLU A 56 -4.39 -12.36 10.93
CA GLU A 56 -4.49 -11.09 11.67
C GLU A 56 -4.13 -9.91 10.76
N LEU A 57 -3.11 -10.12 9.93
CA LEU A 57 -2.63 -9.12 8.95
C LEU A 57 -3.80 -8.40 8.27
N GLN A 58 -4.89 -9.13 8.05
CA GLN A 58 -6.07 -8.61 7.35
C GLN A 58 -6.56 -7.29 7.95
N GLU A 59 -6.33 -7.11 9.24
CA GLU A 59 -6.75 -5.89 9.91
C GLU A 59 -6.15 -4.65 9.25
N MET A 60 -4.89 -4.77 8.82
CA MET A 60 -4.24 -3.66 8.13
C MET A 60 -4.96 -3.33 6.81
N ILE A 61 -5.31 -4.39 6.05
CA ILE A 61 -6.14 -4.21 4.84
C ILE A 61 -7.54 -3.70 5.20
N ASP A 62 -8.13 -4.29 6.24
CA ASP A 62 -9.47 -3.92 6.69
C ASP A 62 -9.53 -2.46 7.13
N GLU A 63 -8.47 -2.02 7.80
CA GLU A 63 -8.37 -0.63 8.28
C GLU A 63 -8.39 0.36 7.12
N VAL A 64 -7.68 0.03 6.05
CA VAL A 64 -7.52 0.93 4.92
C VAL A 64 -8.44 0.60 3.72
N ASP A 65 -8.67 -0.70 3.48
CA ASP A 65 -9.48 -1.14 2.32
C ASP A 65 -10.97 -0.85 2.56
N GLU A 66 -11.30 0.43 2.58
CA GLU A 66 -12.66 0.89 2.80
C GLU A 66 -13.58 0.50 1.63
N ASP A 67 -13.00 0.38 0.43
CA ASP A 67 -13.78 0.05 -0.79
C ASP A 67 -14.66 -1.20 -0.59
N GLY A 68 -14.29 -2.04 0.39
CA GLY A 68 -15.11 -3.21 0.75
C GLY A 68 -14.78 -4.45 -0.07
N SER A 69 -13.64 -4.46 -0.75
CA SER A 69 -13.23 -5.63 -1.53
C SER A 69 -12.55 -6.67 -0.63
N GLY A 70 -12.11 -6.24 0.55
CA GLY A 70 -11.44 -7.12 1.53
C GLY A 70 -10.02 -7.46 1.11
N THR A 71 -9.65 -7.00 -0.10
CA THR A 71 -8.29 -7.16 -0.61
C THR A 71 -7.84 -5.84 -1.22
N VAL A 72 -6.54 -5.69 -1.40
CA VAL A 72 -5.98 -4.42 -1.83
C VAL A 72 -5.32 -4.53 -3.22
N ASP A 73 -6.02 -3.99 -4.22
CA ASP A 73 -5.54 -3.94 -5.59
C ASP A 73 -4.75 -2.66 -5.85
N PHE A 74 -4.03 -2.63 -6.97
CA PHE A 74 -3.26 -1.46 -7.34
C PHE A 74 -4.16 -0.22 -7.53
N ASP A 75 -5.28 -0.41 -8.22
CA ASP A 75 -6.25 0.67 -8.45
C ASP A 75 -6.82 1.21 -7.13
N GLU A 76 -7.16 0.28 -6.23
CA GLU A 76 -7.63 0.66 -4.89
C GLU A 76 -6.51 1.31 -4.10
N PHE A 77 -5.33 0.74 -4.26
CA PHE A 77 -4.12 1.20 -3.61
C PHE A 77 -3.82 2.67 -3.94
N LEU A 78 -4.00 3.03 -5.21
CA LEU A 78 -3.70 4.40 -5.66
C LEU A 78 -4.55 5.46 -4.89
N VAL A 79 -5.87 5.24 -4.79
CA VAL A 79 -6.77 6.20 -4.12
C VAL A 79 -7.04 5.90 -2.65
N MET A 80 -7.05 4.62 -2.29
CA MET A 80 -7.36 4.21 -0.93
C MET A 80 -6.35 4.77 0.07
N MET A 81 -5.09 4.71 -0.31
CA MET A 81 -3.99 5.28 0.47
C MET A 81 -4.13 6.80 0.58
N VAL A 82 -4.62 7.41 -0.50
CA VAL A 82 -4.72 8.87 -0.62
C VAL A 82 -5.65 9.52 0.42
N ARG A 83 -6.59 8.77 0.99
CA ARG A 83 -7.54 9.37 1.93
C ARG A 83 -6.81 9.94 3.15
N CYS A 84 -5.85 9.18 3.63
CA CYS A 84 -5.01 9.58 4.76
C CYS A 84 -4.14 10.79 4.41
N MET A 85 -3.68 10.83 3.16
CA MET A 85 -2.74 11.85 2.67
C MET A 85 -3.31 13.28 2.76
N LYS A 86 -4.60 13.41 2.44
CA LYS A 86 -5.23 14.73 2.26
C LYS A 86 -5.15 15.66 3.49
N ASP A 87 -4.58 15.16 4.59
CA ASP A 87 -4.45 15.91 5.87
C ASP A 87 -4.61 17.44 5.69
N ASP A 88 -5.62 18.01 6.39
CA ASP A 88 -5.93 19.45 6.37
C ASP A 88 -5.55 20.15 5.04
N SER A 89 -5.29 21.46 5.12
CA SER A 89 -4.97 22.26 3.93
C SER A 89 -4.32 23.60 4.30
N ARG B 1 2.59 8.75 2.12
CA ARG B 1 1.34 7.96 1.88
C ARG B 1 0.57 7.86 3.20
N ILE B 2 -0.05 6.69 3.49
CA ILE B 2 -0.76 6.51 4.76
C ILE B 2 0.17 6.74 5.94
N SER B 3 -0.08 7.81 6.71
CA SER B 3 0.77 8.21 7.84
C SER B 3 2.20 8.54 7.41
N ALA B 4 2.84 7.61 6.69
CA ALA B 4 4.21 7.77 6.24
C ALA B 4 4.38 7.27 4.79
N ASP B 5 5.36 7.84 4.10
CA ASP B 5 5.70 7.43 2.74
C ASP B 5 6.73 6.27 2.76
N ALA B 6 6.85 5.63 3.93
CA ALA B 6 7.84 4.56 4.15
C ALA B 6 7.73 3.42 3.12
N MET B 7 6.58 3.28 2.46
CA MET B 7 6.43 2.22 1.46
C MET B 7 7.48 2.35 0.34
N MET B 8 7.94 3.58 0.09
CA MET B 8 8.96 3.82 -0.92
C MET B 8 10.28 3.10 -0.56
N GLN B 9 10.64 3.15 0.72
CA GLN B 9 11.86 2.51 1.21
C GLN B 9 11.66 1.00 1.45
N ALA B 10 10.40 0.55 1.41
CA ALA B 10 10.03 -0.85 1.68
C ALA B 10 10.91 -1.85 0.91
N LEU B 11 11.61 -1.37 -0.10
CA LEU B 11 12.43 -2.22 -0.94
C LEU B 11 13.58 -2.84 -0.11
N LEU B 12 14.16 -2.02 0.78
CA LEU B 12 15.24 -2.43 1.69
C LEU B 12 16.52 -2.88 0.95
N GLY B 13 16.38 -3.85 0.03
CA GLY B 13 17.53 -4.38 -0.71
C GLY B 13 18.27 -5.45 0.10
N ALA B 14 17.52 -6.19 0.94
CA ALA B 14 18.11 -7.24 1.78
C ALA B 14 18.61 -8.41 0.94
N ARG B 15 19.93 -8.49 0.77
CA ARG B 15 20.59 -9.55 0.01
C ARG B 15 20.20 -9.51 -1.49
N ALA B 16 21.20 -9.67 -2.36
CA ALA B 16 20.99 -9.68 -3.81
C ALA B 16 20.53 -8.31 -4.35
N LYS B 17 19.25 -8.19 -4.67
CA LYS B 17 18.66 -6.95 -5.21
C LYS B 17 17.20 -6.78 -4.79
N MET A 1 -19.15 10.66 -9.95
CA MET A 1 -17.85 9.97 -9.71
C MET A 1 -16.99 10.81 -8.77
N ASP A 2 -16.42 10.15 -7.75
CA ASP A 2 -15.59 10.82 -6.76
C ASP A 2 -14.21 11.14 -7.35
N ASP A 3 -14.08 12.36 -7.86
CA ASP A 3 -12.84 12.81 -8.48
C ASP A 3 -11.87 13.40 -7.44
N ILE A 4 -12.35 13.54 -6.21
CA ILE A 4 -11.54 14.09 -5.13
C ILE A 4 -10.37 13.19 -4.78
N TYR A 5 -10.62 11.88 -4.73
CA TYR A 5 -9.57 10.91 -4.42
C TYR A 5 -8.47 11.01 -5.48
N LYS A 6 -8.92 11.06 -6.74
CA LYS A 6 -8.03 11.17 -7.90
C LYS A 6 -7.26 12.49 -7.90
N ALA A 7 -7.96 13.58 -7.58
CA ALA A 7 -7.33 14.91 -7.59
C ALA A 7 -6.20 15.01 -6.55
N ALA A 8 -6.39 14.38 -5.39
CA ALA A 8 -5.37 14.37 -4.34
C ALA A 8 -4.10 13.69 -4.85
N VAL A 9 -4.29 12.63 -5.63
CA VAL A 9 -3.19 11.91 -6.25
C VAL A 9 -2.44 12.81 -7.23
N GLU A 10 -3.19 13.60 -8.00
CA GLU A 10 -2.60 14.56 -8.94
C GLU A 10 -1.79 15.61 -8.19
N GLN A 11 -2.27 15.99 -7.00
CA GLN A 11 -1.57 16.98 -6.16
C GLN A 11 -0.24 16.42 -5.66
N LEU A 12 -0.20 15.10 -5.47
CA LEU A 12 1.03 14.42 -5.04
C LEU A 12 2.11 14.54 -6.11
N THR A 13 3.37 14.68 -5.67
CA THR A 13 4.49 14.87 -6.59
C THR A 13 4.65 13.68 -7.54
N GLU A 14 5.08 13.97 -8.76
CA GLU A 14 5.23 12.95 -9.80
C GLU A 14 6.14 11.79 -9.33
N GLU A 15 7.20 12.13 -8.62
CA GLU A 15 8.10 11.11 -8.06
C GLU A 15 7.42 10.31 -6.96
N GLN A 16 6.62 10.98 -6.12
CA GLN A 16 5.86 10.31 -5.07
C GLN A 16 4.91 9.30 -5.69
N LYS A 17 4.27 9.70 -6.77
CA LYS A 17 3.36 8.84 -7.50
C LYS A 17 4.11 7.64 -8.08
N ASN A 18 5.31 7.91 -8.63
CA ASN A 18 6.16 6.85 -9.16
C ASN A 18 6.66 5.93 -8.05
N GLU A 19 7.09 6.54 -6.94
CA GLU A 19 7.52 5.81 -5.74
C GLU A 19 6.33 5.09 -5.11
N PHE A 20 5.14 5.60 -5.39
CA PHE A 20 3.90 5.03 -4.88
C PHE A 20 3.84 3.57 -5.31
N LYS A 21 4.15 3.34 -6.59
CA LYS A 21 4.24 2.00 -7.16
C LYS A 21 5.32 1.16 -6.48
N ALA A 22 6.48 1.77 -6.25
CA ALA A 22 7.68 1.03 -5.81
C ALA A 22 7.37 0.03 -4.71
N ALA A 23 6.86 0.52 -3.60
CA ALA A 23 6.51 -0.35 -2.49
C ALA A 23 5.38 -1.28 -2.86
N PHE A 24 4.41 -0.78 -3.63
CA PHE A 24 3.31 -1.62 -4.07
C PHE A 24 3.85 -2.76 -4.91
N ASP A 25 4.82 -2.43 -5.77
CA ASP A 25 5.44 -3.38 -6.67
C ASP A 25 6.11 -4.53 -5.92
N ILE A 26 6.61 -4.27 -4.70
CA ILE A 26 7.28 -5.32 -3.94
C ILE A 26 6.32 -6.48 -3.65
N PHE A 27 5.06 -6.14 -3.40
CA PHE A 27 4.05 -7.13 -3.06
C PHE A 27 3.74 -8.04 -4.25
N VAL A 28 3.66 -7.44 -5.44
CA VAL A 28 3.29 -8.19 -6.63
C VAL A 28 4.49 -8.86 -7.30
N LEU A 29 5.56 -8.10 -7.55
CA LEU A 29 6.75 -8.61 -8.24
C LEU A 29 6.39 -9.63 -9.34
N GLY A 30 5.39 -9.29 -10.16
CA GLY A 30 4.95 -10.15 -11.27
C GLY A 30 3.87 -11.16 -10.85
N ALA A 31 3.34 -10.97 -9.64
CA ALA A 31 2.29 -11.85 -9.13
C ALA A 31 0.98 -11.69 -9.90
N GLU A 32 0.26 -12.80 -10.04
CA GLU A 32 -1.05 -12.80 -10.71
C GLU A 32 -2.08 -11.99 -9.92
N ASP A 33 -1.93 -11.99 -8.60
CA ASP A 33 -2.86 -11.28 -7.72
C ASP A 33 -2.90 -9.79 -8.04
N GLY A 34 -1.71 -9.22 -8.30
CA GLY A 34 -1.60 -7.80 -8.65
C GLY A 34 -2.12 -6.92 -7.53
N CYS A 35 -2.08 -7.46 -6.32
CA CYS A 35 -2.59 -6.79 -5.12
C CYS A 35 -1.83 -7.27 -3.89
N ILE A 36 -2.03 -6.59 -2.76
CA ILE A 36 -1.44 -7.03 -1.51
C ILE A 36 -2.45 -7.96 -0.85
N SER A 37 -2.13 -9.25 -0.80
CA SER A 37 -3.09 -10.25 -0.33
C SER A 37 -2.75 -10.72 1.07
N THR A 38 -2.17 -9.82 1.84
CA THR A 38 -1.73 -10.07 3.21
C THR A 38 -0.58 -11.06 3.29
N LYS A 39 -0.55 -12.01 2.37
CA LYS A 39 0.54 -12.98 2.25
C LYS A 39 1.85 -12.25 1.98
N GLU A 40 1.81 -11.33 1.02
CA GLU A 40 2.96 -10.49 0.66
C GLU A 40 3.02 -9.25 1.54
N LEU A 41 1.95 -8.98 2.26
CA LEU A 41 1.88 -7.81 3.11
C LEU A 41 2.96 -7.86 4.18
N GLY A 42 3.25 -9.07 4.68
CA GLY A 42 4.26 -9.28 5.73
C GLY A 42 5.54 -8.47 5.48
N LYS A 43 5.74 -8.02 4.24
CA LYS A 43 6.89 -7.17 3.93
C LYS A 43 6.75 -5.86 4.71
N VAL A 44 5.51 -5.41 4.87
CA VAL A 44 5.21 -4.17 5.59
C VAL A 44 5.68 -4.24 7.05
N MET A 45 5.38 -5.35 7.72
CA MET A 45 5.80 -5.51 9.12
C MET A 45 7.32 -5.61 9.25
N ARG A 46 7.98 -6.29 8.30
CA ARG A 46 9.46 -6.33 8.29
C ARG A 46 10.01 -4.92 8.11
N MET A 47 9.32 -4.13 7.28
CA MET A 47 9.67 -2.75 7.04
C MET A 47 9.59 -1.97 8.36
N LEU A 48 8.61 -2.32 9.18
CA LEU A 48 8.42 -1.70 10.49
C LEU A 48 9.29 -2.39 11.56
N GLY A 49 9.97 -3.47 11.16
CA GLY A 49 10.91 -4.20 12.05
C GLY A 49 10.23 -5.30 12.86
N GLN A 50 9.09 -5.81 12.38
CA GLN A 50 8.38 -6.89 13.05
C GLN A 50 8.01 -8.03 12.08
N ASN A 51 7.95 -9.26 12.62
CA ASN A 51 7.64 -10.46 11.82
C ASN A 51 6.48 -11.27 12.42
N PRO A 52 5.35 -10.63 12.65
CA PRO A 52 4.14 -11.30 13.23
C PRO A 52 3.44 -12.22 12.24
N THR A 53 2.72 -13.20 12.77
CA THR A 53 1.96 -14.16 11.96
C THR A 53 1.21 -13.45 10.81
N PRO A 54 1.14 -14.09 9.66
CA PRO A 54 0.43 -13.52 8.46
C PRO A 54 -1.03 -13.18 8.77
N GLU A 55 -1.66 -14.02 9.58
CA GLU A 55 -3.05 -13.83 9.98
C GLU A 55 -3.21 -12.56 10.82
N GLU A 56 -2.24 -12.32 11.71
CA GLU A 56 -2.19 -11.06 12.47
C GLU A 56 -1.94 -9.88 11.53
N LEU A 57 -1.24 -10.17 10.44
CA LEU A 57 -0.90 -9.18 9.41
C LEU A 57 -2.17 -8.63 8.76
N GLN A 58 -3.17 -9.48 8.63
CA GLN A 58 -4.43 -9.16 7.95
C GLN A 58 -5.17 -7.97 8.60
N GLU A 59 -4.98 -7.74 9.89
CA GLU A 59 -5.69 -6.66 10.57
C GLU A 59 -5.41 -5.30 9.94
N MET A 60 -4.18 -5.10 9.47
CA MET A 60 -3.84 -3.85 8.80
C MET A 60 -4.68 -3.67 7.54
N ILE A 61 -4.89 -4.75 6.79
CA ILE A 61 -5.77 -4.70 5.61
C ILE A 61 -7.20 -4.38 6.03
N ASP A 62 -7.66 -5.02 7.09
CA ASP A 62 -8.99 -4.75 7.62
C ASP A 62 -9.09 -3.29 8.08
N GLU A 63 -8.02 -2.82 8.71
CA GLU A 63 -7.92 -1.42 9.12
C GLU A 63 -7.94 -0.50 7.89
N VAL A 64 -7.07 -0.81 6.92
CA VAL A 64 -6.91 -0.03 5.69
C VAL A 64 -8.14 -0.13 4.75
N ASP A 65 -8.65 -1.35 4.58
CA ASP A 65 -9.71 -1.61 3.58
C ASP A 65 -11.10 -1.30 4.13
N GLU A 66 -11.49 -0.03 4.00
CA GLU A 66 -12.83 0.44 4.41
C GLU A 66 -13.92 -0.12 3.51
N ASP A 67 -13.63 -0.24 2.22
CA ASP A 67 -14.61 -0.66 1.22
C ASP A 67 -15.14 -2.08 1.47
N GLY A 68 -14.40 -2.84 2.27
CA GLY A 68 -14.82 -4.20 2.65
C GLY A 68 -14.58 -5.22 1.54
N SER A 69 -13.61 -4.93 0.67
CA SER A 69 -13.26 -5.85 -0.41
C SER A 69 -12.36 -6.97 0.12
N GLY A 70 -11.82 -6.75 1.33
CA GLY A 70 -10.92 -7.72 1.97
C GLY A 70 -9.59 -7.78 1.22
N THR A 71 -9.44 -6.88 0.26
CA THR A 71 -8.25 -6.81 -0.57
C THR A 71 -7.81 -5.35 -0.74
N VAL A 72 -6.54 -5.17 -1.07
CA VAL A 72 -5.99 -3.83 -1.27
C VAL A 72 -5.27 -3.75 -2.62
N ASP A 73 -6.06 -3.51 -3.66
CA ASP A 73 -5.55 -3.46 -5.03
C ASP A 73 -4.74 -2.16 -5.25
N PHE A 74 -4.01 -2.09 -6.37
CA PHE A 74 -3.25 -0.88 -6.68
C PHE A 74 -4.18 0.31 -6.78
N ASP A 75 -5.31 0.12 -7.46
CA ASP A 75 -6.31 1.18 -7.59
C ASP A 75 -6.87 1.59 -6.21
N GLU A 76 -7.18 0.60 -5.35
CA GLU A 76 -7.63 0.93 -3.98
C GLU A 76 -6.48 1.53 -3.18
N PHE A 77 -5.31 0.94 -3.33
CA PHE A 77 -4.13 1.42 -2.63
C PHE A 77 -3.84 2.88 -3.00
N LEU A 78 -3.87 3.19 -4.28
CA LEU A 78 -3.68 4.55 -4.75
C LEU A 78 -4.83 5.47 -4.29
N VAL A 79 -6.05 4.99 -4.51
CA VAL A 79 -7.26 5.83 -4.38
C VAL A 79 -7.90 5.78 -2.98
N MET A 80 -8.08 4.56 -2.46
CA MET A 80 -8.79 4.34 -1.19
C MET A 80 -8.05 5.03 -0.03
N MET A 81 -6.74 4.94 -0.07
CA MET A 81 -5.87 5.48 0.98
C MET A 81 -5.94 7.01 1.08
N VAL A 82 -6.44 7.64 0.01
CA VAL A 82 -6.51 9.10 -0.07
C VAL A 82 -7.41 9.72 1.02
N ARG A 83 -8.39 8.96 1.52
CA ARG A 83 -9.35 9.51 2.47
C ARG A 83 -8.68 9.96 3.78
N CYS A 84 -7.72 9.18 4.24
CA CYS A 84 -7.03 9.45 5.51
C CYS A 84 -6.13 10.70 5.44
N MET A 85 -5.58 10.96 4.26
CA MET A 85 -4.67 12.07 4.00
C MET A 85 -5.36 13.43 4.27
N LYS A 86 -6.66 13.48 3.98
CA LYS A 86 -7.45 14.71 4.10
C LYS A 86 -7.23 15.44 5.44
N ASP A 87 -6.82 14.71 6.48
CA ASP A 87 -6.63 15.30 7.81
C ASP A 87 -5.67 16.49 7.77
N ASP A 88 -4.51 16.29 7.14
CA ASP A 88 -3.53 17.37 6.97
C ASP A 88 -2.86 17.26 5.60
N SER A 89 -2.22 16.11 5.36
CA SER A 89 -1.56 15.82 4.08
C SER A 89 -0.98 14.40 4.09
N ARG B 1 1.00 8.27 2.81
CA ARG B 1 0.19 7.04 2.53
C ARG B 1 -0.54 6.65 3.82
N ILE B 2 -1.86 6.86 3.81
CA ILE B 2 -2.71 6.82 5.01
C ILE B 2 -2.42 8.07 5.85
N SER B 3 -1.16 8.22 6.25
CA SER B 3 -0.68 9.39 6.96
C SER B 3 0.84 9.50 6.84
N ALA B 4 1.50 8.36 6.60
CA ALA B 4 2.96 8.31 6.49
C ALA B 4 3.41 7.52 5.25
N ASP B 5 4.54 7.91 4.67
CA ASP B 5 5.06 7.27 3.46
C ASP B 5 6.15 6.24 3.78
N ALA B 6 5.89 5.41 4.78
CA ALA B 6 6.81 4.34 5.20
C ALA B 6 7.07 3.34 4.06
N MET B 7 6.25 3.43 3.01
CA MET B 7 6.29 2.49 1.88
C MET B 7 7.68 2.45 1.20
N MET B 8 8.38 3.58 1.18
CA MET B 8 9.74 3.61 0.59
C MET B 8 10.66 2.61 1.32
N GLN B 9 10.50 2.50 2.63
CA GLN B 9 11.26 1.57 3.46
C GLN B 9 10.97 0.10 3.08
N ALA B 10 9.82 -0.13 2.43
CA ALA B 10 9.33 -1.49 2.13
C ALA B 10 10.38 -2.33 1.37
N LEU B 11 11.27 -1.67 0.64
CA LEU B 11 12.32 -2.37 -0.09
C LEU B 11 13.24 -3.13 0.88
N LEU B 12 13.56 -2.48 2.02
CA LEU B 12 14.40 -3.07 3.10
C LEU B 12 15.35 -4.17 2.61
N GLY B 13 14.84 -5.41 2.56
CA GLY B 13 15.65 -6.55 2.14
C GLY B 13 14.83 -7.56 1.36
N ALA B 14 15.11 -7.67 0.06
CA ALA B 14 14.47 -8.67 -0.79
C ALA B 14 15.31 -9.95 -0.83
N ARG B 15 14.84 -10.99 -0.13
CA ARG B 15 15.58 -12.24 -0.01
C ARG B 15 15.76 -12.90 -1.39
N ALA B 16 17.01 -13.28 -1.70
CA ALA B 16 17.35 -13.98 -2.94
C ALA B 16 17.98 -15.34 -2.64
N LYS B 17 19.08 -15.32 -1.90
CA LYS B 17 19.76 -16.55 -1.48
C LYS B 17 19.20 -17.08 -0.15
N MET A 1 -17.30 12.60 -8.70
CA MET A 1 -17.43 11.79 -7.45
C MET A 1 -16.04 11.42 -6.91
N ASP A 2 -15.70 10.12 -6.99
CA ASP A 2 -14.43 9.60 -6.47
C ASP A 2 -13.22 10.06 -7.29
N ASP A 3 -13.49 10.55 -8.50
CA ASP A 3 -12.44 10.93 -9.42
C ASP A 3 -11.64 12.12 -8.88
N ILE A 4 -12.13 12.73 -7.79
CA ILE A 4 -11.43 13.84 -7.16
C ILE A 4 -10.14 13.34 -6.49
N TYR A 5 -10.25 12.19 -5.81
CA TYR A 5 -9.10 11.54 -5.20
C TYR A 5 -8.14 11.06 -6.27
N LYS A 6 -8.71 10.53 -7.35
CA LYS A 6 -7.91 10.07 -8.49
C LYS A 6 -7.13 11.22 -9.09
N ALA A 7 -7.80 12.36 -9.24
CA ALA A 7 -7.16 13.58 -9.73
C ALA A 7 -6.09 14.07 -8.75
N ALA A 8 -6.38 13.97 -7.45
CA ALA A 8 -5.47 14.44 -6.40
C ALA A 8 -4.13 13.71 -6.46
N VAL A 9 -4.15 12.51 -7.01
CA VAL A 9 -2.97 11.67 -7.15
C VAL A 9 -1.93 12.35 -8.02
N GLU A 10 -2.39 12.96 -9.10
CA GLU A 10 -1.51 13.60 -10.07
C GLU A 10 -0.61 14.65 -9.41
N GLN A 11 -0.98 15.10 -8.20
CA GLN A 11 -0.15 16.03 -7.44
C GLN A 11 1.15 15.38 -6.99
N LEU A 12 1.13 14.07 -6.83
CA LEU A 12 2.32 13.34 -6.45
C LEU A 12 3.35 13.43 -7.59
N THR A 13 4.63 13.48 -7.25
CA THR A 13 5.67 13.57 -8.28
C THR A 13 5.71 12.28 -9.08
N GLU A 14 6.00 12.38 -10.36
CA GLU A 14 6.02 11.22 -11.22
C GLU A 14 7.02 10.19 -10.69
N GLU A 15 8.10 10.70 -10.10
CA GLU A 15 9.09 9.84 -9.45
C GLU A 15 8.46 9.15 -8.23
N GLN A 16 7.68 9.90 -7.46
CA GLN A 16 6.92 9.35 -6.33
C GLN A 16 5.94 8.30 -6.81
N LYS A 17 5.23 8.64 -7.88
CA LYS A 17 4.28 7.74 -8.52
C LYS A 17 5.01 6.52 -9.09
N ASN A 18 6.19 6.75 -9.69
CA ASN A 18 6.99 5.69 -10.28
C ASN A 18 7.49 4.71 -9.21
N GLU A 19 7.98 5.27 -8.11
CA GLU A 19 8.48 4.49 -6.98
C GLU A 19 7.32 3.82 -6.25
N PHE A 20 6.12 4.33 -6.50
CA PHE A 20 4.89 3.87 -5.83
C PHE A 20 4.73 2.37 -6.06
N LYS A 21 4.86 1.97 -7.32
CA LYS A 21 4.79 0.57 -7.73
C LYS A 21 5.97 -0.27 -7.19
N ALA A 22 7.15 0.36 -7.07
CA ALA A 22 8.39 -0.37 -6.69
C ALA A 22 8.14 -1.36 -5.53
N ALA A 23 7.67 -0.84 -4.39
CA ALA A 23 7.36 -1.70 -3.24
C ALA A 23 6.22 -2.65 -3.54
N PHE A 24 5.26 -2.18 -4.33
CA PHE A 24 4.10 -2.98 -4.69
C PHE A 24 4.52 -4.34 -5.25
N ASP A 25 5.74 -4.39 -5.80
CA ASP A 25 6.31 -5.63 -6.32
C ASP A 25 6.48 -6.68 -5.22
N ILE A 26 6.84 -6.22 -4.01
CA ILE A 26 7.08 -7.14 -2.89
C ILE A 26 5.79 -7.88 -2.49
N PHE A 27 4.68 -7.15 -2.45
CA PHE A 27 3.40 -7.72 -2.07
C PHE A 27 2.84 -8.66 -3.14
N VAL A 28 3.09 -8.31 -4.40
CA VAL A 28 2.54 -9.07 -5.53
C VAL A 28 3.53 -10.09 -6.09
N LEU A 29 4.49 -10.53 -5.28
CA LEU A 29 5.43 -11.56 -5.72
C LEU A 29 4.69 -12.86 -6.03
N GLY A 30 3.72 -13.18 -5.17
CA GLY A 30 2.88 -14.39 -5.33
C GLY A 30 1.53 -14.07 -5.98
N ALA A 31 1.24 -12.77 -6.19
CA ALA A 31 -0.04 -12.34 -6.77
C ALA A 31 0.15 -11.68 -8.14
N GLU A 32 -0.30 -12.34 -9.19
CA GLU A 32 -0.18 -11.86 -10.56
C GLU A 32 -1.10 -10.66 -10.81
N ASP A 33 -2.30 -10.71 -10.22
CA ASP A 33 -3.36 -9.73 -10.50
C ASP A 33 -2.96 -8.29 -10.13
N GLY A 34 -2.33 -8.13 -8.97
CA GLY A 34 -1.91 -6.80 -8.53
C GLY A 34 -2.77 -6.30 -7.35
N CYS A 35 -2.84 -7.12 -6.30
CA CYS A 35 -3.57 -6.76 -5.08
C CYS A 35 -2.87 -7.35 -3.86
N ILE A 36 -3.11 -6.76 -2.68
CA ILE A 36 -2.51 -7.29 -1.46
C ILE A 36 -3.60 -8.09 -0.69
N SER A 37 -3.39 -9.38 -0.53
CA SER A 37 -4.42 -10.28 0.03
C SER A 37 -4.11 -10.70 1.46
N THR A 38 -3.52 -9.77 2.21
CA THR A 38 -3.19 -9.97 3.63
C THR A 38 -2.20 -11.11 3.89
N LYS A 39 -2.35 -12.21 3.17
CA LYS A 39 -1.44 -13.33 3.30
C LYS A 39 -0.04 -12.91 2.86
N GLU A 40 0.02 -12.15 1.76
CA GLU A 40 1.28 -11.62 1.25
C GLU A 40 1.65 -10.32 1.96
N LEU A 41 0.69 -9.76 2.69
CA LEU A 41 0.87 -8.50 3.40
C LEU A 41 1.95 -8.64 4.48
N GLY A 42 1.98 -9.80 5.16
CA GLY A 42 2.94 -10.03 6.26
C GLY A 42 4.34 -9.51 5.95
N LYS A 43 4.63 -9.35 4.66
CA LYS A 43 5.89 -8.73 4.23
C LYS A 43 5.95 -7.26 4.68
N VAL A 44 4.78 -6.60 4.73
CA VAL A 44 4.66 -5.20 5.14
C VAL A 44 5.20 -5.01 6.57
N MET A 45 4.83 -5.94 7.44
CA MET A 45 5.31 -5.96 8.81
C MET A 45 6.81 -6.21 8.90
N ARG A 46 7.33 -7.05 8.01
CA ARG A 46 8.76 -7.36 7.97
C ARG A 46 9.57 -6.07 7.75
N MET A 47 9.09 -5.22 6.85
CA MET A 47 9.77 -3.96 6.52
C MET A 47 9.84 -3.10 7.78
N LEU A 48 8.71 -3.03 8.49
CA LEU A 48 8.59 -2.25 9.71
C LEU A 48 9.50 -2.82 10.81
N GLY A 49 9.56 -4.16 10.88
CA GLY A 49 10.34 -4.84 11.90
C GLY A 49 9.45 -5.75 12.75
N GLN A 50 8.19 -5.87 12.34
CA GLN A 50 7.21 -6.70 13.05
C GLN A 50 7.11 -8.08 12.40
N ASN A 51 6.78 -9.10 13.20
CA ASN A 51 6.61 -10.45 12.64
C ASN A 51 5.37 -11.19 13.19
N PRO A 52 4.21 -10.55 13.17
CA PRO A 52 2.92 -11.19 13.58
C PRO A 52 2.41 -12.18 12.54
N THR A 53 1.60 -13.15 12.99
CA THR A 53 1.02 -14.17 12.11
C THR A 53 0.41 -13.55 10.85
N PRO A 54 0.63 -14.14 9.68
CA PRO A 54 0.04 -13.62 8.39
C PRO A 54 -1.48 -13.50 8.48
N GLU A 55 -2.09 -14.40 9.24
CA GLU A 55 -3.53 -14.41 9.42
C GLU A 55 -3.97 -13.15 10.18
N GLU A 56 -3.13 -12.74 11.13
CA GLU A 56 -3.35 -11.54 11.93
C GLU A 56 -3.25 -10.27 11.08
N LEU A 57 -2.36 -10.30 10.09
CA LEU A 57 -2.08 -9.14 9.22
C LEU A 57 -3.34 -8.44 8.72
N GLN A 58 -4.41 -9.20 8.55
CA GLN A 58 -5.65 -8.68 8.00
C GLN A 58 -6.19 -7.49 8.80
N GLU A 59 -5.80 -7.42 10.07
CA GLU A 59 -6.24 -6.33 10.95
C GLU A 59 -5.78 -4.97 10.41
N MET A 60 -4.55 -4.93 9.88
CA MET A 60 -4.02 -3.70 9.28
C MET A 60 -4.80 -3.30 8.03
N ILE A 61 -5.21 -4.30 7.25
CA ILE A 61 -6.02 -4.08 6.05
C ILE A 61 -7.39 -3.47 6.37
N ASP A 62 -8.05 -3.95 7.41
CA ASP A 62 -9.34 -3.38 7.82
C ASP A 62 -9.22 -1.86 8.00
N GLU A 63 -8.09 -1.43 8.54
CA GLU A 63 -7.78 -0.02 8.73
C GLU A 63 -7.76 0.75 7.39
N VAL A 64 -7.41 0.04 6.31
CA VAL A 64 -7.29 0.66 4.98
C VAL A 64 -8.35 0.15 3.98
N ASP A 65 -8.89 -1.03 4.24
CA ASP A 65 -9.89 -1.61 3.34
C ASP A 65 -11.28 -1.09 3.67
N GLU A 66 -11.63 0.02 3.03
CA GLU A 66 -12.91 0.69 3.21
C GLU A 66 -14.05 -0.16 2.64
N ASP A 67 -13.80 -0.80 1.50
CA ASP A 67 -14.80 -1.63 0.83
C ASP A 67 -14.94 -3.01 1.50
N GLY A 68 -14.11 -3.28 2.51
CA GLY A 68 -14.21 -4.51 3.30
C GLY A 68 -14.06 -5.75 2.42
N SER A 69 -13.19 -5.67 1.42
CA SER A 69 -12.95 -6.79 0.51
C SER A 69 -11.98 -7.81 1.10
N GLY A 70 -11.33 -7.45 2.21
CA GLY A 70 -10.32 -8.30 2.83
C GLY A 70 -9.05 -8.26 2.02
N THR A 71 -9.09 -7.48 0.95
CA THR A 71 -7.95 -7.27 0.08
C THR A 71 -7.78 -5.79 -0.21
N VAL A 72 -6.58 -5.41 -0.56
CA VAL A 72 -6.29 -4.03 -0.95
C VAL A 72 -5.73 -4.01 -2.36
N ASP A 73 -6.62 -3.76 -3.30
CA ASP A 73 -6.29 -3.75 -4.72
C ASP A 73 -5.45 -2.53 -5.06
N PHE A 74 -4.75 -2.57 -6.19
CA PHE A 74 -3.91 -1.45 -6.59
C PHE A 74 -4.76 -0.18 -6.76
N ASP A 75 -5.92 -0.33 -7.42
CA ASP A 75 -6.89 0.77 -7.57
C ASP A 75 -7.39 1.21 -6.18
N GLU A 76 -7.66 0.23 -5.32
CA GLU A 76 -8.05 0.49 -3.94
C GLU A 76 -6.92 1.18 -3.18
N PHE A 77 -5.70 0.68 -3.41
CA PHE A 77 -4.48 1.20 -2.77
C PHE A 77 -4.24 2.68 -3.12
N LEU A 78 -4.37 3.00 -4.40
CA LEU A 78 -4.03 4.33 -4.93
C LEU A 78 -4.89 5.43 -4.30
N VAL A 79 -6.19 5.34 -4.55
CA VAL A 79 -7.16 6.34 -4.10
C VAL A 79 -7.22 6.43 -2.56
N MET A 80 -7.20 5.27 -1.91
CA MET A 80 -7.37 5.18 -0.46
C MET A 80 -6.30 5.99 0.31
N MET A 81 -5.04 5.84 -0.09
CA MET A 81 -3.92 6.52 0.58
C MET A 81 -3.98 8.05 0.44
N VAL A 82 -4.58 8.52 -0.63
CA VAL A 82 -4.61 9.94 -0.97
C VAL A 82 -5.24 10.81 0.12
N ARG A 83 -6.35 10.35 0.73
CA ARG A 83 -7.06 11.21 1.69
C ARG A 83 -6.15 11.62 2.83
N CYS A 84 -5.29 10.71 3.26
CA CYS A 84 -4.32 11.01 4.31
C CYS A 84 -3.40 12.16 3.89
N MET A 85 -2.97 12.13 2.62
CA MET A 85 -2.09 13.18 2.09
C MET A 85 -2.82 14.53 2.11
N LYS A 86 -4.07 14.49 1.65
CA LYS A 86 -4.94 15.66 1.58
C LYS A 86 -5.27 16.20 2.96
N ASP A 87 -5.56 15.27 3.88
CA ASP A 87 -6.01 15.60 5.25
C ASP A 87 -7.50 15.94 5.25
N ASP A 88 -8.21 15.36 6.21
CA ASP A 88 -9.67 15.48 6.28
C ASP A 88 -10.13 16.92 6.53
N SER A 89 -9.37 17.69 7.32
CA SER A 89 -9.74 19.07 7.64
C SER A 89 -8.58 20.04 7.41
N ARG B 1 1.00 7.26 1.31
CA ARG B 1 1.83 7.41 2.54
C ARG B 1 1.00 7.10 3.77
N ILE B 2 -0.33 7.05 3.62
CA ILE B 2 -1.24 6.90 4.76
C ILE B 2 -0.77 7.77 5.95
N SER B 3 -0.49 7.18 7.12
CA SER B 3 0.01 7.97 8.25
C SER B 3 1.38 8.57 7.91
N ALA B 4 2.24 7.76 7.34
CA ALA B 4 3.56 8.18 6.87
C ALA B 4 4.04 7.22 5.79
N ASP B 5 4.82 7.70 4.85
CA ASP B 5 5.21 6.85 3.75
C ASP B 5 6.37 5.94 4.13
N ALA B 6 6.03 4.81 4.73
CA ALA B 6 7.01 3.78 5.07
C ALA B 6 7.21 2.84 3.87
N MET B 7 6.28 2.93 2.91
CA MET B 7 6.32 2.07 1.72
C MET B 7 7.54 2.37 0.86
N MET B 8 7.92 3.65 0.75
CA MET B 8 9.14 4.01 0.05
C MET B 8 10.35 3.45 0.80
N GLN B 9 10.28 3.52 2.13
CA GLN B 9 11.28 2.91 3.02
C GLN B 9 11.26 1.38 2.92
N ALA B 10 10.05 0.85 2.75
CA ALA B 10 9.78 -0.59 2.79
C ALA B 10 10.84 -1.43 2.08
N LEU B 11 11.38 -0.91 0.99
CA LEU B 11 12.35 -1.65 0.20
C LEU B 11 13.58 -1.97 1.06
N LEU B 12 13.85 -1.07 2.02
CA LEU B 12 14.90 -1.27 3.02
C LEU B 12 16.28 -1.53 2.39
N GLY B 13 16.49 -1.00 1.19
CA GLY B 13 17.76 -1.18 0.51
C GLY B 13 17.86 -2.55 -0.14
N ALA B 14 16.72 -3.24 -0.26
CA ALA B 14 16.70 -4.56 -0.88
C ALA B 14 16.81 -4.44 -2.41
N ARG B 15 17.94 -3.88 -2.86
CA ARG B 15 18.22 -3.70 -4.29
C ARG B 15 18.27 -5.05 -5.00
N ALA B 16 18.95 -5.99 -4.36
CA ALA B 16 19.07 -7.36 -4.87
C ALA B 16 19.94 -8.18 -3.92
N LYS B 17 21.26 -8.04 -4.08
CA LYS B 17 22.26 -8.74 -3.26
C LYS B 17 23.67 -8.52 -3.83
N MET A 1 -18.01 10.88 -9.23
CA MET A 1 -17.32 10.30 -8.02
C MET A 1 -16.64 11.42 -7.23
N ASP A 2 -16.09 11.06 -6.05
CA ASP A 2 -15.41 12.04 -5.21
C ASP A 2 -14.00 12.31 -5.74
N ASP A 3 -13.92 13.23 -6.70
CA ASP A 3 -12.71 13.53 -7.43
C ASP A 3 -11.64 14.17 -6.57
N ILE A 4 -12.03 14.68 -5.40
CA ILE A 4 -11.09 15.37 -4.52
C ILE A 4 -9.87 14.49 -4.25
N TYR A 5 -10.11 13.21 -4.01
CA TYR A 5 -9.05 12.25 -3.77
C TYR A 5 -8.19 12.04 -5.01
N LYS A 6 -8.85 11.97 -6.17
CA LYS A 6 -8.15 11.83 -7.44
C LYS A 6 -7.30 13.07 -7.73
N ALA A 7 -7.86 14.26 -7.42
CA ALA A 7 -7.12 15.52 -7.56
C ALA A 7 -5.84 15.48 -6.72
N ALA A 8 -5.91 14.77 -5.60
CA ALA A 8 -4.76 14.58 -4.73
C ALA A 8 -3.66 13.82 -5.47
N VAL A 9 -4.06 12.85 -6.30
CA VAL A 9 -3.11 12.05 -7.06
C VAL A 9 -2.35 12.92 -8.06
N GLU A 10 -2.92 14.07 -8.41
CA GLU A 10 -2.24 15.00 -9.31
C GLU A 10 -0.95 15.51 -8.66
N GLN A 11 -0.97 15.61 -7.32
CA GLN A 11 0.21 16.02 -6.57
C GLN A 11 1.29 14.96 -6.68
N LEU A 12 0.87 13.70 -6.80
CA LEU A 12 1.84 12.62 -6.92
C LEU A 12 2.51 12.69 -8.31
N THR A 13 3.82 12.77 -8.31
CA THR A 13 4.61 12.86 -9.54
C THR A 13 4.80 11.48 -10.15
N GLU A 14 5.42 11.45 -11.33
CA GLU A 14 5.69 10.20 -11.99
C GLU A 14 6.58 9.33 -11.09
N GLU A 15 7.51 9.97 -10.38
CA GLU A 15 8.38 9.29 -9.42
C GLU A 15 7.54 8.72 -8.26
N GLN A 16 6.51 9.47 -7.85
CA GLN A 16 5.61 9.01 -6.78
C GLN A 16 4.87 7.74 -7.25
N LYS A 17 4.33 7.78 -8.46
CA LYS A 17 3.72 6.61 -9.08
C LYS A 17 4.78 5.50 -9.34
N ASN A 18 5.98 5.90 -9.75
CA ASN A 18 7.04 4.93 -10.04
C ASN A 18 7.41 4.16 -8.77
N GLU A 19 7.45 4.87 -7.66
CA GLU A 19 7.65 4.26 -6.35
C GLU A 19 6.49 3.32 -6.06
N PHE A 20 5.33 3.71 -6.58
CA PHE A 20 4.09 3.00 -6.36
C PHE A 20 4.22 1.56 -6.89
N LYS A 21 4.71 1.43 -8.13
CA LYS A 21 4.94 0.12 -8.75
C LYS A 21 6.00 -0.69 -8.01
N ALA A 22 7.05 -0.01 -7.55
CA ALA A 22 8.14 -0.70 -6.86
C ALA A 22 7.61 -1.45 -5.64
N ALA A 23 6.70 -0.82 -4.91
CA ALA A 23 6.07 -1.45 -3.76
C ALA A 23 4.87 -2.28 -4.18
N PHE A 24 4.17 -1.85 -5.23
CA PHE A 24 2.93 -2.50 -5.62
C PHE A 24 3.16 -3.98 -5.96
N ASP A 25 4.22 -4.24 -6.69
CA ASP A 25 4.59 -5.59 -7.07
C ASP A 25 4.92 -6.43 -5.83
N ILE A 26 5.49 -5.79 -4.80
CA ILE A 26 5.93 -6.51 -3.61
C ILE A 26 4.75 -7.16 -2.88
N PHE A 27 3.61 -6.47 -2.83
CA PHE A 27 2.45 -6.98 -2.08
C PHE A 27 1.94 -8.32 -2.64
N VAL A 28 1.80 -8.37 -3.96
CA VAL A 28 1.20 -9.52 -4.66
C VAL A 28 2.21 -10.58 -5.07
N LEU A 29 3.37 -10.12 -5.57
CA LEU A 29 4.43 -11.01 -6.08
C LEU A 29 3.88 -12.40 -6.51
N GLY A 30 3.12 -12.41 -7.63
CA GLY A 30 2.57 -13.66 -8.18
C GLY A 30 1.04 -13.62 -8.32
N ALA A 31 0.38 -12.66 -7.68
CA ALA A 31 -1.09 -12.55 -7.77
C ALA A 31 -1.52 -12.03 -9.14
N GLU A 32 -2.29 -12.85 -9.85
CA GLU A 32 -2.73 -12.52 -11.20
C GLU A 32 -3.70 -11.33 -11.20
N ASP A 33 -4.61 -11.30 -10.23
CA ASP A 33 -5.62 -10.24 -10.13
C ASP A 33 -4.97 -8.88 -9.84
N GLY A 34 -3.88 -8.90 -9.08
CA GLY A 34 -3.15 -7.69 -8.72
C GLY A 34 -3.66 -7.09 -7.41
N CYS A 35 -4.64 -7.74 -6.78
CA CYS A 35 -5.20 -7.26 -5.49
C CYS A 35 -4.45 -7.91 -4.34
N ILE A 36 -4.35 -7.22 -3.20
CA ILE A 36 -3.57 -7.73 -2.09
C ILE A 36 -4.48 -8.35 -1.07
N SER A 37 -4.23 -9.61 -0.78
CA SER A 37 -4.94 -10.31 0.26
C SER A 37 -4.02 -10.46 1.44
N THR A 38 -4.57 -10.25 2.63
CA THR A 38 -3.76 -10.26 3.84
C THR A 38 -2.88 -11.50 3.92
N LYS A 39 -3.36 -12.62 3.37
CA LYS A 39 -2.54 -13.83 3.31
C LYS A 39 -1.30 -13.55 2.44
N GLU A 40 -1.52 -12.89 1.30
CA GLU A 40 -0.42 -12.47 0.41
C GLU A 40 0.27 -11.20 0.90
N LEU A 41 -0.39 -10.50 1.82
CA LEU A 41 0.17 -9.26 2.40
C LEU A 41 1.48 -9.57 3.12
N GLY A 42 1.55 -10.78 3.71
CA GLY A 42 2.74 -11.24 4.47
C GLY A 42 4.07 -10.87 3.77
N LYS A 43 3.99 -10.52 2.49
CA LYS A 43 5.15 -10.03 1.73
C LYS A 43 5.63 -8.72 2.35
N VAL A 44 4.68 -7.90 2.78
CA VAL A 44 4.95 -6.58 3.34
C VAL A 44 5.83 -6.68 4.60
N MET A 45 5.48 -7.60 5.48
CA MET A 45 6.20 -7.75 6.73
C MET A 45 7.64 -8.19 6.47
N ARG A 46 7.84 -9.01 5.44
CA ARG A 46 9.19 -9.43 5.05
C ARG A 46 10.07 -8.23 4.70
N MET A 47 9.51 -7.28 3.96
CA MET A 47 10.27 -6.09 3.55
C MET A 47 10.66 -5.29 4.80
N LEU A 48 9.70 -5.15 5.70
CA LEU A 48 9.86 -4.42 6.96
C LEU A 48 10.92 -5.09 7.84
N GLY A 49 10.92 -6.42 7.84
CA GLY A 49 11.83 -7.21 8.64
C GLY A 49 11.07 -7.95 9.74
N GLN A 50 9.81 -8.23 9.48
CA GLN A 50 8.93 -8.91 10.42
C GLN A 50 8.40 -10.22 9.83
N ASN A 51 8.18 -11.21 10.69
CA ASN A 51 7.66 -12.52 10.27
C ASN A 51 6.47 -12.95 11.16
N PRO A 52 5.49 -12.09 11.29
CA PRO A 52 4.27 -12.31 12.14
C PRO A 52 3.26 -13.26 11.51
N THR A 53 2.35 -13.79 12.34
CA THR A 53 1.27 -14.67 11.87
C THR A 53 0.37 -13.96 10.85
N PRO A 54 -0.24 -14.70 9.96
CA PRO A 54 -1.18 -14.13 8.96
C PRO A 54 -2.30 -13.32 9.63
N GLU A 55 -2.76 -13.80 10.78
CA GLU A 55 -3.83 -13.11 11.51
C GLU A 55 -3.38 -11.71 11.89
N GLU A 56 -2.10 -11.60 12.25
CA GLU A 56 -1.47 -10.33 12.56
C GLU A 56 -1.36 -9.47 11.29
N LEU A 57 -1.15 -10.14 10.15
CA LEU A 57 -1.02 -9.47 8.85
C LEU A 57 -2.28 -8.71 8.46
N GLN A 58 -3.42 -9.31 8.72
CA GLN A 58 -4.71 -8.79 8.27
C GLN A 58 -5.13 -7.50 8.99
N GLU A 59 -4.65 -7.31 10.21
CA GLU A 59 -4.99 -6.12 11.00
C GLU A 59 -4.52 -4.85 10.30
N MET A 60 -3.36 -4.91 9.65
CA MET A 60 -2.83 -3.74 8.95
C MET A 60 -3.73 -3.32 7.78
N ILE A 61 -4.27 -4.30 7.04
CA ILE A 61 -5.21 -4.01 5.94
C ILE A 61 -6.48 -3.33 6.41
N ASP A 62 -7.04 -3.80 7.52
CA ASP A 62 -8.26 -3.21 8.06
C ASP A 62 -8.05 -1.71 8.32
N GLU A 63 -6.85 -1.34 8.80
CA GLU A 63 -6.50 0.07 8.95
C GLU A 63 -6.45 0.74 7.58
N VAL A 64 -5.81 0.04 6.62
CA VAL A 64 -5.63 0.53 5.25
C VAL A 64 -6.96 0.62 4.47
N ASP A 65 -7.80 -0.43 4.59
CA ASP A 65 -9.02 -0.54 3.79
C ASP A 65 -10.20 0.21 4.41
N GLU A 66 -10.61 1.27 3.73
CA GLU A 66 -11.73 2.11 4.15
C GLU A 66 -13.00 1.80 3.32
N ASP A 67 -12.80 1.28 2.11
CA ASP A 67 -13.92 0.98 1.21
C ASP A 67 -14.80 -0.13 1.76
N GLY A 68 -14.23 -0.93 2.67
CA GLY A 68 -14.97 -2.00 3.35
C GLY A 68 -14.83 -3.35 2.64
N SER A 69 -13.91 -3.46 1.68
CA SER A 69 -13.70 -4.73 0.97
C SER A 69 -12.82 -5.68 1.77
N GLY A 70 -11.92 -5.11 2.57
CA GLY A 70 -10.96 -5.91 3.34
C GLY A 70 -9.86 -6.42 2.44
N THR A 71 -9.94 -6.03 1.17
CA THR A 71 -8.97 -6.38 0.16
C THR A 71 -8.49 -5.12 -0.50
N VAL A 72 -7.19 -5.00 -0.68
CA VAL A 72 -6.61 -3.77 -1.19
C VAL A 72 -5.99 -3.93 -2.58
N ASP A 73 -6.62 -3.31 -3.58
CA ASP A 73 -6.15 -3.34 -4.97
C ASP A 73 -5.36 -2.08 -5.33
N PHE A 74 -4.89 -2.01 -6.57
CA PHE A 74 -4.11 -0.85 -7.05
C PHE A 74 -4.91 0.45 -6.94
N ASP A 75 -6.16 0.43 -7.41
CA ASP A 75 -6.99 1.63 -7.39
C ASP A 75 -7.26 2.10 -5.95
N GLU A 76 -7.62 1.17 -5.07
CA GLU A 76 -7.86 1.49 -3.66
C GLU A 76 -6.56 1.91 -2.99
N PHE A 77 -5.48 1.18 -3.28
CA PHE A 77 -4.19 1.49 -2.69
C PHE A 77 -3.83 2.94 -2.98
N LEU A 78 -4.08 3.36 -4.21
CA LEU A 78 -3.88 4.76 -4.59
C LEU A 78 -4.94 5.69 -4.00
N VAL A 79 -6.17 5.55 -4.48
CA VAL A 79 -7.24 6.47 -4.14
C VAL A 79 -7.64 6.46 -2.65
N MET A 80 -7.85 5.27 -2.09
CA MET A 80 -8.28 5.16 -0.69
C MET A 80 -7.20 5.63 0.30
N MET A 81 -5.96 5.23 0.06
CA MET A 81 -4.84 5.58 0.93
C MET A 81 -4.54 7.10 0.91
N VAL A 82 -4.72 7.70 -0.27
CA VAL A 82 -4.40 9.12 -0.48
C VAL A 82 -5.12 10.04 0.53
N ARG A 83 -6.20 9.54 1.14
CA ARG A 83 -6.94 10.37 2.09
C ARG A 83 -6.04 10.74 3.26
N CYS A 84 -5.16 9.82 3.64
CA CYS A 84 -4.15 10.10 4.66
C CYS A 84 -3.17 11.17 4.15
N MET A 85 -2.81 11.09 2.86
CA MET A 85 -1.94 12.09 2.23
C MET A 85 -2.61 13.46 2.20
N LYS A 86 -3.90 13.47 1.98
CA LYS A 86 -4.69 14.69 1.97
C LYS A 86 -4.55 15.45 3.30
N ASP A 87 -4.00 14.76 4.32
CA ASP A 87 -3.77 15.37 5.63
C ASP A 87 -5.09 15.76 6.32
N ASP A 88 -5.74 16.78 5.80
CA ASP A 88 -7.02 17.23 6.32
C ASP A 88 -8.11 16.21 6.02
N SER A 89 -7.83 15.33 5.06
CA SER A 89 -8.78 14.27 4.66
C SER A 89 -9.99 14.84 3.91
N ARG B 1 2.80 7.34 3.35
CA ARG B 1 1.37 6.98 3.09
C ARG B 1 0.76 6.50 4.41
N ILE B 2 -0.56 6.23 4.42
CA ILE B 2 -1.29 5.84 5.66
C ILE B 2 -0.82 6.59 6.92
N SER B 3 0.29 6.16 7.52
CA SER B 3 0.89 6.85 8.68
C SER B 3 2.23 7.49 8.29
N ALA B 4 3.04 6.76 7.54
CA ALA B 4 4.36 7.25 7.08
C ALA B 4 4.84 6.47 5.86
N ASP B 5 5.72 7.08 5.08
CA ASP B 5 6.29 6.44 3.91
C ASP B 5 7.46 5.51 4.28
N ALA B 6 7.55 5.14 5.58
CA ALA B 6 8.61 4.25 6.09
C ALA B 6 8.78 3.01 5.19
N MET B 7 7.76 2.74 4.39
CA MET B 7 7.78 1.64 3.46
C MET B 7 8.90 1.82 2.44
N MET B 8 9.12 3.08 2.03
CA MET B 8 10.14 3.45 1.06
C MET B 8 11.50 2.79 1.34
N GLN B 9 11.77 2.46 2.62
CA GLN B 9 13.07 1.89 3.00
C GLN B 9 13.34 0.58 2.24
N ALA B 10 12.32 -0.27 2.18
CA ALA B 10 12.40 -1.50 1.40
C ALA B 10 12.47 -1.20 -0.11
N LEU B 11 11.71 -0.17 -0.52
CA LEU B 11 11.67 0.29 -1.93
C LEU B 11 13.04 0.79 -2.36
N LEU B 12 13.69 1.49 -1.44
CA LEU B 12 15.02 2.07 -1.66
C LEU B 12 16.02 0.96 -1.95
N GLY B 13 15.94 -0.12 -1.18
CA GLY B 13 16.81 -1.29 -1.35
C GLY B 13 16.05 -2.58 -1.10
N ALA B 14 15.51 -3.14 -2.18
CA ALA B 14 14.77 -4.38 -2.12
C ALA B 14 15.73 -5.55 -1.82
N ARG B 15 16.11 -5.66 -0.55
CA ARG B 15 17.08 -6.65 -0.10
C ARG B 15 18.38 -6.58 -0.91
N ALA B 16 18.69 -5.37 -1.39
CA ALA B 16 19.91 -5.13 -2.18
C ALA B 16 20.97 -4.41 -1.35
N LYS B 17 21.71 -5.15 -0.54
CA LYS B 17 22.73 -4.56 0.30
C LYS B 17 24.07 -5.28 0.19
N MET A 1 -16.52 11.07 -10.45
CA MET A 1 -16.70 11.18 -8.98
C MET A 1 -15.43 10.71 -8.27
N ASP A 2 -15.18 11.24 -7.07
CA ASP A 2 -13.96 10.95 -6.32
C ASP A 2 -12.73 11.25 -7.19
N ASP A 3 -12.95 12.08 -8.20
CA ASP A 3 -11.91 12.51 -9.11
C ASP A 3 -10.92 13.42 -8.38
N ILE A 4 -11.34 13.91 -7.20
CA ILE A 4 -10.51 14.77 -6.37
C ILE A 4 -9.31 13.98 -5.84
N TYR A 5 -9.57 12.74 -5.46
CA TYR A 5 -8.52 11.84 -5.01
C TYR A 5 -7.59 11.50 -6.17
N LYS A 6 -8.20 11.32 -7.35
CA LYS A 6 -7.45 11.13 -8.59
C LYS A 6 -6.60 12.36 -8.89
N ALA A 7 -7.19 13.53 -8.69
CA ALA A 7 -6.50 14.81 -8.85
C ALA A 7 -5.38 14.95 -7.81
N ALA A 8 -5.59 14.33 -6.64
CA ALA A 8 -4.61 14.35 -5.55
C ALA A 8 -3.34 13.61 -5.95
N VAL A 9 -3.49 12.55 -6.74
CA VAL A 9 -2.36 11.79 -7.23
C VAL A 9 -1.46 12.69 -8.08
N GLU A 10 -2.08 13.65 -8.78
CA GLU A 10 -1.34 14.61 -9.58
C GLU A 10 -0.46 15.50 -8.71
N GLN A 11 -0.93 15.77 -7.49
CA GLN A 11 -0.13 16.54 -6.53
C GLN A 11 1.10 15.76 -6.10
N LEU A 12 0.97 14.44 -6.07
CA LEU A 12 2.11 13.60 -5.77
C LEU A 12 3.16 13.77 -6.87
N THR A 13 4.43 13.78 -6.47
CA THR A 13 5.52 13.95 -7.42
C THR A 13 5.72 12.70 -8.26
N GLU A 14 6.52 12.80 -9.31
CA GLU A 14 6.72 11.65 -10.21
C GLU A 14 7.39 10.51 -9.45
N GLU A 15 8.34 10.86 -8.59
CA GLU A 15 8.98 9.87 -7.70
C GLU A 15 7.97 9.33 -6.69
N GLN A 16 7.08 10.20 -6.18
CA GLN A 16 6.03 9.78 -5.25
C GLN A 16 5.08 8.78 -5.92
N LYS A 17 4.67 9.08 -7.16
CA LYS A 17 3.84 8.14 -7.91
C LYS A 17 4.62 6.85 -8.18
N ASN A 18 5.91 7.00 -8.54
CA ASN A 18 6.75 5.86 -8.93
C ASN A 18 7.05 4.92 -7.74
N GLU A 19 7.36 5.49 -6.57
CA GLU A 19 7.62 4.68 -5.38
C GLU A 19 6.35 3.96 -4.96
N PHE A 20 5.24 4.63 -5.20
CA PHE A 20 3.92 4.13 -4.90
C PHE A 20 3.71 2.83 -5.68
N LYS A 21 4.01 2.91 -6.98
CA LYS A 21 3.97 1.77 -7.88
C LYS A 21 5.07 0.76 -7.52
N ALA A 22 6.25 1.28 -7.19
CA ALA A 22 7.41 0.44 -6.87
C ALA A 22 7.09 -0.51 -5.72
N ALA A 23 6.50 0.02 -4.66
CA ALA A 23 6.07 -0.79 -3.53
C ALA A 23 4.98 -1.78 -3.96
N PHE A 24 4.12 -1.32 -4.86
CA PHE A 24 3.07 -2.17 -5.43
C PHE A 24 3.69 -3.39 -6.09
N ASP A 25 4.80 -3.17 -6.78
CA ASP A 25 5.52 -4.25 -7.43
C ASP A 25 6.03 -5.29 -6.42
N ILE A 26 6.42 -4.85 -5.20
CA ILE A 26 6.90 -5.80 -4.19
C ILE A 26 5.78 -6.73 -3.69
N PHE A 27 4.60 -6.16 -3.48
CA PHE A 27 3.47 -6.91 -2.95
C PHE A 27 2.91 -7.94 -3.94
N VAL A 28 2.84 -7.57 -5.22
CA VAL A 28 2.24 -8.43 -6.25
C VAL A 28 2.99 -9.75 -6.42
N LEU A 29 4.13 -9.89 -5.75
CA LEU A 29 4.90 -11.12 -5.83
C LEU A 29 4.19 -12.21 -5.02
N GLY A 30 3.94 -13.36 -5.66
CA GLY A 30 3.22 -14.47 -5.00
C GLY A 30 1.71 -14.21 -4.88
N ALA A 31 1.27 -13.05 -5.35
CA ALA A 31 -0.16 -12.72 -5.33
C ALA A 31 -0.89 -13.42 -6.48
N GLU A 32 -1.62 -14.48 -6.16
CA GLU A 32 -2.36 -15.26 -7.16
C GLU A 32 -3.49 -14.43 -7.78
N ASP A 33 -4.20 -13.68 -6.93
CA ASP A 33 -5.32 -12.85 -7.39
C ASP A 33 -4.86 -11.43 -7.68
N GLY A 34 -3.57 -11.18 -7.47
CA GLY A 34 -3.02 -9.83 -7.66
C GLY A 34 -3.37 -8.94 -6.48
N CYS A 35 -3.03 -7.66 -6.59
CA CYS A 35 -3.30 -6.68 -5.53
C CYS A 35 -2.63 -7.11 -4.22
N ILE A 36 -2.93 -6.41 -3.13
CA ILE A 36 -2.45 -6.81 -1.82
C ILE A 36 -3.60 -7.49 -1.11
N SER A 37 -3.44 -8.78 -0.83
CA SER A 37 -4.53 -9.60 -0.27
C SER A 37 -4.32 -9.86 1.20
N THR A 38 -3.30 -9.24 1.75
CA THR A 38 -2.87 -9.47 3.14
C THR A 38 -1.93 -10.67 3.23
N LYS A 39 -2.17 -11.67 2.37
CA LYS A 39 -1.27 -12.83 2.29
C LYS A 39 0.11 -12.37 1.83
N GLU A 40 0.10 -11.48 0.83
CA GLU A 40 1.31 -10.87 0.29
C GLU A 40 1.73 -9.64 1.09
N LEU A 41 0.82 -9.14 1.93
CA LEU A 41 1.06 -7.95 2.72
C LEU A 41 2.23 -8.14 3.67
N GLY A 42 2.35 -9.33 4.25
CA GLY A 42 3.43 -9.62 5.21
C GLY A 42 4.78 -9.06 4.74
N LYS A 43 4.90 -8.82 3.43
CA LYS A 43 6.08 -8.19 2.85
C LYS A 43 6.22 -6.75 3.38
N VAL A 44 5.08 -6.09 3.58
CA VAL A 44 5.02 -4.72 4.11
C VAL A 44 5.69 -4.65 5.48
N MET A 45 5.44 -5.65 6.32
CA MET A 45 6.11 -5.77 7.61
C MET A 45 7.61 -6.01 7.45
N ARG A 46 7.97 -6.81 6.46
CA ARG A 46 9.36 -7.18 6.23
C ARG A 46 10.20 -5.94 5.90
N MET A 47 9.67 -5.07 5.03
CA MET A 47 10.34 -3.78 4.75
C MET A 47 10.37 -2.93 6.02
N LEU A 48 9.28 -2.98 6.78
CA LEU A 48 9.15 -2.22 8.02
C LEU A 48 10.09 -2.76 9.12
N GLY A 49 10.53 -4.02 8.97
CA GLY A 49 11.49 -4.62 9.93
C GLY A 49 10.83 -5.59 10.90
N GLN A 50 9.63 -6.04 10.57
CA GLN A 50 8.91 -7.01 11.40
C GLN A 50 8.40 -8.18 10.55
N ASN A 51 8.09 -9.29 11.21
CA ASN A 51 7.57 -10.51 10.54
C ASN A 51 6.41 -11.12 11.34
N PRO A 52 5.39 -10.32 11.62
CA PRO A 52 4.18 -10.76 12.38
C PRO A 52 3.25 -11.67 11.57
N THR A 53 2.42 -12.42 12.30
CA THR A 53 1.45 -13.35 11.72
C THR A 53 0.59 -12.67 10.64
N PRO A 54 0.13 -13.43 9.67
CA PRO A 54 -0.76 -12.91 8.58
C PRO A 54 -2.01 -12.23 9.15
N GLU A 55 -2.53 -12.77 10.24
CA GLU A 55 -3.72 -12.24 10.88
C GLU A 55 -3.47 -10.82 11.37
N GLU A 56 -2.26 -10.61 11.92
CA GLU A 56 -1.80 -9.32 12.40
C GLU A 56 -1.67 -8.34 11.23
N LEU A 57 -1.28 -8.87 10.08
CA LEU A 57 -1.19 -8.09 8.84
C LEU A 57 -2.55 -7.55 8.41
N GLN A 58 -3.58 -8.38 8.59
CA GLN A 58 -4.92 -8.04 8.14
C GLN A 58 -5.42 -6.73 8.74
N GLU A 59 -5.14 -6.47 10.04
CA GLU A 59 -5.58 -5.22 10.65
C GLU A 59 -4.92 -4.01 9.99
N MET A 60 -3.70 -4.22 9.46
CA MET A 60 -2.98 -3.16 8.76
C MET A 60 -3.79 -2.73 7.53
N ILE A 61 -4.30 -3.73 6.79
CA ILE A 61 -5.30 -3.50 5.72
C ILE A 61 -6.61 -2.98 6.29
N ASP A 62 -7.07 -3.58 7.39
CA ASP A 62 -8.41 -3.32 7.94
C ASP A 62 -8.63 -1.84 8.25
N GLU A 63 -7.67 -1.21 8.95
CA GLU A 63 -7.76 0.22 9.26
C GLU A 63 -7.74 1.02 7.96
N VAL A 64 -6.89 0.58 7.03
CA VAL A 64 -6.79 1.16 5.70
C VAL A 64 -8.08 0.91 4.87
N ASP A 65 -8.56 -0.33 4.93
CA ASP A 65 -9.71 -0.78 4.15
C ASP A 65 -11.04 -0.67 4.94
N GLU A 66 -11.67 0.51 4.85
CA GLU A 66 -12.95 0.73 5.53
C GLU A 66 -14.05 -0.13 4.90
N ASP A 67 -13.95 -0.33 3.60
CA ASP A 67 -14.94 -1.11 2.87
C ASP A 67 -15.02 -2.53 3.40
N GLY A 68 -13.96 -3.00 4.05
CA GLY A 68 -13.97 -4.30 4.67
C GLY A 68 -13.87 -5.42 3.63
N SER A 69 -13.18 -5.14 2.53
CA SER A 69 -12.98 -6.15 1.49
C SER A 69 -11.86 -7.11 1.88
N GLY A 70 -11.09 -6.72 2.90
CA GLY A 70 -9.99 -7.55 3.39
C GLY A 70 -8.85 -7.54 2.40
N THR A 71 -9.01 -6.73 1.36
CA THR A 71 -8.01 -6.59 0.32
C THR A 71 -7.88 -5.14 -0.08
N VAL A 72 -6.73 -4.84 -0.64
CA VAL A 72 -6.47 -3.54 -1.20
C VAL A 72 -5.98 -3.66 -2.64
N ASP A 73 -6.88 -3.35 -3.56
CA ASP A 73 -6.63 -3.41 -4.99
C ASP A 73 -5.75 -2.24 -5.41
N PHE A 74 -5.27 -2.26 -6.64
CA PHE A 74 -4.44 -1.16 -7.14
C PHE A 74 -5.22 0.14 -7.03
N ASP A 75 -6.48 0.11 -7.44
CA ASP A 75 -7.33 1.29 -7.39
C ASP A 75 -7.52 1.76 -5.93
N GLU A 76 -7.76 0.82 -5.00
CA GLU A 76 -7.87 1.17 -3.57
C GLU A 76 -6.50 1.61 -3.04
N PHE A 77 -5.48 0.90 -3.48
CA PHE A 77 -4.11 1.19 -3.12
C PHE A 77 -3.73 2.61 -3.56
N LEU A 78 -4.11 2.96 -4.80
CA LEU A 78 -3.80 4.28 -5.37
C LEU A 78 -4.68 5.41 -4.77
N VAL A 79 -6.00 5.27 -4.92
CA VAL A 79 -6.94 6.36 -4.53
C VAL A 79 -7.51 6.22 -3.11
N MET A 80 -7.90 5.00 -2.70
CA MET A 80 -8.53 4.80 -1.38
C MET A 80 -7.56 5.14 -0.25
N MET A 81 -6.31 4.75 -0.42
CA MET A 81 -5.29 5.06 0.56
C MET A 81 -5.11 6.55 0.71
N VAL A 82 -5.22 7.27 -0.40
CA VAL A 82 -5.15 8.72 -0.39
C VAL A 82 -6.26 9.29 0.51
N ARG A 83 -7.46 8.70 0.45
CA ARG A 83 -8.57 9.15 1.32
C ARG A 83 -8.15 8.99 2.78
N CYS A 84 -7.47 7.89 3.08
CA CYS A 84 -6.93 7.64 4.41
C CYS A 84 -5.80 8.64 4.74
N MET A 85 -5.01 9.01 3.72
CA MET A 85 -3.91 9.97 3.92
C MET A 85 -4.48 11.32 4.34
N LYS A 86 -5.56 11.71 3.66
CA LYS A 86 -6.20 13.01 3.86
C LYS A 86 -6.79 13.19 5.28
N ASP A 87 -7.54 12.18 5.75
CA ASP A 87 -8.22 12.27 7.05
C ASP A 87 -7.25 12.38 8.21
N ASP A 88 -6.15 11.61 8.14
CA ASP A 88 -5.15 11.58 9.23
C ASP A 88 -5.81 11.27 10.59
N SER A 89 -5.01 11.21 11.64
CA SER A 89 -5.51 10.91 12.99
C SER A 89 -4.40 11.03 14.03
N ARG B 1 2.71 8.68 1.98
CA ARG B 1 2.00 9.85 2.58
C ARG B 1 0.99 9.39 3.63
N ILE B 2 0.82 8.08 3.76
CA ILE B 2 -0.06 7.53 4.78
C ILE B 2 0.69 7.44 6.11
N SER B 3 0.59 8.51 6.91
CA SER B 3 1.30 8.63 8.18
C SER B 3 2.83 8.65 7.97
N ALA B 4 3.32 7.66 7.22
CA ALA B 4 4.74 7.54 6.90
C ALA B 4 4.94 7.21 5.41
N ASP B 5 6.02 7.72 4.82
CA ASP B 5 6.34 7.49 3.40
C ASP B 5 7.29 6.27 3.23
N ALA B 6 7.03 5.23 4.03
CA ALA B 6 7.85 4.01 4.03
C ALA B 6 7.79 3.27 2.69
N MET B 7 6.83 3.63 1.86
CA MET B 7 6.65 2.99 0.56
C MET B 7 7.88 3.21 -0.36
N MET B 8 8.47 4.39 -0.31
CA MET B 8 9.70 4.65 -1.08
C MET B 8 10.80 3.72 -0.59
N GLN B 9 10.85 3.52 0.72
CA GLN B 9 11.79 2.61 1.36
C GLN B 9 11.47 1.15 0.98
N ALA B 10 10.21 0.90 0.57
CA ALA B 10 9.74 -0.45 0.20
C ALA B 10 10.64 -1.10 -0.86
N LEU B 11 11.40 -0.29 -1.59
CA LEU B 11 12.36 -0.82 -2.57
C LEU B 11 13.40 -1.70 -1.85
N LEU B 12 13.79 -1.25 -0.63
CA LEU B 12 14.70 -2.02 0.26
C LEU B 12 16.16 -1.94 -0.19
N GLY B 13 16.43 -2.28 -1.43
CA GLY B 13 17.80 -2.24 -1.95
C GLY B 13 17.93 -2.91 -3.32
N ALA B 14 16.82 -3.41 -3.85
CA ALA B 14 16.78 -4.03 -5.19
C ALA B 14 17.53 -5.38 -5.23
N ARG B 15 18.27 -5.68 -4.16
CA ARG B 15 18.95 -6.97 -4.02
C ARG B 15 17.96 -8.06 -3.65
N ALA B 16 18.20 -9.27 -4.17
CA ALA B 16 17.39 -10.42 -3.83
C ALA B 16 17.83 -11.01 -2.48
N LYS B 17 17.73 -12.33 -2.34
CA LYS B 17 18.13 -13.01 -1.13
C LYS B 17 18.77 -14.38 -1.45
N MET A 1 -17.64 8.52 -9.47
CA MET A 1 -17.06 7.99 -8.19
C MET A 1 -16.31 9.10 -7.45
N ASP A 2 -15.52 8.72 -6.45
CA ASP A 2 -14.77 9.69 -5.66
C ASP A 2 -13.43 10.01 -6.36
N ASP A 3 -13.54 10.74 -7.48
CA ASP A 3 -12.37 11.12 -8.29
C ASP A 3 -11.49 12.16 -7.59
N ILE A 4 -12.03 12.82 -6.56
CA ILE A 4 -11.27 13.88 -5.86
C ILE A 4 -9.96 13.33 -5.27
N TYR A 5 -10.03 12.22 -4.55
CA TYR A 5 -8.81 11.57 -4.05
C TYR A 5 -8.02 10.95 -5.19
N LYS A 6 -8.73 10.39 -6.15
CA LYS A 6 -8.11 9.75 -7.30
C LYS A 6 -7.29 10.79 -8.09
N ALA A 7 -7.89 11.97 -8.28
CA ALA A 7 -7.22 13.12 -8.90
C ALA A 7 -6.07 13.64 -8.03
N ALA A 8 -6.27 13.59 -6.71
CA ALA A 8 -5.32 14.15 -5.76
C ALA A 8 -3.92 13.55 -5.92
N VAL A 9 -3.84 12.32 -6.43
CA VAL A 9 -2.55 11.67 -6.65
C VAL A 9 -1.71 12.48 -7.64
N GLU A 10 -2.40 13.16 -8.57
CA GLU A 10 -1.74 13.99 -9.56
C GLU A 10 -0.96 15.15 -8.90
N GLN A 11 -1.32 15.47 -7.64
CA GLN A 11 -0.64 16.55 -6.91
C GLN A 11 0.80 16.14 -6.60
N LEU A 12 1.01 14.85 -6.34
CA LEU A 12 2.33 14.31 -6.06
C LEU A 12 3.18 14.29 -7.32
N THR A 13 4.50 14.36 -7.15
CA THR A 13 5.40 14.38 -8.29
C THR A 13 5.36 13.05 -9.02
N GLU A 14 5.85 13.05 -10.26
CA GLU A 14 5.85 11.84 -11.08
C GLU A 14 6.77 10.77 -10.48
N GLU A 15 7.87 11.22 -9.85
CA GLU A 15 8.81 10.32 -9.19
C GLU A 15 8.11 9.58 -8.05
N GLN A 16 7.27 10.30 -7.31
CA GLN A 16 6.52 9.71 -6.20
C GLN A 16 5.57 8.62 -6.70
N LYS A 17 4.89 8.89 -7.81
CA LYS A 17 3.94 7.93 -8.37
C LYS A 17 4.67 6.66 -8.80
N ASN A 18 5.82 6.84 -9.48
CA ASN A 18 6.61 5.72 -9.97
C ASN A 18 7.21 4.92 -8.83
N GLU A 19 7.75 5.61 -7.83
CA GLU A 19 8.34 4.96 -6.67
C GLU A 19 7.25 4.36 -5.78
N PHE A 20 6.02 4.84 -5.99
CA PHE A 20 4.86 4.42 -5.20
C PHE A 20 4.67 2.91 -5.35
N LYS A 21 4.73 2.46 -6.60
CA LYS A 21 4.53 1.07 -6.97
C LYS A 21 5.62 0.13 -6.42
N ALA A 22 6.84 0.65 -6.24
CA ALA A 22 8.00 -0.19 -5.85
C ALA A 22 7.63 -1.22 -4.76
N ALA A 23 7.03 -0.75 -3.66
CA ALA A 23 6.57 -1.65 -2.61
C ALA A 23 5.43 -2.55 -3.10
N PHE A 24 4.69 -2.09 -4.09
CA PHE A 24 3.56 -2.88 -4.60
C PHE A 24 4.06 -4.22 -5.15
N ASP A 25 5.17 -4.19 -5.88
CA ASP A 25 5.72 -5.38 -6.51
C ASP A 25 6.27 -6.39 -5.49
N ILE A 26 6.63 -5.95 -4.28
CA ILE A 26 7.09 -6.89 -3.26
C ILE A 26 5.95 -7.81 -2.87
N PHE A 27 4.75 -7.25 -2.78
CA PHE A 27 3.56 -8.03 -2.46
C PHE A 27 3.27 -9.03 -3.58
N VAL A 28 3.42 -8.59 -4.83
CA VAL A 28 3.17 -9.44 -5.99
C VAL A 28 4.36 -9.48 -6.96
N LEU A 29 5.40 -10.21 -6.57
CA LEU A 29 6.56 -10.40 -7.43
C LEU A 29 6.19 -11.13 -8.72
N GLY A 30 5.31 -12.14 -8.60
CA GLY A 30 4.91 -12.97 -9.75
C GLY A 30 3.41 -12.86 -10.08
N ALA A 31 2.56 -12.89 -9.04
CA ALA A 31 1.09 -12.89 -9.21
C ALA A 31 0.59 -11.59 -9.87
N GLU A 32 0.16 -11.69 -11.13
CA GLU A 32 -0.40 -10.54 -11.85
C GLU A 32 -1.69 -10.06 -11.22
N ASP A 33 -2.52 -11.03 -10.80
CA ASP A 33 -3.83 -10.74 -10.21
C ASP A 33 -3.80 -10.80 -8.68
N GLY A 34 -2.61 -11.01 -8.11
CA GLY A 34 -2.47 -11.21 -6.66
C GLY A 34 -2.90 -10.00 -5.84
N CYS A 35 -2.46 -8.80 -6.24
CA CYS A 35 -2.74 -7.57 -5.47
C CYS A 35 -2.31 -7.78 -4.01
N ILE A 36 -2.82 -6.98 -3.06
CA ILE A 36 -2.56 -7.24 -1.66
C ILE A 36 -3.86 -7.72 -1.04
N SER A 37 -3.89 -8.98 -0.66
CA SER A 37 -5.11 -9.58 -0.13
C SER A 37 -4.86 -10.12 1.25
N THR A 38 -4.09 -9.35 2.03
CA THR A 38 -3.66 -9.76 3.36
C THR A 38 -2.67 -10.93 3.31
N LYS A 39 -2.81 -11.75 2.28
CA LYS A 39 -1.92 -12.87 2.01
C LYS A 39 -0.52 -12.34 1.72
N GLU A 40 -0.47 -11.29 0.90
CA GLU A 40 0.78 -10.63 0.54
C GLU A 40 1.13 -9.58 1.58
N LEU A 41 0.13 -9.14 2.33
CA LEU A 41 0.32 -8.11 3.33
C LEU A 41 1.31 -8.61 4.39
N GLY A 42 1.20 -9.89 4.75
CA GLY A 42 2.16 -10.51 5.67
C GLY A 42 3.60 -10.33 5.15
N LYS A 43 3.75 -10.22 3.83
CA LYS A 43 5.04 -9.96 3.20
C LYS A 43 5.57 -8.58 3.61
N VAL A 44 4.63 -7.66 3.86
CA VAL A 44 4.96 -6.29 4.29
C VAL A 44 5.77 -6.33 5.59
N MET A 45 5.61 -7.42 6.34
CA MET A 45 6.30 -7.57 7.61
C MET A 45 7.82 -7.55 7.41
N ARG A 46 8.25 -7.91 6.20
CA ARG A 46 9.68 -7.91 5.86
C ARG A 46 10.27 -6.51 6.00
N MET A 47 9.49 -5.48 5.59
CA MET A 47 9.95 -4.07 5.69
C MET A 47 9.60 -3.46 7.05
N LEU A 48 8.37 -3.70 7.51
CA LEU A 48 7.90 -3.13 8.78
C LEU A 48 8.70 -3.66 9.98
N GLY A 49 9.01 -4.96 9.96
CA GLY A 49 9.76 -5.57 11.07
C GLY A 49 8.84 -6.14 12.14
N GLN A 50 7.53 -6.14 11.86
CA GLN A 50 6.52 -6.72 12.76
C GLN A 50 6.15 -8.14 12.30
N ASN A 51 5.46 -8.90 13.15
CA ASN A 51 5.05 -10.26 12.76
C ASN A 51 3.65 -10.65 13.30
N PRO A 52 2.62 -9.90 12.95
CA PRO A 52 1.21 -10.16 13.39
C PRO A 52 0.60 -11.39 12.71
N THR A 53 -0.33 -12.05 13.41
CA THR A 53 -1.08 -13.19 12.86
C THR A 53 -1.65 -12.85 11.45
N PRO A 54 -1.70 -13.80 10.55
CA PRO A 54 -2.24 -13.59 9.16
C PRO A 54 -3.65 -12.96 9.18
N GLU A 55 -4.45 -13.37 10.15
CA GLU A 55 -5.75 -12.76 10.38
C GLU A 55 -5.60 -11.31 10.84
N GLU A 56 -4.53 -11.05 11.62
CA GLU A 56 -4.21 -9.68 12.08
C GLU A 56 -3.80 -8.78 10.90
N LEU A 57 -3.16 -9.38 9.89
CA LEU A 57 -2.79 -8.65 8.67
C LEU A 57 -4.05 -8.11 7.97
N GLN A 58 -5.11 -8.92 7.99
CA GLN A 58 -6.39 -8.52 7.41
C GLN A 58 -6.93 -7.32 8.17
N GLU A 59 -6.61 -7.29 9.45
CA GLU A 59 -7.04 -6.23 10.34
C GLU A 59 -6.49 -4.88 9.87
N MET A 60 -5.22 -4.87 9.42
CA MET A 60 -4.61 -3.66 8.86
C MET A 60 -5.34 -3.23 7.59
N ILE A 61 -5.65 -4.21 6.73
CA ILE A 61 -6.44 -3.94 5.53
C ILE A 61 -7.84 -3.44 5.88
N ASP A 62 -8.46 -4.07 6.88
CA ASP A 62 -9.84 -3.74 7.26
C ASP A 62 -9.95 -2.27 7.71
N GLU A 63 -9.01 -1.81 8.51
CA GLU A 63 -8.96 -0.40 8.90
C GLU A 63 -8.56 0.47 7.71
N VAL A 64 -7.57 -0.01 6.97
CA VAL A 64 -7.02 0.70 5.82
C VAL A 64 -8.02 0.82 4.63
N ASP A 65 -8.70 -0.29 4.33
CA ASP A 65 -9.57 -0.38 3.15
C ASP A 65 -10.81 0.55 3.26
N GLU A 66 -10.93 1.47 2.29
CA GLU A 66 -12.08 2.39 2.23
C GLU A 66 -13.38 1.65 1.91
N ASP A 67 -13.28 0.66 1.03
CA ASP A 67 -14.44 -0.13 0.63
C ASP A 67 -14.62 -1.35 1.53
N GLY A 68 -13.65 -1.58 2.42
CA GLY A 68 -13.75 -2.65 3.40
C GLY A 68 -13.89 -4.02 2.75
N SER A 69 -13.30 -4.18 1.57
CA SER A 69 -13.38 -5.46 0.84
C SER A 69 -12.37 -6.46 1.38
N GLY A 70 -11.44 -5.98 2.19
CA GLY A 70 -10.39 -6.84 2.75
C GLY A 70 -9.31 -7.11 1.71
N THR A 71 -9.42 -6.44 0.57
CA THR A 71 -8.45 -6.57 -0.51
C THR A 71 -8.04 -5.18 -1.01
N VAL A 72 -6.75 -5.02 -1.26
CA VAL A 72 -6.22 -3.75 -1.78
C VAL A 72 -5.28 -4.00 -2.97
N ASP A 73 -5.58 -3.34 -4.09
CA ASP A 73 -4.78 -3.50 -5.32
C ASP A 73 -4.04 -2.22 -5.66
N PHE A 74 -3.38 -2.18 -6.80
CA PHE A 74 -2.62 -1.00 -7.20
C PHE A 74 -3.53 0.23 -7.32
N ASP A 75 -4.68 0.08 -7.99
CA ASP A 75 -5.62 1.18 -8.14
C ASP A 75 -6.13 1.66 -6.78
N GLU A 76 -6.61 0.71 -5.97
CA GLU A 76 -7.10 1.03 -4.62
C GLU A 76 -5.98 1.51 -3.72
N PHE A 77 -4.84 0.84 -3.78
CA PHE A 77 -3.68 1.16 -2.95
C PHE A 77 -3.26 2.61 -3.17
N LEU A 78 -3.16 3.01 -4.43
CA LEU A 78 -2.76 4.37 -4.76
C LEU A 78 -3.74 5.40 -4.25
N VAL A 79 -5.02 5.20 -4.54
CA VAL A 79 -6.06 6.17 -4.19
C VAL A 79 -6.42 6.13 -2.71
N MET A 80 -6.52 4.92 -2.17
CA MET A 80 -6.89 4.70 -0.78
C MET A 80 -5.89 5.32 0.19
N MET A 81 -4.61 5.21 -0.14
CA MET A 81 -3.56 5.74 0.73
C MET A 81 -3.67 7.26 0.87
N VAL A 82 -4.06 7.92 -0.21
CA VAL A 82 -4.20 9.38 -0.20
C VAL A 82 -5.23 9.84 0.82
N ARG A 83 -6.16 8.94 1.18
CA ARG A 83 -7.20 9.28 2.16
C ARG A 83 -6.58 9.59 3.51
N CYS A 84 -5.57 8.81 3.89
CA CYS A 84 -4.89 8.98 5.18
C CYS A 84 -3.87 10.12 5.15
N MET A 85 -3.47 10.52 3.94
CA MET A 85 -2.43 11.55 3.77
C MET A 85 -2.87 12.90 4.35
N LYS A 86 -4.12 13.27 4.13
CA LYS A 86 -4.64 14.53 4.68
C LYS A 86 -4.65 14.56 6.21
N ASP A 87 -5.06 13.44 6.83
CA ASP A 87 -5.23 13.38 8.28
C ASP A 87 -3.90 13.53 9.05
N ASP A 88 -2.85 12.84 8.57
CA ASP A 88 -1.51 12.83 9.22
C ASP A 88 -1.50 13.55 10.60
N SER A 89 -1.16 14.85 10.57
CA SER A 89 -1.15 15.69 11.77
C SER A 89 -0.43 17.02 11.49
N ARG B 1 1.75 8.99 2.54
CA ARG B 1 2.46 9.48 3.76
C ARG B 1 1.94 8.77 5.02
N ILE B 2 0.60 8.72 5.18
CA ILE B 2 -0.04 8.09 6.36
C ILE B 2 0.89 8.07 7.58
N SER B 3 1.29 9.27 8.00
CA SER B 3 2.12 9.48 9.19
C SER B 3 3.31 8.49 9.30
N ALA B 4 3.89 8.10 8.15
CA ALA B 4 5.04 7.18 8.19
C ALA B 4 5.77 7.08 6.83
N ASP B 5 5.03 6.72 5.79
CA ASP B 5 5.58 6.54 4.41
C ASP B 5 6.86 5.70 4.38
N ALA B 6 7.04 4.86 5.39
CA ALA B 6 8.16 3.95 5.41
C ALA B 6 8.06 2.94 4.25
N MET B 7 6.85 2.79 3.74
CA MET B 7 6.54 1.84 2.68
C MET B 7 7.28 2.15 1.38
N MET B 8 7.47 3.43 1.06
CA MET B 8 8.22 3.79 -0.13
C MET B 8 9.66 3.28 0.01
N GLN B 9 10.20 3.41 1.23
CA GLN B 9 11.54 2.96 1.58
C GLN B 9 11.66 1.43 1.55
N ALA B 10 10.52 0.75 1.54
CA ALA B 10 10.43 -0.72 1.61
C ALA B 10 11.59 -1.45 0.90
N LEU B 11 12.25 -0.77 -0.04
CA LEU B 11 13.42 -1.34 -0.74
C LEU B 11 14.53 -1.62 0.29
N LEU B 12 14.70 -0.68 1.21
CA LEU B 12 15.68 -0.79 2.28
C LEU B 12 17.08 -1.15 1.73
N GLY B 13 17.57 -2.33 2.08
CA GLY B 13 18.87 -2.82 1.62
C GLY B 13 18.74 -4.21 0.99
N ALA B 14 17.53 -4.57 0.59
CA ALA B 14 17.27 -5.91 0.04
C ALA B 14 18.10 -6.17 -1.23
N ARG B 15 18.02 -5.24 -2.19
CA ARG B 15 18.77 -5.34 -3.45
C ARG B 15 18.16 -4.42 -4.51
N ALA B 16 18.88 -4.24 -5.62
CA ALA B 16 18.40 -3.42 -6.72
C ALA B 16 17.69 -4.25 -7.79
N LYS B 17 18.45 -5.05 -8.52
CA LYS B 17 17.89 -5.90 -9.59
C LYS B 17 17.53 -7.29 -9.06
N MET A 1 -19.78 11.44 -8.88
CA MET A 1 -19.78 10.55 -7.70
C MET A 1 -18.62 10.94 -6.78
N ASP A 2 -17.96 9.94 -6.18
CA ASP A 2 -16.85 10.18 -5.30
C ASP A 2 -15.57 10.46 -6.11
N ASP A 3 -15.57 11.60 -6.80
CA ASP A 3 -14.47 12.03 -7.66
C ASP A 3 -13.29 12.56 -6.83
N ILE A 4 -13.50 12.69 -5.53
CA ILE A 4 -12.48 13.19 -4.61
C ILE A 4 -11.22 12.31 -4.61
N TYR A 5 -11.42 11.00 -4.75
CA TYR A 5 -10.29 10.06 -4.79
C TYR A 5 -9.37 10.40 -5.95
N LYS A 6 -9.98 10.58 -7.11
CA LYS A 6 -9.25 10.90 -8.33
C LYS A 6 -8.56 12.26 -8.21
N ALA A 7 -9.26 13.21 -7.61
CA ALA A 7 -8.75 14.56 -7.40
C ALA A 7 -7.52 14.56 -6.49
N ALA A 8 -7.50 13.60 -5.56
CA ALA A 8 -6.40 13.47 -4.60
C ALA A 8 -5.07 13.20 -5.29
N VAL A 9 -5.12 12.45 -6.39
CA VAL A 9 -3.93 12.09 -7.16
C VAL A 9 -3.19 13.34 -7.67
N GLU A 10 -3.91 14.47 -7.70
CA GLU A 10 -3.31 15.75 -8.09
C GLU A 10 -2.18 16.12 -7.13
N GLN A 11 -2.33 15.71 -5.88
CA GLN A 11 -1.32 15.96 -4.84
C GLN A 11 -0.04 15.17 -5.17
N LEU A 12 -0.22 13.96 -5.69
CA LEU A 12 0.89 13.09 -6.11
C LEU A 12 1.43 13.54 -7.47
N THR A 13 2.76 13.51 -7.62
CA THR A 13 3.37 13.82 -8.92
C THR A 13 3.43 12.58 -9.80
N GLU A 14 3.67 12.78 -11.08
CA GLU A 14 3.81 11.63 -12.00
C GLU A 14 5.05 10.81 -11.62
N GLU A 15 6.11 11.51 -11.19
CA GLU A 15 7.32 10.86 -10.72
C GLU A 15 7.04 10.07 -9.46
N GLN A 16 6.23 10.67 -8.57
CA GLN A 16 5.82 10.01 -7.35
C GLN A 16 4.96 8.80 -7.63
N LYS A 17 4.03 8.93 -8.58
CA LYS A 17 3.17 7.81 -8.96
C LYS A 17 4.02 6.67 -9.52
N ASN A 18 5.02 7.01 -10.34
CA ASN A 18 5.89 5.99 -10.91
C ASN A 18 6.73 5.32 -9.80
N GLU A 19 7.24 6.13 -8.88
CA GLU A 19 8.00 5.64 -7.73
C GLU A 19 7.09 4.89 -6.76
N PHE A 20 5.82 5.26 -6.81
CA PHE A 20 4.79 4.72 -5.93
C PHE A 20 4.71 3.21 -6.11
N LYS A 21 4.71 2.78 -7.38
CA LYS A 21 4.56 1.37 -7.72
C LYS A 21 5.82 0.55 -7.43
N ALA A 22 6.94 1.24 -7.26
CA ALA A 22 8.23 0.57 -7.04
C ALA A 22 8.13 -0.48 -5.93
N ALA A 23 7.54 -0.08 -4.80
CA ALA A 23 7.36 -0.99 -3.66
C ALA A 23 6.12 -1.87 -3.80
N PHE A 24 5.28 -1.55 -4.77
CA PHE A 24 4.08 -2.35 -5.03
C PHE A 24 4.47 -3.78 -5.38
N ASP A 25 5.55 -3.92 -6.16
CA ASP A 25 6.03 -5.22 -6.61
C ASP A 25 6.36 -6.13 -5.43
N ILE A 26 6.78 -5.52 -4.32
CA ILE A 26 7.12 -6.31 -3.13
C ILE A 26 5.90 -7.10 -2.65
N PHE A 27 4.71 -6.51 -2.77
CA PHE A 27 3.48 -7.20 -2.36
C PHE A 27 3.32 -8.46 -3.19
N VAL A 28 3.48 -8.29 -4.49
CA VAL A 28 3.22 -9.35 -5.44
C VAL A 28 4.49 -9.77 -6.19
N LEU A 29 5.28 -10.61 -5.53
CA LEU A 29 6.48 -11.20 -6.13
C LEU A 29 6.18 -12.56 -6.76
N GLY A 30 4.90 -12.81 -6.99
CA GLY A 30 4.44 -14.06 -7.57
C GLY A 30 2.92 -14.06 -7.77
N ALA A 31 2.24 -13.22 -6.98
CA ALA A 31 0.78 -13.14 -7.02
C ALA A 31 0.27 -12.42 -8.28
N GLU A 32 -0.07 -13.20 -9.30
CA GLU A 32 -0.61 -12.70 -10.57
C GLU A 32 -1.91 -11.91 -10.34
N ASP A 33 -2.47 -12.06 -9.15
CA ASP A 33 -3.76 -11.47 -8.79
C ASP A 33 -3.72 -9.94 -8.87
N GLY A 34 -2.61 -9.36 -8.45
CA GLY A 34 -2.43 -7.90 -8.52
C GLY A 34 -2.99 -7.18 -7.29
N CYS A 35 -3.49 -7.95 -6.32
CA CYS A 35 -3.99 -7.38 -5.07
C CYS A 35 -3.16 -7.87 -3.89
N ILE A 36 -3.25 -7.14 -2.78
CA ILE A 36 -2.57 -7.55 -1.57
C ILE A 36 -3.63 -8.21 -0.67
N SER A 37 -3.50 -9.51 -0.45
CA SER A 37 -4.49 -10.26 0.31
C SER A 37 -3.96 -10.57 1.70
N THR A 38 -3.35 -9.56 2.31
CA THR A 38 -2.75 -9.62 3.63
C THR A 38 -1.63 -10.67 3.78
N LYS A 39 -1.75 -11.80 3.07
CA LYS A 39 -0.66 -12.78 3.02
C LYS A 39 0.51 -12.10 2.31
N GLU A 40 0.18 -11.40 1.25
CA GLU A 40 1.12 -10.61 0.49
C GLU A 40 1.58 -9.42 1.32
N LEU A 41 0.67 -8.89 2.15
CA LEU A 41 0.99 -7.72 2.97
C LEU A 41 2.10 -8.03 3.95
N GLY A 42 2.08 -9.23 4.53
CA GLY A 42 3.10 -9.65 5.52
C GLY A 42 4.50 -9.27 5.05
N LYS A 43 4.64 -9.13 3.73
CA LYS A 43 5.89 -8.71 3.11
C LYS A 43 6.24 -7.28 3.55
N VAL A 44 5.21 -6.46 3.75
CA VAL A 44 5.35 -5.07 4.16
C VAL A 44 6.05 -4.96 5.51
N MET A 45 5.66 -5.81 6.44
CA MET A 45 6.23 -5.78 7.78
C MET A 45 7.72 -6.03 7.77
N ARG A 46 8.18 -6.84 6.81
CA ARG A 46 9.62 -7.08 6.64
C ARG A 46 10.35 -5.76 6.40
N MET A 47 9.76 -4.90 5.56
CA MET A 47 10.36 -3.60 5.24
C MET A 47 10.48 -2.78 6.52
N LEU A 48 9.40 -2.77 7.30
CA LEU A 48 9.30 -2.04 8.56
C LEU A 48 10.20 -2.62 9.65
N GLY A 49 10.26 -3.95 9.73
CA GLY A 49 11.05 -4.63 10.74
C GLY A 49 10.20 -4.97 11.98
N GLN A 50 9.01 -5.51 11.72
CA GLN A 50 8.06 -5.88 12.79
C GLN A 50 7.68 -7.36 12.69
N ASN A 51 7.21 -7.95 13.81
CA ASN A 51 6.88 -9.39 13.85
C ASN A 51 5.40 -9.66 14.16
N PRO A 52 4.50 -8.93 13.55
CA PRO A 52 3.03 -9.13 13.72
C PRO A 52 2.52 -10.39 12.99
N THR A 53 1.42 -10.98 13.49
CA THR A 53 0.81 -12.15 12.82
C THR A 53 0.00 -11.72 11.60
N PRO A 54 -0.42 -12.67 10.78
CA PRO A 54 -1.29 -12.38 9.61
C PRO A 54 -2.58 -11.69 10.04
N GLU A 55 -3.01 -11.97 11.28
CA GLU A 55 -4.20 -11.32 11.86
C GLU A 55 -3.93 -9.83 12.01
N GLU A 56 -2.71 -9.49 12.46
CA GLU A 56 -2.29 -8.11 12.58
C GLU A 56 -2.15 -7.45 11.21
N LEU A 57 -1.66 -8.22 10.24
CA LEU A 57 -1.47 -7.70 8.87
C LEU A 57 -2.80 -7.29 8.24
N GLN A 58 -3.82 -8.08 8.42
CA GLN A 58 -5.12 -7.76 7.86
C GLN A 58 -5.68 -6.48 8.49
N GLU A 59 -5.36 -6.27 9.77
CA GLU A 59 -5.75 -5.04 10.48
C GLU A 59 -5.08 -3.82 9.85
N MET A 60 -3.84 -4.00 9.37
CA MET A 60 -3.13 -2.92 8.68
C MET A 60 -3.91 -2.54 7.43
N ILE A 61 -4.39 -3.56 6.71
CA ILE A 61 -5.27 -3.37 5.56
C ILE A 61 -6.60 -2.75 5.98
N ASP A 62 -7.17 -3.25 7.06
CA ASP A 62 -8.49 -2.82 7.50
C ASP A 62 -8.51 -1.31 7.79
N GLU A 63 -7.49 -0.83 8.46
CA GLU A 63 -7.37 0.60 8.75
C GLU A 63 -7.18 1.40 7.45
N VAL A 64 -6.34 0.85 6.59
CA VAL A 64 -6.03 1.45 5.28
C VAL A 64 -7.22 1.38 4.29
N ASP A 65 -7.87 0.22 4.24
CA ASP A 65 -8.91 -0.05 3.25
C ASP A 65 -10.29 0.43 3.76
N GLU A 66 -10.69 1.61 3.30
CA GLU A 66 -11.91 2.27 3.78
C GLU A 66 -13.09 2.06 2.80
N ASP A 67 -12.88 1.24 1.77
CA ASP A 67 -13.93 0.97 0.79
C ASP A 67 -14.87 -0.14 1.26
N GLY A 68 -14.42 -0.93 2.23
CA GLY A 68 -15.21 -2.02 2.78
C GLY A 68 -14.97 -3.37 2.06
N SER A 69 -13.96 -3.43 1.17
CA SER A 69 -13.65 -4.69 0.48
C SER A 69 -12.84 -5.63 1.37
N GLY A 70 -11.99 -5.05 2.21
CA GLY A 70 -11.12 -5.83 3.08
C GLY A 70 -9.88 -6.33 2.34
N THR A 71 -9.78 -5.96 1.06
CA THR A 71 -8.62 -6.30 0.23
C THR A 71 -8.08 -5.03 -0.42
N VAL A 72 -6.76 -4.95 -0.54
CA VAL A 72 -6.10 -3.76 -1.08
C VAL A 72 -5.47 -4.04 -2.44
N ASP A 73 -6.11 -3.55 -3.49
CA ASP A 73 -5.61 -3.73 -4.86
C ASP A 73 -4.78 -2.52 -5.30
N PHE A 74 -4.21 -2.60 -6.50
CA PHE A 74 -3.34 -1.53 -7.01
C PHE A 74 -4.09 -0.20 -7.11
N ASP A 75 -5.31 -0.24 -7.66
CA ASP A 75 -6.11 0.97 -7.83
C ASP A 75 -6.50 1.58 -6.47
N GLU A 76 -6.83 0.72 -5.51
CA GLU A 76 -7.06 1.17 -4.12
C GLU A 76 -5.75 1.65 -3.51
N PHE A 77 -4.70 0.91 -3.78
CA PHE A 77 -3.38 1.23 -3.27
C PHE A 77 -2.95 2.62 -3.70
N LEU A 78 -3.12 2.93 -4.99
CA LEU A 78 -2.76 4.25 -5.50
C LEU A 78 -3.75 5.35 -5.04
N VAL A 79 -5.06 5.12 -5.27
CA VAL A 79 -6.09 6.17 -5.04
C VAL A 79 -6.76 6.14 -3.66
N MET A 80 -7.06 4.96 -3.14
CA MET A 80 -7.78 4.87 -1.85
C MET A 80 -6.95 5.43 -0.70
N MET A 81 -5.65 5.11 -0.72
CA MET A 81 -4.72 5.54 0.33
C MET A 81 -4.70 7.08 0.45
N VAL A 82 -5.18 7.76 -0.59
CA VAL A 82 -5.15 9.22 -0.63
C VAL A 82 -6.00 9.88 0.48
N ARG A 83 -7.04 9.19 0.99
CA ARG A 83 -7.84 9.77 2.10
C ARG A 83 -6.94 10.04 3.29
N CYS A 84 -6.09 9.07 3.61
CA CYS A 84 -5.13 9.21 4.70
C CYS A 84 -4.17 10.36 4.40
N MET A 85 -3.80 10.50 3.12
CA MET A 85 -2.89 11.56 2.71
C MET A 85 -3.52 12.94 2.98
N LYS A 86 -4.80 13.09 2.62
CA LYS A 86 -5.52 14.33 2.89
C LYS A 86 -5.71 14.60 4.39
N ASP A 87 -6.10 13.58 5.15
CA ASP A 87 -6.36 13.75 6.58
C ASP A 87 -6.56 12.41 7.31
N ASP A 88 -6.57 12.47 8.65
CA ASP A 88 -6.85 11.31 9.50
C ASP A 88 -7.53 11.75 10.80
N SER A 89 -8.62 11.07 11.15
CA SER A 89 -9.39 11.41 12.36
C SER A 89 -10.40 10.32 12.70
N ARG B 1 3.41 8.58 1.90
CA ARG B 1 2.47 9.73 2.05
C ARG B 1 1.61 9.52 3.29
N ILE B 2 0.81 8.44 3.30
CA ILE B 2 0.01 8.08 4.47
C ILE B 2 0.86 8.11 5.76
N SER B 3 0.79 9.24 6.49
CA SER B 3 1.57 9.47 7.71
C SER B 3 3.07 9.54 7.41
N ALA B 4 3.56 8.54 6.69
CA ALA B 4 4.96 8.46 6.31
C ALA B 4 5.11 7.92 4.89
N ASP B 5 6.21 8.28 4.26
CA ASP B 5 6.53 7.82 2.91
C ASP B 5 7.48 6.61 2.95
N ALA B 6 7.69 6.07 4.15
CA ALA B 6 8.66 4.98 4.38
C ALA B 6 8.56 3.82 3.36
N MET B 7 7.45 3.75 2.64
CA MET B 7 7.24 2.69 1.65
C MET B 7 8.33 2.69 0.57
N MET B 8 8.76 3.88 0.17
CA MET B 8 9.86 4.02 -0.79
C MET B 8 11.15 3.44 -0.21
N GLN B 9 11.35 3.63 1.08
CA GLN B 9 12.52 3.09 1.79
C GLN B 9 12.56 1.54 1.70
N ALA B 10 11.43 0.94 1.28
CA ALA B 10 11.28 -0.53 1.19
C ALA B 10 12.33 -1.18 0.28
N LEU B 11 12.87 -0.40 -0.62
CA LEU B 11 13.83 -0.90 -1.60
C LEU B 11 15.07 -1.49 -0.91
N LEU B 12 15.38 -1.00 0.29
CA LEU B 12 16.51 -1.48 1.08
C LEU B 12 16.36 -2.96 1.49
N GLY B 13 17.48 -3.69 1.47
CA GLY B 13 17.52 -5.09 1.93
C GLY B 13 17.24 -6.10 0.82
N ALA B 14 16.28 -5.78 -0.05
CA ALA B 14 15.91 -6.70 -1.14
C ALA B 14 17.03 -6.78 -2.20
N ARG B 15 18.13 -7.44 -1.82
CA ARG B 15 19.31 -7.58 -2.67
C ARG B 15 19.47 -9.00 -3.23
N ALA B 16 18.57 -9.90 -2.84
CA ALA B 16 18.66 -11.30 -3.26
C ALA B 16 17.27 -11.93 -3.39
N LYS B 17 17.12 -12.82 -4.37
CA LYS B 17 15.87 -13.54 -4.58
C LYS B 17 15.93 -14.93 -3.97
N MET A 1 -16.19 8.37 -2.06
CA MET A 1 -15.17 7.99 -3.09
C MET A 1 -15.59 8.59 -4.43
N ASP A 2 -15.13 9.82 -4.68
CA ASP A 2 -15.53 10.57 -5.86
C ASP A 2 -14.32 11.02 -6.70
N ASP A 3 -14.57 11.91 -7.66
CA ASP A 3 -13.54 12.46 -8.55
C ASP A 3 -12.47 13.23 -7.78
N ILE A 4 -12.82 13.73 -6.59
CA ILE A 4 -11.87 14.50 -5.78
C ILE A 4 -10.68 13.64 -5.41
N TYR A 5 -10.95 12.38 -5.07
CA TYR A 5 -9.91 11.42 -4.77
C TYR A 5 -9.06 11.14 -6.01
N LYS A 6 -9.72 11.11 -7.18
CA LYS A 6 -9.00 10.94 -8.45
C LYS A 6 -8.01 12.09 -8.65
N ALA A 7 -8.48 13.32 -8.43
CA ALA A 7 -7.63 14.50 -8.55
C ALA A 7 -6.66 14.60 -7.37
N ALA A 8 -6.95 13.87 -6.29
CA ALA A 8 -6.08 13.87 -5.11
C ALA A 8 -4.70 13.31 -5.43
N VAL A 9 -4.67 12.28 -6.27
CA VAL A 9 -3.40 11.67 -6.68
C VAL A 9 -2.53 12.68 -7.44
N GLU A 10 -3.19 13.60 -8.16
CA GLU A 10 -2.51 14.66 -8.90
C GLU A 10 -1.71 15.58 -7.95
N GLN A 11 -2.08 15.56 -6.67
CA GLN A 11 -1.37 16.32 -5.63
C GLN A 11 0.04 15.77 -5.44
N LEU A 12 0.15 14.45 -5.65
CA LEU A 12 1.43 13.76 -5.52
C LEU A 12 2.32 14.08 -6.73
N THR A 13 3.63 14.11 -6.50
CA THR A 13 4.57 14.39 -7.57
C THR A 13 4.67 13.20 -8.52
N GLU A 14 5.26 13.44 -9.69
CA GLU A 14 5.46 12.37 -10.66
C GLU A 14 6.38 11.31 -10.06
N GLU A 15 7.29 11.78 -9.22
CA GLU A 15 8.21 10.91 -8.51
C GLU A 15 7.45 10.01 -7.53
N GLN A 16 6.53 10.61 -6.77
CA GLN A 16 5.74 9.82 -5.82
C GLN A 16 4.88 8.78 -6.50
N LYS A 17 4.18 9.18 -7.56
CA LYS A 17 3.24 8.29 -8.25
C LYS A 17 3.95 7.07 -8.84
N ASN A 18 5.06 7.35 -9.56
CA ASN A 18 5.83 6.28 -10.20
C ASN A 18 6.55 5.41 -9.17
N GLU A 19 7.14 6.06 -8.17
CA GLU A 19 7.85 5.36 -7.11
C GLU A 19 6.87 4.65 -6.19
N PHE A 20 5.62 5.09 -6.25
CA PHE A 20 4.55 4.56 -5.40
C PHE A 20 4.42 3.04 -5.64
N LYS A 21 4.41 2.67 -6.92
CA LYS A 21 4.27 1.29 -7.35
C LYS A 21 5.43 0.41 -6.85
N ALA A 22 6.64 0.97 -6.83
CA ALA A 22 7.85 0.21 -6.46
C ALA A 22 7.66 -0.52 -5.13
N ALA A 23 7.12 0.18 -4.14
CA ALA A 23 6.78 -0.44 -2.86
C ALA A 23 5.66 -1.46 -3.01
N PHE A 24 4.73 -1.16 -3.90
CA PHE A 24 3.62 -2.07 -4.17
C PHE A 24 4.16 -3.41 -4.68
N ASP A 25 5.18 -3.30 -5.54
CA ASP A 25 5.86 -4.46 -6.13
C ASP A 25 6.47 -5.39 -5.07
N ILE A 26 6.94 -4.82 -3.93
CA ILE A 26 7.57 -5.66 -2.89
C ILE A 26 6.59 -6.72 -2.38
N PHE A 27 5.30 -6.41 -2.46
CA PHE A 27 4.28 -7.34 -1.98
C PHE A 27 4.01 -8.42 -3.02
N VAL A 28 3.55 -7.98 -4.18
CA VAL A 28 3.16 -8.90 -5.26
C VAL A 28 4.35 -9.71 -5.78
N LEU A 29 5.49 -9.05 -5.97
CA LEU A 29 6.69 -9.69 -6.50
C LEU A 29 6.35 -10.69 -7.61
N GLY A 30 5.61 -10.23 -8.61
CA GLY A 30 5.20 -11.09 -9.71
C GLY A 30 3.99 -11.96 -9.33
N ALA A 31 3.16 -11.45 -8.42
CA ALA A 31 1.98 -12.18 -7.95
C ALA A 31 0.99 -12.43 -9.07
N GLU A 32 0.31 -13.58 -9.02
CA GLU A 32 -0.67 -13.96 -10.05
C GLU A 32 -1.87 -12.99 -10.06
N ASP A 33 -2.43 -12.72 -8.88
CA ASP A 33 -3.57 -11.79 -8.77
C ASP A 33 -3.14 -10.34 -8.97
N GLY A 34 -1.94 -10.02 -8.48
CA GLY A 34 -1.40 -8.66 -8.56
C GLY A 34 -1.95 -7.76 -7.45
N CYS A 35 -2.76 -8.34 -6.55
CA CYS A 35 -3.32 -7.60 -5.41
C CYS A 35 -2.62 -8.04 -4.11
N ILE A 36 -2.79 -7.26 -3.04
CA ILE A 36 -2.25 -7.65 -1.75
C ILE A 36 -3.37 -8.30 -0.93
N SER A 37 -3.23 -9.59 -0.64
CA SER A 37 -4.31 -10.37 -0.03
C SER A 37 -3.89 -10.97 1.31
N THR A 38 -3.40 -10.11 2.19
CA THR A 38 -2.91 -10.48 3.53
C THR A 38 -1.77 -11.50 3.52
N LYS A 39 -1.90 -12.53 2.68
CA LYS A 39 -0.81 -13.49 2.47
C LYS A 39 0.39 -12.74 1.89
N GLU A 40 0.07 -11.89 0.93
CA GLU A 40 1.04 -11.02 0.26
C GLU A 40 1.49 -9.90 1.20
N LEU A 41 0.54 -9.43 2.02
CA LEU A 41 0.73 -8.24 2.87
C LEU A 41 1.83 -8.43 3.91
N GLY A 42 1.89 -9.62 4.50
CA GLY A 42 2.84 -9.90 5.59
C GLY A 42 4.24 -9.33 5.32
N LYS A 43 4.54 -9.12 4.05
CA LYS A 43 5.78 -8.51 3.63
C LYS A 43 5.87 -7.08 4.17
N VAL A 44 4.71 -6.42 4.22
CA VAL A 44 4.60 -5.05 4.73
C VAL A 44 5.07 -4.98 6.17
N MET A 45 4.66 -5.95 6.98
CA MET A 45 5.05 -6.01 8.37
C MET A 45 6.55 -6.23 8.48
N ARG A 46 7.08 -7.04 7.58
CA ARG A 46 8.51 -7.37 7.59
C ARG A 46 9.36 -6.12 7.45
N MET A 47 8.95 -5.20 6.57
CA MET A 47 9.66 -3.94 6.37
C MET A 47 9.71 -3.18 7.69
N LEU A 48 8.57 -3.17 8.37
CA LEU A 48 8.46 -2.56 9.68
C LEU A 48 9.34 -3.29 10.69
N GLY A 49 9.37 -4.62 10.56
CA GLY A 49 10.22 -5.46 11.41
C GLY A 49 9.42 -6.54 12.13
N GLN A 50 8.26 -6.89 11.58
CA GLN A 50 7.38 -7.89 12.19
C GLN A 50 7.03 -9.00 11.19
N ASN A 51 6.86 -10.23 11.70
CA ASN A 51 6.52 -11.38 10.85
C ASN A 51 5.36 -12.21 11.46
N PRO A 52 4.27 -11.56 11.81
CA PRO A 52 3.08 -12.22 12.40
C PRO A 52 2.27 -13.03 11.38
N THR A 53 1.45 -13.93 11.89
CA THR A 53 0.60 -14.81 11.08
C THR A 53 -0.24 -14.03 10.05
N PRO A 54 -0.42 -14.58 8.85
CA PRO A 54 -1.27 -13.94 7.77
C PRO A 54 -2.69 -13.60 8.24
N GLU A 55 -3.26 -14.48 9.06
CA GLU A 55 -4.60 -14.26 9.62
C GLU A 55 -4.62 -13.00 10.48
N GLU A 56 -3.58 -12.83 11.30
CA GLU A 56 -3.39 -11.62 12.10
C GLU A 56 -3.13 -10.42 11.18
N LEU A 57 -2.45 -10.71 10.07
CA LEU A 57 -2.07 -9.69 9.08
C LEU A 57 -3.31 -9.02 8.45
N GLN A 58 -4.34 -9.82 8.19
CA GLN A 58 -5.56 -9.35 7.52
C GLN A 58 -6.20 -8.14 8.22
N GLU A 59 -6.03 -8.06 9.54
CA GLU A 59 -6.64 -6.97 10.32
C GLU A 59 -6.14 -5.59 9.84
N MET A 60 -4.87 -5.52 9.42
CA MET A 60 -4.32 -4.27 8.89
C MET A 60 -5.04 -3.85 7.61
N ILE A 61 -5.40 -4.84 6.79
CA ILE A 61 -6.18 -4.56 5.58
C ILE A 61 -7.54 -3.98 5.94
N ASP A 62 -8.20 -4.54 6.97
CA ASP A 62 -9.50 -4.02 7.40
C ASP A 62 -9.39 -2.57 7.86
N GLU A 63 -8.32 -2.26 8.57
CA GLU A 63 -8.09 -0.89 9.04
C GLU A 63 -7.81 0.04 7.86
N VAL A 64 -6.91 -0.41 7.00
CA VAL A 64 -6.49 0.33 5.81
C VAL A 64 -7.59 0.41 4.76
N ASP A 65 -8.26 -0.71 4.52
CA ASP A 65 -9.21 -0.83 3.42
C ASP A 65 -10.58 -0.25 3.83
N GLU A 66 -10.73 1.05 3.60
CA GLU A 66 -11.98 1.75 3.90
C GLU A 66 -13.11 1.28 2.99
N ASP A 67 -12.78 0.96 1.74
CA ASP A 67 -13.78 0.51 0.78
C ASP A 67 -14.43 -0.81 1.24
N GLY A 68 -13.70 -1.55 2.09
CA GLY A 68 -14.24 -2.78 2.69
C GLY A 68 -14.29 -3.95 1.71
N SER A 69 -13.33 -4.02 0.79
CA SER A 69 -13.29 -5.13 -0.17
C SER A 69 -12.67 -6.37 0.44
N GLY A 70 -12.05 -6.21 1.61
CA GLY A 70 -11.36 -7.31 2.27
C GLY A 70 -9.97 -7.53 1.67
N THR A 71 -9.68 -6.75 0.64
CA THR A 71 -8.40 -6.81 -0.05
C THR A 71 -7.90 -5.40 -0.34
N VAL A 72 -6.65 -5.32 -0.73
CA VAL A 72 -6.01 -4.04 -1.05
C VAL A 72 -5.31 -4.11 -2.41
N ASP A 73 -6.08 -3.88 -3.48
CA ASP A 73 -5.54 -3.90 -4.85
C ASP A 73 -4.77 -2.60 -5.12
N PHE A 74 -4.10 -2.53 -6.27
CA PHE A 74 -3.30 -1.36 -6.61
C PHE A 74 -4.17 -0.10 -6.67
N ASP A 75 -5.31 -0.21 -7.33
CA ASP A 75 -6.24 0.92 -7.45
C ASP A 75 -6.77 1.35 -6.08
N GLU A 76 -7.06 0.38 -5.22
CA GLU A 76 -7.47 0.69 -3.84
C GLU A 76 -6.27 1.25 -3.07
N PHE A 77 -5.13 0.63 -3.29
CA PHE A 77 -3.89 1.01 -2.65
C PHE A 77 -3.59 2.48 -2.94
N LEU A 78 -3.73 2.86 -4.19
CA LEU A 78 -3.53 4.25 -4.58
C LEU A 78 -4.66 5.16 -4.08
N VAL A 79 -5.84 5.01 -4.68
CA VAL A 79 -6.98 5.92 -4.45
C VAL A 79 -7.51 5.90 -3.00
N MET A 80 -7.74 4.71 -2.45
CA MET A 80 -8.30 4.57 -1.10
C MET A 80 -7.35 5.14 -0.04
N MET A 81 -6.06 4.88 -0.21
CA MET A 81 -5.06 5.33 0.75
C MET A 81 -5.03 6.86 0.85
N VAL A 82 -5.25 7.53 -0.28
CA VAL A 82 -5.23 9.00 -0.33
C VAL A 82 -6.13 9.63 0.74
N ARG A 83 -7.06 8.84 1.27
CA ARG A 83 -7.89 9.30 2.39
C ARG A 83 -7.01 9.65 3.59
N CYS A 84 -6.00 8.79 3.83
CA CYS A 84 -5.05 9.00 4.92
C CYS A 84 -4.26 10.29 4.75
N MET A 85 -3.96 10.65 3.50
CA MET A 85 -3.17 11.85 3.21
C MET A 85 -3.89 13.13 3.69
N LYS A 86 -5.18 13.25 3.36
CA LYS A 86 -6.02 14.37 3.83
C LYS A 86 -6.49 14.22 5.29
N ASP A 87 -6.83 12.98 5.68
CA ASP A 87 -7.38 12.69 7.02
C ASP A 87 -6.28 12.38 8.04
N ASP A 88 -5.04 12.59 7.64
CA ASP A 88 -3.88 12.32 8.48
C ASP A 88 -4.03 12.95 9.88
N SER A 89 -3.50 12.25 10.88
CA SER A 89 -3.54 12.72 12.26
C SER A 89 -2.51 12.00 13.13
N ARG B 1 0.92 7.16 0.93
CA ARG B 1 1.51 8.09 1.92
C ARG B 1 0.87 7.91 3.29
N ILE B 2 0.27 6.73 3.52
CA ILE B 2 -0.36 6.47 4.81
C ILE B 2 0.67 6.61 5.94
N SER B 3 0.35 7.45 6.91
CA SER B 3 1.29 7.78 7.98
C SER B 3 2.61 8.30 7.43
N ALA B 4 2.52 9.02 6.29
CA ALA B 4 3.69 9.58 5.58
C ALA B 4 4.13 8.65 4.43
N ASP B 5 5.07 9.15 3.63
CA ASP B 5 5.60 8.39 2.49
C ASP B 5 6.77 7.47 2.90
N ALA B 6 6.78 7.08 4.18
CA ALA B 6 7.82 6.18 4.72
C ALA B 6 7.87 4.88 3.93
N MET B 7 6.74 4.53 3.31
CA MET B 7 6.63 3.31 2.51
C MET B 7 7.60 3.32 1.33
N MET B 8 8.14 4.49 1.02
CA MET B 8 9.15 4.61 -0.03
C MET B 8 10.42 3.83 0.35
N GLN B 9 10.78 3.91 1.63
CA GLN B 9 11.95 3.17 2.18
C GLN B 9 11.70 1.66 2.16
N ALA B 10 10.43 1.27 2.08
CA ALA B 10 9.99 -0.14 2.12
C ALA B 10 10.88 -1.10 1.31
N LEU B 11 11.75 -0.56 0.45
CA LEU B 11 12.60 -1.40 -0.39
C LEU B 11 13.50 -2.28 0.47
N LEU B 12 14.06 -1.71 1.54
CA LEU B 12 14.86 -2.47 2.53
C LEU B 12 15.89 -3.40 1.84
N GLY B 13 16.12 -3.20 0.55
CA GLY B 13 17.01 -4.07 -0.23
C GLY B 13 16.29 -5.36 -0.67
N ALA B 14 15.10 -5.57 -0.10
CA ALA B 14 14.20 -6.69 -0.45
C ALA B 14 14.92 -7.92 -1.01
N ARG B 15 15.10 -7.94 -2.31
CA ARG B 15 15.70 -9.06 -3.05
C ARG B 15 17.21 -9.19 -2.79
N ALA B 16 17.64 -8.68 -1.64
CA ALA B 16 19.04 -8.72 -1.25
C ALA B 16 19.50 -10.16 -0.91
N LYS B 17 20.77 -10.44 -1.21
CA LYS B 17 21.37 -11.77 -0.97
C LYS B 17 21.39 -12.13 0.52
N MET A 1 -17.44 8.45 -6.27
CA MET A 1 -17.95 9.74 -6.85
C MET A 1 -16.90 10.82 -6.65
N ASP A 2 -15.95 10.57 -5.77
CA ASP A 2 -14.94 11.53 -5.39
C ASP A 2 -13.81 11.63 -6.41
N ASP A 3 -13.99 12.52 -7.38
CA ASP A 3 -12.95 12.81 -8.37
C ASP A 3 -11.84 13.62 -7.72
N ILE A 4 -12.10 14.08 -6.50
CA ILE A 4 -11.12 14.81 -5.72
C ILE A 4 -9.97 13.91 -5.28
N TYR A 5 -10.26 12.60 -5.16
CA TYR A 5 -9.21 11.62 -4.87
C TYR A 5 -8.25 11.58 -6.04
N LYS A 6 -8.82 11.60 -7.25
CA LYS A 6 -8.03 11.66 -8.48
C LYS A 6 -7.23 12.95 -8.53
N ALA A 7 -7.87 14.05 -8.16
CA ALA A 7 -7.19 15.34 -8.14
C ALA A 7 -6.03 15.31 -7.14
N ALA A 8 -6.25 14.68 -6.00
CA ALA A 8 -5.22 14.56 -4.98
C ALA A 8 -4.00 13.77 -5.48
N VAL A 9 -4.26 12.62 -6.11
CA VAL A 9 -3.18 11.82 -6.71
C VAL A 9 -2.56 12.53 -7.92
N GLU A 10 -3.39 13.25 -8.66
CA GLU A 10 -2.92 14.01 -9.83
C GLU A 10 -2.02 15.17 -9.41
N GLN A 11 -2.16 15.60 -8.15
CA GLN A 11 -1.25 16.60 -7.58
C GLN A 11 0.14 15.99 -7.43
N LEU A 12 0.17 14.69 -7.10
CA LEU A 12 1.42 13.95 -7.06
C LEU A 12 1.95 13.79 -8.49
N THR A 13 3.25 13.89 -8.67
CA THR A 13 3.84 13.77 -10.01
C THR A 13 3.83 12.32 -10.46
N GLU A 14 4.00 12.12 -11.75
CA GLU A 14 4.04 10.78 -12.31
C GLU A 14 5.22 10.00 -11.76
N GLU A 15 6.31 10.72 -11.47
CA GLU A 15 7.49 10.10 -10.90
C GLU A 15 7.15 9.47 -9.54
N GLN A 16 6.39 10.20 -8.70
CA GLN A 16 5.91 9.60 -7.45
C GLN A 16 5.00 8.44 -7.74
N LYS A 17 4.16 8.62 -8.74
CA LYS A 17 3.14 7.66 -9.10
C LYS A 17 3.80 6.32 -9.49
N ASN A 18 4.87 6.38 -10.30
CA ASN A 18 5.58 5.17 -10.71
C ASN A 18 6.30 4.51 -9.52
N GLU A 19 6.96 5.33 -8.70
CA GLU A 19 7.66 4.83 -7.49
C GLU A 19 6.63 4.34 -6.47
N PHE A 20 5.42 4.81 -6.63
CA PHE A 20 4.31 4.44 -5.76
C PHE A 20 4.15 2.93 -5.84
N LYS A 21 4.20 2.43 -7.08
CA LYS A 21 4.10 0.99 -7.36
C LYS A 21 5.29 0.23 -6.75
N ALA A 22 6.47 0.83 -6.74
CA ALA A 22 7.69 0.13 -6.29
C ALA A 22 7.44 -0.67 -5.01
N ALA A 23 6.83 -0.04 -4.01
CA ALA A 23 6.46 -0.74 -2.79
C ALA A 23 5.39 -1.79 -3.07
N PHE A 24 4.43 -1.40 -3.91
CA PHE A 24 3.35 -2.29 -4.31
C PHE A 24 3.92 -3.52 -5.01
N ASP A 25 5.01 -3.30 -5.75
CA ASP A 25 5.66 -4.35 -6.51
C ASP A 25 6.16 -5.45 -5.59
N ILE A 26 6.59 -5.08 -4.39
CA ILE A 26 7.10 -6.07 -3.45
C ILE A 26 6.09 -7.20 -3.22
N PHE A 27 4.82 -6.83 -3.19
CA PHE A 27 3.74 -7.76 -2.93
C PHE A 27 3.46 -8.70 -4.12
N VAL A 28 3.81 -8.26 -5.32
CA VAL A 28 3.48 -9.01 -6.54
C VAL A 28 4.67 -9.73 -7.18
N LEU A 29 5.82 -9.73 -6.50
CA LEU A 29 7.01 -10.39 -7.03
C LEU A 29 6.78 -11.89 -7.21
N GLY A 30 6.10 -12.50 -6.24
CA GLY A 30 5.84 -13.93 -6.25
C GLY A 30 4.33 -14.23 -6.40
N ALA A 31 3.51 -13.18 -6.40
CA ALA A 31 2.05 -13.34 -6.49
C ALA A 31 1.63 -13.80 -7.91
N GLU A 32 0.80 -14.86 -7.96
CA GLU A 32 0.30 -15.39 -9.24
C GLU A 32 -0.62 -14.37 -9.94
N ASP A 33 -1.55 -13.79 -9.17
CA ASP A 33 -2.51 -12.83 -9.72
C ASP A 33 -2.26 -11.39 -9.25
N GLY A 34 -1.26 -11.20 -8.38
CA GLY A 34 -0.90 -9.86 -7.93
C GLY A 34 -1.83 -9.33 -6.82
N CYS A 35 -1.71 -8.02 -6.55
CA CYS A 35 -2.48 -7.32 -5.50
C CYS A 35 -2.04 -7.76 -4.11
N ILE A 36 -2.40 -6.96 -3.09
CA ILE A 36 -2.06 -7.31 -1.73
C ILE A 36 -3.24 -8.04 -1.10
N SER A 37 -3.07 -9.34 -0.89
CA SER A 37 -4.15 -10.17 -0.35
C SER A 37 -3.88 -10.53 1.09
N THR A 38 -3.18 -9.64 1.79
CA THR A 38 -2.77 -9.85 3.17
C THR A 38 -1.70 -10.94 3.29
N LYS A 39 -1.78 -11.93 2.42
CA LYS A 39 -0.74 -12.95 2.32
C LYS A 39 0.57 -12.27 1.96
N GLU A 40 0.49 -11.33 1.02
CA GLU A 40 1.65 -10.55 0.59
C GLU A 40 1.87 -9.36 1.52
N LEU A 41 0.82 -8.99 2.23
CA LEU A 41 0.87 -7.85 3.14
C LEU A 41 1.90 -8.08 4.25
N GLY A 42 2.01 -9.33 4.73
CA GLY A 42 2.95 -9.67 5.81
C GLY A 42 4.31 -8.98 5.58
N LYS A 43 4.63 -8.75 4.31
CA LYS A 43 5.84 -8.04 3.92
C LYS A 43 5.86 -6.61 4.47
N VAL A 44 4.69 -5.98 4.54
CA VAL A 44 4.58 -4.61 5.05
C VAL A 44 5.07 -4.53 6.51
N MET A 45 4.61 -5.44 7.34
CA MET A 45 5.03 -5.46 8.74
C MET A 45 6.52 -5.80 8.88
N ARG A 46 6.99 -6.73 8.06
CA ARG A 46 8.42 -7.09 8.01
C ARG A 46 9.22 -5.85 7.58
N MET A 47 8.66 -5.14 6.63
CA MET A 47 9.20 -3.90 6.12
C MET A 47 9.30 -2.86 7.23
N LEU A 48 8.30 -2.86 8.11
CA LEU A 48 8.27 -1.95 9.24
C LEU A 48 9.21 -2.46 10.36
N GLY A 49 9.81 -3.65 10.13
CA GLY A 49 10.80 -4.22 11.06
C GLY A 49 10.17 -5.18 12.07
N GLN A 50 9.00 -5.71 11.74
CA GLN A 50 8.29 -6.63 12.63
C GLN A 50 7.75 -7.86 11.88
N ASN A 51 7.57 -8.97 12.60
CA ASN A 51 6.97 -10.19 12.05
C ASN A 51 5.74 -10.61 12.88
N PRO A 52 4.67 -9.84 12.82
CA PRO A 52 3.42 -10.10 13.60
C PRO A 52 2.64 -11.30 13.11
N THR A 53 1.81 -11.85 13.99
CA THR A 53 0.97 -12.99 13.66
C THR A 53 0.15 -12.70 12.37
N PRO A 54 0.12 -13.63 11.43
CA PRO A 54 -0.67 -13.45 10.16
C PRO A 54 -2.14 -13.12 10.42
N GLU A 55 -2.70 -13.68 11.49
CA GLU A 55 -4.07 -13.38 11.89
C GLU A 55 -4.22 -11.90 12.24
N GLU A 56 -3.23 -11.36 12.94
CA GLU A 56 -3.15 -9.93 13.25
C GLU A 56 -2.97 -9.14 11.94
N LEU A 57 -2.18 -9.71 11.06
CA LEU A 57 -1.85 -9.13 9.77
C LEU A 57 -3.12 -8.94 8.90
N GLN A 58 -4.04 -9.91 8.95
CA GLN A 58 -5.23 -9.90 8.08
C GLN A 58 -6.13 -8.67 8.30
N GLU A 59 -6.38 -8.33 9.56
CA GLU A 59 -7.29 -7.24 9.89
C GLU A 59 -6.75 -5.87 9.43
N MET A 60 -5.46 -5.84 9.09
CA MET A 60 -4.81 -4.60 8.65
C MET A 60 -5.47 -4.08 7.36
N ILE A 61 -5.75 -5.00 6.44
CA ILE A 61 -6.51 -4.68 5.23
C ILE A 61 -7.94 -4.25 5.55
N ASP A 62 -8.58 -4.98 6.48
CA ASP A 62 -9.96 -4.66 6.86
C ASP A 62 -10.01 -3.24 7.44
N GLU A 63 -9.00 -2.90 8.22
CA GLU A 63 -8.84 -1.55 8.73
C GLU A 63 -8.59 -0.57 7.57
N VAL A 64 -7.80 -1.02 6.61
CA VAL A 64 -7.45 -0.20 5.46
C VAL A 64 -8.25 -0.62 4.22
N ASP A 65 -9.57 -0.50 4.30
CA ASP A 65 -10.42 -0.89 3.17
C ASP A 65 -11.75 -0.12 3.16
N GLU A 66 -11.68 1.17 2.84
CA GLU A 66 -12.87 2.03 2.77
C GLU A 66 -13.80 1.60 1.64
N ASP A 67 -13.19 1.16 0.53
CA ASP A 67 -13.96 0.76 -0.64
C ASP A 67 -14.80 -0.50 -0.37
N GLY A 68 -14.39 -1.28 0.65
CA GLY A 68 -15.13 -2.49 1.02
C GLY A 68 -14.82 -3.68 0.10
N SER A 69 -13.66 -3.64 -0.55
CA SER A 69 -13.25 -4.72 -1.45
C SER A 69 -12.64 -5.90 -0.68
N GLY A 70 -12.26 -5.66 0.58
CA GLY A 70 -11.66 -6.71 1.43
C GLY A 70 -10.24 -7.03 0.98
N THR A 71 -9.79 -6.33 -0.05
CA THR A 71 -8.45 -6.48 -0.58
C THR A 71 -7.88 -5.12 -0.92
N VAL A 72 -6.59 -5.06 -1.19
CA VAL A 72 -5.93 -3.78 -1.50
C VAL A 72 -5.13 -3.83 -2.81
N ASP A 73 -5.75 -3.30 -3.88
CA ASP A 73 -5.13 -3.16 -5.21
C ASP A 73 -4.26 -1.90 -5.26
N PHE A 74 -3.41 -1.80 -6.29
CA PHE A 74 -2.55 -0.63 -6.43
C PHE A 74 -3.36 0.67 -6.53
N ASP A 75 -4.40 0.66 -7.36
CA ASP A 75 -5.24 1.85 -7.53
C ASP A 75 -5.93 2.20 -6.21
N GLU A 76 -6.36 1.17 -5.48
CA GLU A 76 -6.94 1.37 -4.16
C GLU A 76 -5.88 1.94 -3.22
N PHE A 77 -4.69 1.37 -3.29
CA PHE A 77 -3.55 1.83 -2.53
C PHE A 77 -3.27 3.30 -2.83
N LEU A 78 -3.44 3.68 -4.09
CA LEU A 78 -3.26 5.07 -4.52
C LEU A 78 -4.44 5.95 -4.08
N VAL A 79 -5.59 5.73 -4.71
CA VAL A 79 -6.78 6.58 -4.55
C VAL A 79 -7.37 6.54 -3.12
N MET A 80 -7.50 5.34 -2.55
CA MET A 80 -8.09 5.21 -1.22
C MET A 80 -7.19 5.84 -0.14
N MET A 81 -5.88 5.64 -0.29
CA MET A 81 -4.92 6.12 0.69
C MET A 81 -4.81 7.65 0.68
N VAL A 82 -5.39 8.26 -0.35
CA VAL A 82 -5.42 9.73 -0.45
C VAL A 82 -6.19 10.31 0.74
N ARG A 83 -7.04 9.51 1.34
CA ARG A 83 -7.86 9.92 2.46
C ARG A 83 -6.99 10.29 3.66
N CYS A 84 -5.96 9.47 3.93
CA CYS A 84 -5.02 9.70 5.03
C CYS A 84 -3.90 10.68 4.66
N MET A 85 -3.72 10.90 3.35
CA MET A 85 -2.69 11.81 2.84
C MET A 85 -2.93 13.24 3.31
N LYS A 86 -4.20 13.61 3.42
CA LYS A 86 -4.59 14.99 3.71
C LYS A 86 -4.01 15.46 5.04
N ASP A 87 -4.02 14.59 6.05
CA ASP A 87 -3.40 14.91 7.34
C ASP A 87 -1.87 14.87 7.22
N ASP A 88 -1.21 15.76 7.96
CA ASP A 88 0.25 15.85 7.90
C ASP A 88 0.93 14.57 8.44
N SER A 89 0.20 13.79 9.24
CA SER A 89 0.74 12.55 9.83
C SER A 89 1.55 11.73 8.81
N ARG B 1 0.89 7.97 1.31
CA ARG B 1 0.81 6.51 1.52
C ARG B 1 0.38 6.23 2.97
N ILE B 2 -0.57 7.05 3.45
CA ILE B 2 -1.07 6.99 4.83
C ILE B 2 -0.15 7.78 5.77
N SER B 3 -0.29 7.58 7.08
CA SER B 3 0.55 8.26 8.05
C SER B 3 2.02 7.92 7.79
N ALA B 4 2.82 8.97 7.54
CA ALA B 4 4.23 8.78 7.16
C ALA B 4 4.34 7.97 5.87
N ASP B 5 5.56 7.85 5.34
CA ASP B 5 5.79 7.11 4.11
C ASP B 5 6.82 5.99 4.28
N ALA B 6 6.72 5.25 5.39
CA ALA B 6 7.62 4.11 5.65
C ALA B 6 7.58 3.13 4.47
N MET B 7 6.48 3.16 3.75
CA MET B 7 6.26 2.29 2.60
C MET B 7 7.30 2.56 1.50
N MET B 8 7.70 3.82 1.34
CA MET B 8 8.67 4.18 0.30
C MET B 8 10.01 3.46 0.55
N GLN B 9 10.40 3.36 1.82
CA GLN B 9 11.64 2.68 2.23
C GLN B 9 11.60 1.16 1.91
N ALA B 10 10.39 0.65 1.62
CA ALA B 10 10.13 -0.80 1.40
C ALA B 10 11.21 -1.51 0.59
N LEU B 11 11.99 -0.77 -0.18
CA LEU B 11 12.98 -1.36 -1.07
C LEU B 11 14.02 -2.16 -0.28
N LEU B 12 14.41 -1.61 0.87
CA LEU B 12 15.34 -2.28 1.79
C LEU B 12 16.57 -2.88 1.07
N GLY B 13 17.02 -2.21 0.01
CA GLY B 13 18.22 -2.64 -0.74
C GLY B 13 17.86 -3.37 -2.04
N ALA B 14 16.58 -3.69 -2.20
CA ALA B 14 16.06 -4.35 -3.40
C ALA B 14 17.02 -5.43 -3.93
N ARG B 15 17.89 -5.05 -4.87
CA ARG B 15 18.85 -5.99 -5.41
C ARG B 15 20.05 -6.15 -4.50
N ALA B 16 20.34 -7.40 -4.15
CA ALA B 16 21.47 -7.72 -3.29
C ALA B 16 21.52 -9.21 -2.99
N LYS B 17 22.55 -9.62 -2.25
CA LYS B 17 22.72 -11.01 -1.82
C LYS B 17 22.98 -11.96 -3.00
N MET A 1 -15.88 6.38 -8.76
CA MET A 1 -16.84 7.53 -8.67
C MET A 1 -16.17 8.68 -7.90
N ASP A 2 -14.85 8.69 -7.89
CA ASP A 2 -14.10 9.66 -7.10
C ASP A 2 -13.03 10.37 -7.95
N ASP A 3 -13.32 11.59 -8.36
CA ASP A 3 -12.35 12.38 -9.11
C ASP A 3 -11.51 13.22 -8.15
N ILE A 4 -11.91 13.22 -6.89
CA ILE A 4 -11.21 13.97 -5.86
C ILE A 4 -9.85 13.33 -5.56
N TYR A 5 -9.86 12.00 -5.42
CA TYR A 5 -8.62 11.26 -5.15
C TYR A 5 -7.74 11.23 -6.38
N LYS A 6 -8.37 11.05 -7.54
CA LYS A 6 -7.67 11.01 -8.81
C LYS A 6 -6.95 12.32 -9.06
N ALA A 7 -7.62 13.44 -8.76
CA ALA A 7 -6.99 14.76 -8.82
C ALA A 7 -5.89 14.86 -7.78
N ALA A 8 -6.11 14.22 -6.63
CA ALA A 8 -5.11 14.18 -5.56
C ALA A 8 -3.86 13.43 -6.03
N VAL A 9 -4.05 12.40 -6.84
CA VAL A 9 -2.96 11.58 -7.35
C VAL A 9 -2.05 12.40 -8.27
N GLU A 10 -2.61 13.46 -8.86
CA GLU A 10 -1.82 14.40 -9.68
C GLU A 10 -0.83 15.16 -8.81
N GLN A 11 -1.14 15.32 -7.52
CA GLN A 11 -0.25 16.02 -6.60
C GLN A 11 1.01 15.21 -6.43
N LEU A 12 0.83 13.88 -6.42
CA LEU A 12 1.97 12.98 -6.47
C LEU A 12 2.58 13.07 -7.86
N THR A 13 3.91 13.16 -7.93
CA THR A 13 4.59 13.34 -9.23
C THR A 13 4.73 12.01 -9.97
N GLU A 14 5.11 12.09 -11.25
CA GLU A 14 5.32 10.86 -12.03
C GLU A 14 6.47 10.08 -11.42
N GLU A 15 7.49 10.81 -10.94
CA GLU A 15 8.62 10.20 -10.23
C GLU A 15 8.12 9.59 -8.92
N GLN A 16 7.21 10.30 -8.25
CA GLN A 16 6.62 9.84 -6.98
C GLN A 16 5.86 8.54 -7.17
N LYS A 17 5.02 8.50 -8.19
CA LYS A 17 4.22 7.30 -8.50
C LYS A 17 5.14 6.14 -8.85
N ASN A 18 6.20 6.45 -9.58
CA ASN A 18 7.16 5.43 -10.00
C ASN A 18 7.83 4.81 -8.77
N GLU A 19 8.21 5.68 -7.82
CA GLU A 19 8.75 5.26 -6.54
C GLU A 19 7.66 4.54 -5.76
N PHE A 20 6.45 5.06 -5.91
CA PHE A 20 5.25 4.55 -5.26
C PHE A 20 5.00 3.10 -5.65
N LYS A 21 5.01 2.82 -6.96
CA LYS A 21 4.79 1.49 -7.48
C LYS A 21 5.95 0.53 -7.21
N ALA A 22 7.17 1.06 -7.24
CA ALA A 22 8.37 0.26 -7.02
C ALA A 22 8.23 -0.55 -5.75
N ALA A 23 7.81 0.12 -4.68
CA ALA A 23 7.51 -0.56 -3.43
C ALA A 23 6.26 -1.44 -3.56
N PHE A 24 5.26 -0.97 -4.32
CA PHE A 24 4.02 -1.72 -4.50
C PHE A 24 4.33 -3.10 -5.08
N ASP A 25 5.23 -3.11 -6.05
CA ASP A 25 5.63 -4.32 -6.75
C ASP A 25 6.25 -5.35 -5.78
N ILE A 26 6.92 -4.85 -4.74
CA ILE A 26 7.56 -5.74 -3.76
C ILE A 26 6.52 -6.59 -3.01
N PHE A 27 5.36 -6.00 -2.76
CA PHE A 27 4.30 -6.68 -2.02
C PHE A 27 3.85 -7.93 -2.77
N VAL A 28 3.66 -7.82 -4.09
CA VAL A 28 3.25 -8.97 -4.92
C VAL A 28 4.38 -9.39 -5.86
N LEU A 29 5.09 -10.45 -5.48
CA LEU A 29 6.24 -10.93 -6.25
C LEU A 29 5.86 -12.10 -7.15
N GLY A 30 4.60 -12.53 -7.07
CA GLY A 30 4.10 -13.65 -7.90
C GLY A 30 2.57 -13.67 -7.98
N ALA A 31 1.92 -12.61 -7.49
CA ALA A 31 0.45 -12.55 -7.49
C ALA A 31 -0.09 -12.23 -8.88
N GLU A 32 -1.06 -13.02 -9.32
CA GLU A 32 -1.70 -12.83 -10.61
C GLU A 32 -2.54 -11.54 -10.65
N ASP A 33 -3.33 -11.34 -9.59
CA ASP A 33 -4.28 -10.21 -9.52
C ASP A 33 -3.59 -8.86 -9.53
N GLY A 34 -2.47 -8.75 -8.84
CA GLY A 34 -1.75 -7.47 -8.71
C GLY A 34 -2.22 -6.66 -7.48
N CYS A 35 -3.00 -7.31 -6.62
CA CYS A 35 -3.46 -6.69 -5.35
C CYS A 35 -2.67 -7.26 -4.19
N ILE A 36 -2.59 -6.51 -3.06
CA ILE A 36 -1.87 -7.01 -1.90
C ILE A 36 -2.78 -7.91 -1.09
N SER A 37 -2.33 -9.14 -0.89
CA SER A 37 -3.06 -10.09 -0.07
C SER A 37 -2.29 -10.29 1.21
N THR A 38 -2.98 -10.25 2.33
CA THR A 38 -2.35 -10.43 3.64
C THR A 38 -1.42 -11.63 3.65
N LYS A 39 -1.73 -12.62 2.82
CA LYS A 39 -0.89 -13.80 2.65
C LYS A 39 0.46 -13.36 2.05
N GLU A 40 0.36 -12.47 1.07
CA GLU A 40 1.50 -11.88 0.37
C GLU A 40 2.04 -10.62 1.10
N LEU A 41 1.25 -10.07 2.04
CA LEU A 41 1.55 -8.78 2.69
C LEU A 41 2.87 -8.82 3.48
N GLY A 42 3.17 -9.94 4.14
CA GLY A 42 4.33 -10.03 5.06
C GLY A 42 5.59 -9.36 4.50
N LYS A 43 5.64 -9.09 3.19
CA LYS A 43 6.75 -8.37 2.58
C LYS A 43 6.86 -6.97 3.20
N VAL A 44 5.70 -6.41 3.55
CA VAL A 44 5.62 -5.13 4.24
C VAL A 44 6.32 -5.21 5.62
N MET A 45 6.10 -6.28 6.34
CA MET A 45 6.70 -6.47 7.67
C MET A 45 8.24 -6.53 7.65
N ARG A 46 8.80 -7.04 6.55
CA ARG A 46 10.26 -7.12 6.43
C ARG A 46 10.87 -5.72 6.56
N MET A 47 10.27 -4.75 5.88
CA MET A 47 10.75 -3.36 5.92
C MET A 47 10.56 -2.72 7.30
N LEU A 48 9.43 -3.02 7.95
CA LEU A 48 9.11 -2.51 9.27
C LEU A 48 10.12 -3.01 10.32
N GLY A 49 10.47 -4.30 10.21
CA GLY A 49 11.43 -4.95 11.13
C GLY A 49 10.75 -5.98 12.03
N GLN A 50 9.47 -5.75 12.33
CA GLN A 50 8.69 -6.70 13.13
C GLN A 50 8.14 -7.78 12.20
N ASN A 51 7.88 -8.97 12.74
CA ASN A 51 7.36 -10.07 11.94
C ASN A 51 6.18 -10.78 12.62
N PRO A 52 5.08 -10.07 12.79
CA PRO A 52 3.81 -10.67 13.29
C PRO A 52 3.35 -11.72 12.32
N THR A 53 2.72 -12.77 12.84
CA THR A 53 2.24 -13.86 12.00
C THR A 53 1.51 -13.29 10.76
N PRO A 54 1.59 -13.95 9.62
CA PRO A 54 0.90 -13.49 8.37
C PRO A 54 -0.60 -13.30 8.61
N GLU A 55 -1.15 -14.06 9.53
CA GLU A 55 -2.56 -13.92 9.91
C GLU A 55 -2.79 -12.52 10.55
N GLU A 56 -1.81 -12.10 11.37
CA GLU A 56 -1.83 -10.78 12.02
C GLU A 56 -1.66 -9.63 11.04
N LEU A 57 -1.08 -9.92 9.86
CA LEU A 57 -0.87 -8.89 8.84
C LEU A 57 -2.19 -8.27 8.36
N GLN A 58 -3.18 -9.13 8.21
CA GLN A 58 -4.50 -8.75 7.70
C GLN A 58 -5.10 -7.58 8.51
N GLU A 59 -4.65 -7.42 9.76
CA GLU A 59 -5.18 -6.38 10.65
C GLU A 59 -4.88 -4.98 10.10
N MET A 60 -3.68 -4.79 9.57
CA MET A 60 -3.31 -3.51 8.95
C MET A 60 -4.15 -3.28 7.70
N ILE A 61 -4.38 -4.35 6.95
CA ILE A 61 -5.23 -4.30 5.75
C ILE A 61 -6.66 -3.92 6.09
N ASP A 62 -7.19 -4.50 7.16
CA ASP A 62 -8.57 -4.24 7.54
C ASP A 62 -8.85 -2.76 7.74
N GLU A 63 -7.96 -2.06 8.45
CA GLU A 63 -8.08 -0.60 8.62
C GLU A 63 -7.81 0.12 7.30
N VAL A 64 -6.79 -0.34 6.59
CA VAL A 64 -6.38 0.24 5.31
C VAL A 64 -7.43 -0.03 4.21
N ASP A 65 -8.19 -1.11 4.35
CA ASP A 65 -9.24 -1.45 3.40
C ASP A 65 -10.58 -0.81 3.81
N GLU A 66 -10.81 0.41 3.34
CA GLU A 66 -12.03 1.17 3.64
C GLU A 66 -13.28 0.55 3.00
N ASP A 67 -13.11 0.02 1.80
CA ASP A 67 -14.23 -0.59 1.08
C ASP A 67 -14.74 -1.84 1.81
N GLY A 68 -13.86 -2.48 2.57
CA GLY A 68 -14.25 -3.65 3.38
C GLY A 68 -14.18 -4.96 2.57
N SER A 69 -13.46 -4.94 1.46
CA SER A 69 -13.28 -6.14 0.64
C SER A 69 -12.25 -7.08 1.26
N GLY A 70 -11.43 -6.55 2.18
CA GLY A 70 -10.39 -7.34 2.82
C GLY A 70 -9.21 -7.54 1.88
N THR A 71 -9.33 -6.96 0.69
CA THR A 71 -8.32 -7.03 -0.34
C THR A 71 -7.94 -5.63 -0.76
N VAL A 72 -6.65 -5.35 -0.85
CA VAL A 72 -6.20 -4.01 -1.20
C VAL A 72 -5.48 -4.00 -2.56
N ASP A 73 -6.19 -3.47 -3.57
CA ASP A 73 -5.69 -3.37 -4.93
C ASP A 73 -4.78 -2.17 -5.07
N PHE A 74 -4.05 -2.09 -6.18
CA PHE A 74 -3.18 -0.93 -6.43
C PHE A 74 -4.03 0.32 -6.47
N ASP A 75 -5.14 0.23 -7.20
CA ASP A 75 -6.09 1.31 -7.32
C ASP A 75 -6.72 1.65 -5.98
N GLU A 76 -7.07 0.61 -5.19
CA GLU A 76 -7.60 0.86 -3.84
C GLU A 76 -6.53 1.50 -2.99
N PHE A 77 -5.32 0.97 -3.09
CA PHE A 77 -4.20 1.50 -2.31
C PHE A 77 -3.95 2.97 -2.61
N LEU A 78 -3.95 3.34 -3.88
CA LEU A 78 -3.68 4.72 -4.27
C LEU A 78 -4.79 5.69 -3.77
N VAL A 79 -5.99 5.60 -4.35
CA VAL A 79 -7.10 6.54 -4.06
C VAL A 79 -7.73 6.39 -2.65
N MET A 80 -7.94 5.17 -2.20
CA MET A 80 -8.57 4.93 -0.90
C MET A 80 -7.72 5.46 0.26
N MET A 81 -6.42 5.23 0.18
CA MET A 81 -5.49 5.65 1.22
C MET A 81 -5.43 7.18 1.32
N VAL A 82 -5.62 7.86 0.19
CA VAL A 82 -5.59 9.32 0.14
C VAL A 82 -6.64 9.91 1.08
N ARG A 83 -7.67 9.13 1.37
CA ARG A 83 -8.73 9.56 2.29
C ARG A 83 -8.16 9.78 3.69
N CYS A 84 -7.23 8.92 4.10
CA CYS A 84 -6.57 9.01 5.41
C CYS A 84 -5.41 10.04 5.38
N MET A 85 -4.95 10.35 4.17
CA MET A 85 -3.87 11.34 3.98
C MET A 85 -4.30 12.74 4.40
N LYS A 86 -5.59 13.04 4.28
CA LYS A 86 -6.08 14.41 4.37
C LYS A 86 -5.70 15.11 5.68
N ASP A 87 -5.81 14.41 6.83
CA ASP A 87 -5.39 15.02 8.10
C ASP A 87 -5.25 13.99 9.21
N ASP A 88 -4.60 14.41 10.30
CA ASP A 88 -4.46 13.58 11.50
C ASP A 88 -5.77 13.54 12.28
N SER A 89 -6.04 12.37 12.89
CA SER A 89 -7.27 12.16 13.66
C SER A 89 -8.53 12.06 12.77
N ARG B 1 2.45 7.07 -0.40
CA ARG B 1 3.27 8.03 0.39
C ARG B 1 2.92 7.91 1.89
N ILE B 2 1.68 7.46 2.17
CA ILE B 2 1.18 7.24 3.55
C ILE B 2 1.76 8.25 4.57
N SER B 3 2.96 7.95 5.08
CA SER B 3 3.67 8.84 5.99
C SER B 3 5.15 8.90 5.61
N ALA B 4 5.67 10.12 5.40
CA ALA B 4 7.07 10.33 4.97
C ALA B 4 7.46 9.36 3.85
N ASP B 5 6.45 8.84 3.13
CA ASP B 5 6.68 7.89 2.02
C ASP B 5 7.64 6.78 2.44
N ALA B 6 7.41 6.26 3.64
CA ALA B 6 8.20 5.16 4.19
C ALA B 6 8.13 3.93 3.29
N MET B 7 7.09 3.87 2.47
CA MET B 7 6.88 2.72 1.59
C MET B 7 8.06 2.55 0.62
N MET B 8 8.61 3.67 0.15
CA MET B 8 9.76 3.61 -0.75
C MET B 8 10.92 2.90 -0.06
N GLN B 9 11.09 3.17 1.24
CA GLN B 9 12.10 2.52 2.07
C GLN B 9 11.95 0.99 2.02
N ALA B 10 10.74 0.52 1.66
CA ALA B 10 10.43 -0.91 1.60
C ALA B 10 11.39 -1.68 0.69
N LEU B 11 12.08 -0.95 -0.20
CA LEU B 11 13.07 -1.55 -1.10
C LEU B 11 14.25 -2.17 -0.34
N LEU B 12 14.61 -1.57 0.80
CA LEU B 12 15.73 -2.04 1.65
C LEU B 12 15.96 -3.56 1.50
N GLY B 13 17.21 -3.95 1.23
CA GLY B 13 17.56 -5.37 1.02
C GLY B 13 17.18 -5.83 -0.40
N ALA B 14 16.93 -4.87 -1.29
CA ALA B 14 16.50 -5.13 -2.68
C ALA B 14 15.28 -6.05 -2.76
N ARG B 15 15.49 -7.35 -2.51
CA ARG B 15 14.42 -8.36 -2.53
C ARG B 15 14.05 -8.78 -3.95
N ALA B 16 14.95 -9.57 -4.56
CA ALA B 16 14.77 -10.05 -5.92
C ALA B 16 13.54 -10.93 -6.06
N LYS B 17 13.29 -11.76 -5.04
CA LYS B 17 12.12 -12.64 -4.99
C LYS B 17 11.48 -12.64 -3.60
N MET A 1 -16.35 10.42 -11.45
CA MET A 1 -16.91 9.51 -10.40
C MET A 1 -15.95 9.50 -9.20
N ASP A 2 -16.22 10.37 -8.22
CA ASP A 2 -15.35 10.47 -7.03
C ASP A 2 -13.91 10.72 -7.48
N ASP A 3 -13.80 11.50 -8.54
CA ASP A 3 -12.54 11.77 -9.22
C ASP A 3 -11.57 12.60 -8.35
N ILE A 4 -12.08 13.25 -7.30
CA ILE A 4 -11.24 14.12 -6.45
C ILE A 4 -10.03 13.37 -5.90
N TYR A 5 -10.24 12.12 -5.51
CA TYR A 5 -9.20 11.29 -4.95
C TYR A 5 -8.18 10.91 -6.03
N LYS A 6 -8.70 10.53 -7.19
CA LYS A 6 -7.89 10.20 -8.37
C LYS A 6 -7.12 11.44 -8.85
N ALA A 7 -7.80 12.58 -8.81
CA ALA A 7 -7.23 13.86 -9.23
C ALA A 7 -6.00 14.19 -8.39
N ALA A 8 -6.03 13.81 -7.11
CA ALA A 8 -4.92 14.07 -6.18
C ALA A 8 -3.62 13.45 -6.71
N VAL A 9 -3.76 12.36 -7.45
CA VAL A 9 -2.63 11.65 -8.03
C VAL A 9 -1.88 12.55 -9.03
N GLU A 10 -2.59 13.52 -9.61
CA GLU A 10 -1.97 14.48 -10.53
C GLU A 10 -0.95 15.37 -9.83
N GLN A 11 -1.15 15.55 -8.52
CA GLN A 11 -0.23 16.35 -7.71
C GLN A 11 1.12 15.65 -7.64
N LEU A 12 1.09 14.32 -7.68
CA LEU A 12 2.30 13.51 -7.68
C LEU A 12 2.87 13.41 -9.11
N THR A 13 4.20 13.54 -9.24
CA THR A 13 4.83 13.44 -10.55
C THR A 13 4.97 11.97 -10.99
N GLU A 14 5.25 11.77 -12.27
CA GLU A 14 5.40 10.42 -12.81
C GLU A 14 6.49 9.66 -12.08
N GLU A 15 7.58 10.35 -11.74
CA GLU A 15 8.65 9.75 -10.95
C GLU A 15 8.11 9.39 -9.56
N GLN A 16 7.28 10.27 -9.01
CA GLN A 16 6.67 10.03 -7.69
C GLN A 16 5.72 8.83 -7.75
N LYS A 17 4.93 8.76 -8.82
CA LYS A 17 3.97 7.67 -9.01
C LYS A 17 4.72 6.33 -9.13
N ASN A 18 5.80 6.34 -9.92
CA ASN A 18 6.58 5.12 -10.14
C ASN A 18 7.30 4.68 -8.85
N GLU A 19 7.85 5.66 -8.12
CA GLU A 19 8.55 5.40 -6.86
C GLU A 19 7.55 4.87 -5.84
N PHE A 20 6.30 5.28 -6.03
CA PHE A 20 5.18 4.90 -5.18
C PHE A 20 5.02 3.37 -5.19
N LYS A 21 5.08 2.80 -6.39
CA LYS A 21 4.88 1.35 -6.59
C LYS A 21 5.99 0.51 -5.96
N ALA A 22 7.07 1.15 -5.49
CA ALA A 22 8.19 0.43 -4.89
C ALA A 22 7.68 -0.64 -3.92
N ALA A 23 6.74 -0.25 -3.07
CA ALA A 23 6.09 -1.17 -2.14
C ALA A 23 5.18 -2.15 -2.88
N PHE A 24 4.49 -1.63 -3.90
CA PHE A 24 3.58 -2.44 -4.72
C PHE A 24 4.34 -3.59 -5.34
N ASP A 25 5.53 -3.29 -5.82
CA ASP A 25 6.40 -4.29 -6.40
C ASP A 25 6.77 -5.33 -5.34
N ILE A 26 6.96 -4.91 -4.08
CA ILE A 26 7.30 -5.85 -3.03
C ILE A 26 6.12 -6.77 -2.65
N PHE A 27 4.93 -6.19 -2.57
CA PHE A 27 3.73 -6.91 -2.16
C PHE A 27 3.28 -7.96 -3.20
N VAL A 28 3.34 -7.58 -4.48
CA VAL A 28 2.83 -8.43 -5.58
C VAL A 28 3.56 -9.77 -5.69
N LEU A 29 4.75 -9.87 -5.11
CA LEU A 29 5.52 -11.11 -5.20
C LEU A 29 4.84 -12.20 -4.38
N GLY A 30 4.65 -13.37 -4.99
CA GLY A 30 3.94 -14.48 -4.35
C GLY A 30 2.43 -14.27 -4.40
N ALA A 31 1.99 -13.30 -5.20
CA ALA A 31 0.56 -12.98 -5.35
C ALA A 31 0.09 -13.24 -6.78
N GLU A 32 -0.83 -14.19 -6.92
CA GLU A 32 -1.43 -14.48 -8.23
C GLU A 32 -2.38 -13.36 -8.67
N ASP A 33 -3.17 -12.84 -7.71
CA ASP A 33 -4.14 -11.76 -7.95
C ASP A 33 -3.44 -10.44 -8.30
N GLY A 34 -2.28 -10.18 -7.67
CA GLY A 34 -1.54 -8.93 -7.91
C GLY A 34 -1.99 -7.80 -6.97
N CYS A 35 -2.81 -8.15 -5.98
CA CYS A 35 -3.29 -7.19 -4.98
C CYS A 35 -2.73 -7.53 -3.62
N ILE A 36 -2.85 -6.61 -2.67
CA ILE A 36 -2.39 -6.88 -1.31
C ILE A 36 -3.54 -7.52 -0.53
N SER A 37 -3.55 -8.84 -0.49
CA SER A 37 -4.60 -9.58 0.20
C SER A 37 -4.09 -10.15 1.52
N THR A 38 -3.47 -9.27 2.29
CA THR A 38 -2.88 -9.59 3.59
C THR A 38 -1.76 -10.66 3.53
N LYS A 39 -1.96 -11.67 2.69
CA LYS A 39 -0.93 -12.66 2.42
C LYS A 39 0.28 -11.95 1.82
N GLU A 40 -0.03 -11.10 0.85
CA GLU A 40 0.93 -10.22 0.21
C GLU A 40 1.42 -9.18 1.20
N LEU A 41 0.53 -8.78 2.09
CA LEU A 41 0.83 -7.78 3.09
C LEU A 41 1.95 -8.25 4.00
N GLY A 42 1.99 -9.56 4.27
CA GLY A 42 3.05 -10.14 5.12
C GLY A 42 4.42 -9.57 4.74
N LYS A 43 4.55 -9.08 3.51
CA LYS A 43 5.76 -8.42 3.07
C LYS A 43 5.98 -7.11 3.83
N VAL A 44 4.88 -6.43 4.14
CA VAL A 44 4.91 -5.17 4.88
C VAL A 44 5.57 -5.40 6.23
N MET A 45 5.39 -6.61 6.77
CA MET A 45 6.07 -7.04 7.99
C MET A 45 7.58 -7.17 7.78
N ARG A 46 7.96 -7.61 6.59
CA ARG A 46 9.37 -7.65 6.21
C ARG A 46 9.97 -6.24 6.23
N MET A 47 9.21 -5.27 5.70
CA MET A 47 9.61 -3.87 5.76
C MET A 47 9.71 -3.39 7.22
N LEU A 48 8.71 -3.76 8.01
CA LEU A 48 8.62 -3.36 9.43
C LEU A 48 9.69 -4.03 10.30
N GLY A 49 9.98 -5.30 10.01
CA GLY A 49 10.95 -6.08 10.78
C GLY A 49 10.29 -6.95 11.85
N GLN A 50 9.13 -7.51 11.53
CA GLN A 50 8.41 -8.40 12.46
C GLN A 50 7.83 -9.62 11.72
N ASN A 51 7.49 -10.67 12.49
CA ASN A 51 6.90 -11.90 11.92
C ASN A 51 5.56 -12.27 12.61
N PRO A 52 4.64 -11.34 12.65
CA PRO A 52 3.29 -11.56 13.26
C PRO A 52 2.37 -12.45 12.41
N THR A 53 1.40 -13.07 13.09
CA THR A 53 0.40 -13.93 12.46
C THR A 53 -0.22 -13.25 11.22
N PRO A 54 -0.59 -14.02 10.22
CA PRO A 54 -1.27 -13.48 8.99
C PRO A 54 -2.53 -12.68 9.34
N GLU A 55 -3.21 -13.10 10.39
CA GLU A 55 -4.40 -12.40 10.88
C GLU A 55 -4.04 -10.99 11.31
N GLU A 56 -2.85 -10.83 11.89
CA GLU A 56 -2.34 -9.53 12.31
C GLU A 56 -2.10 -8.64 11.09
N LEU A 57 -1.60 -9.25 10.00
CA LEU A 57 -1.42 -8.52 8.75
C LEU A 57 -2.77 -8.05 8.24
N GLN A 58 -3.75 -8.93 8.33
CA GLN A 58 -5.10 -8.64 7.87
C GLN A 58 -5.72 -7.48 8.64
N GLU A 59 -5.42 -7.40 9.93
CA GLU A 59 -5.98 -6.35 10.77
C GLU A 59 -5.57 -4.98 10.27
N MET A 60 -4.32 -4.85 9.80
CA MET A 60 -3.89 -3.55 9.28
C MET A 60 -4.67 -3.19 8.01
N ILE A 61 -4.92 -4.17 7.13
CA ILE A 61 -5.79 -3.97 5.96
C ILE A 61 -7.23 -3.66 6.39
N ASP A 62 -7.73 -4.40 7.39
CA ASP A 62 -9.08 -4.16 7.91
C ASP A 62 -9.25 -2.69 8.24
N GLU A 63 -8.27 -2.14 8.94
CA GLU A 63 -8.24 -0.71 9.25
C GLU A 63 -8.07 0.11 7.97
N VAL A 64 -7.23 -0.41 7.05
CA VAL A 64 -6.92 0.25 5.79
C VAL A 64 -7.70 -0.37 4.62
N ASP A 65 -9.01 -0.52 4.81
CA ASP A 65 -9.89 -1.08 3.77
C ASP A 65 -11.30 -0.47 3.87
N GLU A 66 -11.49 0.70 3.27
CA GLU A 66 -12.77 1.41 3.35
C GLU A 66 -13.88 0.67 2.61
N ASP A 67 -13.53 0.05 1.49
CA ASP A 67 -14.49 -0.70 0.67
C ASP A 67 -15.05 -1.90 1.44
N GLY A 68 -14.29 -2.41 2.39
CA GLY A 68 -14.75 -3.53 3.23
C GLY A 68 -14.58 -4.89 2.53
N SER A 69 -13.69 -4.96 1.55
CA SER A 69 -13.41 -6.22 0.85
C SER A 69 -12.45 -7.10 1.64
N GLY A 70 -11.78 -6.50 2.62
CA GLY A 70 -10.76 -7.18 3.40
C GLY A 70 -9.49 -7.30 2.56
N THR A 71 -9.56 -6.87 1.31
CA THR A 71 -8.43 -6.91 0.39
C THR A 71 -8.00 -5.52 -0.01
N VAL A 72 -6.70 -5.29 0.02
CA VAL A 72 -6.12 -4.02 -0.35
C VAL A 72 -5.45 -4.10 -1.72
N ASP A 73 -6.06 -3.42 -2.70
CA ASP A 73 -5.55 -3.40 -4.09
C ASP A 73 -4.66 -2.18 -4.31
N PHE A 74 -4.03 -2.12 -5.48
CA PHE A 74 -3.19 -0.97 -5.83
C PHE A 74 -4.01 0.31 -5.87
N ASP A 75 -5.19 0.22 -6.47
CA ASP A 75 -6.08 1.35 -6.59
C ASP A 75 -6.49 1.83 -5.19
N GLU A 76 -6.72 0.88 -4.28
CA GLU A 76 -6.97 1.21 -2.88
C GLU A 76 -5.69 1.78 -2.23
N PHE A 77 -4.57 1.16 -2.56
CA PHE A 77 -3.25 1.60 -2.11
C PHE A 77 -2.99 3.03 -2.59
N LEU A 78 -3.27 3.28 -3.86
CA LEU A 78 -3.07 4.61 -4.44
C LEU A 78 -4.23 5.56 -4.10
N VAL A 79 -5.40 5.31 -4.70
CA VAL A 79 -6.56 6.20 -4.61
C VAL A 79 -7.20 6.25 -3.22
N MET A 80 -7.45 5.10 -2.59
CA MET A 80 -8.14 5.09 -1.29
C MET A 80 -7.28 5.74 -0.20
N MET A 81 -5.98 5.45 -0.23
CA MET A 81 -5.05 6.01 0.74
C MET A 81 -5.00 7.54 0.67
N VAL A 82 -5.60 8.10 -0.38
CA VAL A 82 -5.66 9.55 -0.55
C VAL A 82 -6.44 10.19 0.61
N ARG A 83 -7.55 9.58 1.00
CA ARG A 83 -8.38 10.14 2.08
C ARG A 83 -7.54 10.24 3.35
N CYS A 84 -6.67 9.25 3.55
CA CYS A 84 -5.74 9.26 4.67
C CYS A 84 -4.71 10.39 4.55
N MET A 85 -4.28 10.66 3.31
CA MET A 85 -3.27 11.71 3.05
C MET A 85 -3.78 13.09 3.45
N LYS A 86 -5.03 13.36 3.11
CA LYS A 86 -5.71 14.63 3.43
C LYS A 86 -5.98 14.78 4.93
N ASP A 87 -6.38 13.68 5.56
CA ASP A 87 -6.72 13.63 6.99
C ASP A 87 -7.07 15.00 7.61
N ASP A 88 -6.27 15.44 8.60
CA ASP A 88 -6.55 16.69 9.31
C ASP A 88 -5.27 17.52 9.51
N SER A 89 -5.10 18.09 10.72
CA SER A 89 -3.94 18.93 11.04
C SER A 89 -3.62 18.92 12.54
N ARG B 1 0.99 6.82 1.01
CA ARG B 1 1.48 7.51 2.23
C ARG B 1 0.89 6.88 3.49
N ILE B 2 -0.41 7.12 3.71
CA ILE B 2 -1.08 6.75 4.96
C ILE B 2 -0.34 7.32 6.20
N SER B 3 -0.75 8.54 6.61
CA SER B 3 -0.14 9.25 7.74
C SER B 3 1.31 9.62 7.49
N ALA B 4 2.19 8.62 7.55
CA ALA B 4 3.61 8.83 7.33
C ALA B 4 3.99 8.57 5.87
N ASP B 5 5.04 9.21 5.40
CA ASP B 5 5.53 9.01 4.03
C ASP B 5 6.51 7.82 3.97
N ALA B 6 6.65 7.12 5.09
CA ALA B 6 7.61 6.02 5.23
C ALA B 6 7.42 4.94 4.17
N MET B 7 6.22 4.88 3.59
CA MET B 7 5.89 3.84 2.60
C MET B 7 6.84 3.88 1.40
N MET B 8 7.51 5.00 1.22
CA MET B 8 8.53 5.13 0.19
C MET B 8 9.70 4.20 0.53
N GLN B 9 9.99 4.12 1.84
CA GLN B 9 11.05 3.25 2.36
C GLN B 9 10.76 1.76 2.09
N ALA B 10 9.51 1.47 1.72
CA ALA B 10 9.06 0.10 1.44
C ALA B 10 10.10 -0.77 0.68
N LEU B 11 11.15 -0.14 0.12
CA LEU B 11 12.17 -0.86 -0.64
C LEU B 11 12.86 -1.90 0.25
N LEU B 12 13.10 -1.52 1.51
CA LEU B 12 13.79 -2.39 2.46
C LEU B 12 13.09 -3.76 2.55
N GLY B 13 13.89 -4.82 2.52
CA GLY B 13 13.37 -6.19 2.62
C GLY B 13 13.28 -6.89 1.26
N ALA B 14 13.32 -6.10 0.19
CA ALA B 14 13.23 -6.62 -1.18
C ALA B 14 14.63 -6.88 -1.75
N ARG B 15 14.70 -7.81 -2.70
CA ARG B 15 15.94 -8.13 -3.40
C ARG B 15 15.97 -7.46 -4.77
N ALA B 16 17.11 -6.87 -5.11
CA ALA B 16 17.24 -6.12 -6.36
C ALA B 16 18.69 -6.13 -6.89
N LYS B 17 18.82 -5.87 -8.20
CA LYS B 17 20.10 -5.87 -8.89
C LYS B 17 20.20 -4.68 -9.88
N MET A 1 -15.63 6.69 -7.87
CA MET A 1 -16.67 7.36 -7.08
C MET A 1 -16.46 8.88 -7.16
N ASP A 2 -16.11 9.50 -6.01
CA ASP A 2 -15.91 10.94 -5.94
C ASP A 2 -14.61 11.37 -6.64
N ASP A 3 -14.65 12.52 -7.31
CA ASP A 3 -13.49 13.05 -8.04
C ASP A 3 -12.37 13.49 -7.10
N ILE A 4 -12.70 13.71 -5.83
CA ILE A 4 -11.73 14.22 -4.87
C ILE A 4 -10.61 13.21 -4.60
N TYR A 5 -10.97 11.95 -4.38
CA TYR A 5 -9.98 10.90 -4.10
C TYR A 5 -9.07 10.70 -5.31
N LYS A 6 -9.70 10.68 -6.49
CA LYS A 6 -9.00 10.51 -7.76
C LYS A 6 -8.04 11.67 -8.02
N ALA A 7 -8.48 12.89 -7.71
CA ALA A 7 -7.66 14.09 -7.94
C ALA A 7 -6.27 13.98 -7.28
N ALA A 8 -6.22 13.32 -6.12
CA ALA A 8 -4.99 13.19 -5.37
C ALA A 8 -3.85 12.54 -6.19
N VAL A 9 -4.15 11.42 -6.86
CA VAL A 9 -3.15 10.74 -7.70
C VAL A 9 -2.70 11.62 -8.87
N GLU A 10 -3.63 12.41 -9.39
CA GLU A 10 -3.35 13.36 -10.46
C GLU A 10 -2.43 14.48 -9.96
N GLN A 11 -2.58 14.82 -8.68
CA GLN A 11 -1.71 15.80 -8.02
C GLN A 11 -0.30 15.26 -7.89
N LEU A 12 -0.19 13.93 -7.67
CA LEU A 12 1.11 13.27 -7.53
C LEU A 12 1.88 13.27 -8.85
N THR A 13 3.21 13.33 -8.78
CA THR A 13 4.06 13.36 -9.98
C THR A 13 4.10 12.01 -10.68
N GLU A 14 4.59 12.00 -11.91
CA GLU A 14 4.71 10.77 -12.68
C GLU A 14 5.66 9.79 -11.99
N GLU A 15 6.71 10.33 -11.38
CA GLU A 15 7.69 9.50 -10.67
C GLU A 15 7.09 8.84 -9.44
N GLN A 16 6.23 9.57 -8.69
CA GLN A 16 5.60 9.02 -7.48
C GLN A 16 4.73 7.82 -7.79
N LYS A 17 3.89 7.95 -8.83
CA LYS A 17 3.02 6.83 -9.26
C LYS A 17 3.85 5.62 -9.70
N ASN A 18 4.94 5.86 -10.44
CA ASN A 18 5.78 4.77 -10.89
C ASN A 18 6.44 4.06 -9.70
N GLU A 19 6.90 4.86 -8.74
CA GLU A 19 7.47 4.35 -7.48
C GLU A 19 6.38 3.75 -6.60
N PHE A 20 5.16 4.20 -6.84
CA PHE A 20 4.00 3.86 -6.01
C PHE A 20 3.78 2.35 -6.01
N LYS A 21 3.81 1.77 -7.21
CA LYS A 21 3.59 0.34 -7.39
C LYS A 21 4.82 -0.50 -7.01
N ALA A 22 5.95 0.17 -6.79
CA ALA A 22 7.22 -0.51 -6.52
C ALA A 22 7.05 -1.64 -5.50
N ALA A 23 6.56 -1.30 -4.34
CA ALA A 23 6.29 -2.27 -3.30
C ALA A 23 5.15 -3.19 -3.70
N PHE A 24 4.16 -2.62 -4.39
CA PHE A 24 2.99 -3.37 -4.84
C PHE A 24 3.41 -4.61 -5.62
N ASP A 25 4.55 -4.48 -6.33
CA ASP A 25 5.13 -5.56 -7.11
C ASP A 25 5.50 -6.74 -6.22
N ILE A 26 5.98 -6.45 -5.01
CA ILE A 26 6.41 -7.51 -4.08
C ILE A 26 5.22 -8.36 -3.63
N PHE A 27 4.09 -7.72 -3.39
CA PHE A 27 2.89 -8.43 -2.94
C PHE A 27 2.34 -9.33 -4.04
N VAL A 28 2.34 -8.80 -5.28
CA VAL A 28 1.82 -9.54 -6.41
C VAL A 28 2.95 -10.18 -7.25
N LEU A 29 3.69 -11.09 -6.62
CA LEU A 29 4.77 -11.80 -7.32
C LEU A 29 4.21 -12.63 -8.46
N GLY A 30 3.08 -13.27 -8.20
CA GLY A 30 2.36 -14.06 -9.20
C GLY A 30 0.87 -14.10 -8.89
N ALA A 31 0.38 -12.97 -8.37
CA ALA A 31 -1.03 -12.85 -7.97
C ALA A 31 -1.96 -12.60 -9.15
N GLU A 32 -2.80 -13.59 -9.46
CA GLU A 32 -3.82 -13.45 -10.49
C GLU A 32 -4.86 -12.42 -10.03
N ASP A 33 -5.10 -12.38 -8.72
CA ASP A 33 -6.04 -11.45 -8.10
C ASP A 33 -5.61 -9.99 -8.33
N GLY A 34 -4.31 -9.73 -8.21
CA GLY A 34 -3.76 -8.38 -8.48
C GLY A 34 -3.85 -7.47 -7.26
N CYS A 35 -4.33 -8.02 -6.14
CA CYS A 35 -4.51 -7.24 -4.90
C CYS A 35 -3.71 -7.87 -3.75
N ILE A 36 -3.48 -7.11 -2.68
CA ILE A 36 -2.80 -7.67 -1.52
C ILE A 36 -3.87 -8.34 -0.67
N SER A 37 -3.75 -9.64 -0.44
CA SER A 37 -4.79 -10.38 0.28
C SER A 37 -4.36 -10.72 1.70
N THR A 38 -3.81 -9.72 2.38
CA THR A 38 -3.32 -9.82 3.77
C THR A 38 -2.19 -10.83 3.95
N LYS A 39 -2.25 -11.93 3.23
CA LYS A 39 -1.20 -12.94 3.22
C LYS A 39 0.09 -12.34 2.65
N GLU A 40 -0.06 -11.58 1.58
CA GLU A 40 1.05 -10.91 0.90
C GLU A 40 1.36 -9.58 1.57
N LEU A 41 0.40 -9.08 2.33
CA LEU A 41 0.58 -7.83 3.05
C LEU A 41 1.73 -7.96 4.04
N GLY A 42 1.85 -9.14 4.66
CA GLY A 42 2.90 -9.43 5.64
C GLY A 42 4.30 -9.02 5.14
N LYS A 43 4.45 -8.95 3.83
CA LYS A 43 5.72 -8.53 3.23
C LYS A 43 5.98 -7.05 3.55
N VAL A 44 4.89 -6.32 3.83
CA VAL A 44 4.96 -4.92 4.29
C VAL A 44 5.73 -4.82 5.60
N MET A 45 5.45 -5.76 6.51
CA MET A 45 6.06 -5.78 7.83
C MET A 45 7.57 -5.92 7.78
N ARG A 46 8.05 -6.61 6.74
CA ARG A 46 9.49 -6.75 6.53
C ARG A 46 10.13 -5.37 6.40
N MET A 47 9.47 -4.46 5.69
CA MET A 47 9.95 -3.08 5.52
C MET A 47 9.99 -2.38 6.88
N LEU A 48 8.92 -2.58 7.65
CA LEU A 48 8.75 -1.94 8.95
C LEU A 48 9.76 -2.42 9.96
N GLY A 49 10.06 -3.71 9.91
CA GLY A 49 10.97 -4.34 10.87
C GLY A 49 10.21 -5.20 11.88
N GLN A 50 8.89 -5.03 11.96
CA GLN A 50 8.06 -5.85 12.86
C GLN A 50 7.72 -7.20 12.22
N ASN A 51 7.62 -8.25 13.06
CA ASN A 51 7.30 -9.60 12.56
C ASN A 51 6.14 -10.26 13.35
N PRO A 52 4.98 -9.63 13.35
CA PRO A 52 3.76 -10.17 14.02
C PRO A 52 3.11 -11.26 13.18
N THR A 53 2.13 -11.95 13.78
CA THR A 53 1.41 -13.01 13.07
C THR A 53 0.89 -12.52 11.72
N PRO A 54 0.97 -13.33 10.69
CA PRO A 54 0.49 -12.96 9.33
C PRO A 54 -0.98 -12.51 9.35
N GLU A 55 -1.78 -13.16 10.20
CA GLU A 55 -3.19 -12.83 10.32
C GLU A 55 -3.42 -11.41 10.89
N GLU A 56 -2.41 -10.86 11.57
CA GLU A 56 -2.48 -9.49 12.12
C GLU A 56 -2.60 -8.48 10.98
N LEU A 57 -2.14 -8.87 9.80
CA LEU A 57 -2.11 -8.02 8.61
C LEU A 57 -3.52 -7.58 8.20
N GLN A 58 -4.47 -8.51 8.31
CA GLN A 58 -5.83 -8.23 7.87
C GLN A 58 -6.38 -7.00 8.58
N GLU A 59 -6.04 -6.85 9.86
CA GLU A 59 -6.47 -5.69 10.61
C GLU A 59 -5.85 -4.39 10.07
N MET A 60 -4.59 -4.49 9.58
CA MET A 60 -3.93 -3.34 8.96
C MET A 60 -4.68 -2.93 7.69
N ILE A 61 -5.18 -3.94 6.95
CA ILE A 61 -6.02 -3.68 5.78
C ILE A 61 -7.32 -3.02 6.21
N ASP A 62 -7.90 -3.51 7.29
CA ASP A 62 -9.15 -2.94 7.79
C ASP A 62 -8.95 -1.47 8.19
N GLU A 63 -7.80 -1.17 8.82
CA GLU A 63 -7.47 0.21 9.17
C GLU A 63 -7.23 1.07 7.91
N VAL A 64 -6.40 0.54 7.02
CA VAL A 64 -6.04 1.19 5.75
C VAL A 64 -7.23 1.27 4.78
N ASP A 65 -7.96 0.15 4.64
CA ASP A 65 -9.05 0.05 3.68
C ASP A 65 -10.33 0.64 4.28
N GLU A 66 -10.55 1.91 4.04
CA GLU A 66 -11.68 2.62 4.63
C GLU A 66 -13.03 2.31 3.96
N ASP A 67 -13.01 1.54 2.85
CA ASP A 67 -14.28 1.20 2.17
C ASP A 67 -14.89 -0.12 2.70
N GLY A 68 -14.17 -0.80 3.59
CA GLY A 68 -14.66 -2.05 4.19
C GLY A 68 -14.75 -3.20 3.18
N SER A 69 -14.01 -3.09 2.06
CA SER A 69 -14.03 -4.14 1.03
C SER A 69 -13.11 -5.32 1.40
N GLY A 70 -12.17 -5.07 2.31
CA GLY A 70 -11.23 -6.10 2.73
C GLY A 70 -10.15 -6.32 1.67
N THR A 71 -10.18 -5.50 0.62
CA THR A 71 -9.23 -5.59 -0.48
C THR A 71 -8.44 -4.31 -0.64
N VAL A 72 -7.13 -4.44 -0.74
CA VAL A 72 -6.23 -3.30 -0.95
C VAL A 72 -5.52 -3.44 -2.29
N ASP A 73 -6.30 -3.41 -3.35
CA ASP A 73 -5.80 -3.56 -4.72
C ASP A 73 -5.13 -2.30 -5.19
N PHE A 74 -4.54 -2.35 -6.37
CA PHE A 74 -3.81 -1.20 -6.92
C PHE A 74 -4.71 0.04 -7.01
N ASP A 75 -5.91 -0.13 -7.55
CA ASP A 75 -6.85 0.99 -7.69
C ASP A 75 -7.23 1.55 -6.30
N GLU A 76 -7.57 0.67 -5.36
CA GLU A 76 -7.83 1.10 -3.98
C GLU A 76 -6.56 1.62 -3.30
N PHE A 77 -5.47 0.91 -3.52
CA PHE A 77 -4.19 1.29 -2.95
C PHE A 77 -3.82 2.71 -3.37
N LEU A 78 -3.96 3.01 -4.65
CA LEU A 78 -3.73 4.36 -5.15
C LEU A 78 -4.77 5.37 -4.60
N VAL A 79 -6.06 5.00 -4.66
CA VAL A 79 -7.17 5.94 -4.37
C VAL A 79 -7.65 5.90 -2.89
N MET A 80 -7.96 4.70 -2.39
CA MET A 80 -8.49 4.51 -1.03
C MET A 80 -7.49 5.00 0.01
N MET A 81 -6.20 4.76 -0.26
CA MET A 81 -5.15 5.20 0.66
C MET A 81 -5.22 6.71 0.92
N VAL A 82 -5.72 7.44 -0.07
CA VAL A 82 -5.82 8.87 0.01
C VAL A 82 -6.75 9.30 1.13
N ARG A 83 -7.60 8.37 1.59
CA ARG A 83 -8.52 8.64 2.69
C ARG A 83 -7.72 9.05 3.94
N CYS A 84 -6.63 8.34 4.17
CA CYS A 84 -5.71 8.64 5.27
C CYS A 84 -4.93 9.93 4.99
N MET A 85 -4.68 10.20 3.71
CA MET A 85 -3.90 11.37 3.27
C MET A 85 -4.57 12.69 3.69
N LYS A 86 -5.90 12.70 3.69
CA LYS A 86 -6.64 13.94 3.95
C LYS A 86 -6.29 14.55 5.31
N ASP A 87 -6.14 13.70 6.32
CA ASP A 87 -5.72 14.13 7.64
C ASP A 87 -6.64 15.21 8.22
N ASP A 88 -7.92 15.12 7.89
CA ASP A 88 -8.91 16.08 8.42
C ASP A 88 -9.24 15.77 9.89
N SER A 89 -9.45 16.82 10.69
CA SER A 89 -9.75 16.66 12.10
C SER A 89 -10.24 17.97 12.72
N ARG B 1 0.65 9.37 1.48
CA ARG B 1 0.75 10.18 2.72
C ARG B 1 -0.12 9.60 3.85
N ILE B 2 -0.15 8.27 3.95
CA ILE B 2 -0.80 7.62 5.12
C ILE B 2 0.12 7.75 6.34
N SER B 3 0.10 8.95 6.95
CA SER B 3 1.02 9.33 8.03
C SER B 3 2.46 9.36 7.52
N ALA B 4 2.96 8.19 7.16
CA ALA B 4 4.27 8.05 6.52
C ALA B 4 4.19 6.93 5.47
N ASP B 5 4.76 7.17 4.29
CA ASP B 5 4.69 6.19 3.21
C ASP B 5 5.95 5.30 3.17
N ALA B 6 6.05 4.39 4.13
CA ALA B 6 7.17 3.45 4.19
C ALA B 6 7.18 2.58 2.95
N MET B 7 6.01 2.45 2.35
CA MET B 7 5.85 1.68 1.12
C MET B 7 6.71 2.25 -0.01
N MET B 8 6.76 3.59 -0.11
CA MET B 8 7.65 4.24 -1.06
C MET B 8 9.10 4.00 -0.65
N GLN B 9 9.33 4.02 0.67
CA GLN B 9 10.64 3.79 1.28
C GLN B 9 11.07 2.31 1.18
N ALA B 10 10.09 1.44 0.86
CA ALA B 10 10.28 -0.03 0.75
C ALA B 10 11.59 -0.46 0.07
N LEU B 11 12.26 0.50 -0.57
CA LEU B 11 13.46 0.23 -1.38
C LEU B 11 14.54 -0.41 -0.51
N LEU B 12 14.65 0.04 0.72
CA LEU B 12 15.69 -0.46 1.64
C LEU B 12 15.53 -1.97 1.93
N GLY B 13 16.65 -2.61 2.27
CA GLY B 13 16.63 -4.02 2.72
C GLY B 13 16.48 -5.03 1.58
N ALA B 14 16.86 -4.63 0.36
CA ALA B 14 16.76 -5.54 -0.81
C ALA B 14 18.14 -5.89 -1.38
N ARG B 15 18.51 -7.18 -1.30
CA ARG B 15 19.78 -7.68 -1.85
C ARG B 15 19.64 -8.98 -2.63
N ALA B 16 20.53 -9.16 -3.61
CA ALA B 16 20.56 -10.34 -4.46
C ALA B 16 22.00 -10.73 -4.77
N LYS B 17 22.21 -12.01 -5.09
CA LYS B 17 23.56 -12.49 -5.40
C LYS B 17 23.62 -13.11 -6.80
N MET A 1 -17.36 10.00 -9.06
CA MET A 1 -17.48 11.48 -8.96
C MET A 1 -16.48 12.01 -7.91
N ASP A 2 -15.97 11.10 -7.07
CA ASP A 2 -14.97 11.44 -6.05
C ASP A 2 -13.57 11.53 -6.68
N ASP A 3 -13.52 12.18 -7.83
CA ASP A 3 -12.31 12.31 -8.63
C ASP A 3 -11.32 13.31 -8.02
N ILE A 4 -11.75 14.02 -6.98
CA ILE A 4 -10.86 14.97 -6.31
C ILE A 4 -9.58 14.28 -5.84
N TYR A 5 -9.72 13.04 -5.37
CA TYR A 5 -8.57 12.25 -4.94
C TYR A 5 -7.67 11.92 -6.13
N LYS A 6 -8.31 11.65 -7.28
CA LYS A 6 -7.62 11.42 -8.53
C LYS A 6 -6.86 12.69 -8.93
N ALA A 7 -7.51 13.84 -8.76
CA ALA A 7 -6.89 15.13 -9.03
C ALA A 7 -5.76 15.41 -8.02
N ALA A 8 -5.98 15.01 -6.77
CA ALA A 8 -5.01 15.24 -5.69
C ALA A 8 -3.72 14.43 -5.90
N VAL A 9 -3.87 13.20 -6.39
CA VAL A 9 -2.72 12.33 -6.62
C VAL A 9 -1.75 12.92 -7.65
N GLU A 10 -2.27 13.81 -8.51
CA GLU A 10 -1.45 14.47 -9.54
C GLU A 10 -0.29 15.25 -8.91
N GLN A 11 -0.47 15.69 -7.67
CA GLN A 11 0.60 16.42 -6.97
C GLN A 11 1.78 15.48 -6.69
N LEU A 12 1.47 14.21 -6.49
CA LEU A 12 2.49 13.18 -6.32
C LEU A 12 3.22 12.97 -7.65
N THR A 13 4.55 12.91 -7.59
CA THR A 13 5.36 12.77 -8.80
C THR A 13 5.17 11.40 -9.46
N GLU A 14 5.51 11.32 -10.75
CA GLU A 14 5.40 10.06 -11.49
C GLU A 14 6.37 9.03 -10.91
N GLU A 15 7.58 9.48 -10.58
CA GLU A 15 8.56 8.64 -9.92
C GLU A 15 8.10 8.24 -8.53
N GLN A 16 7.47 9.18 -7.82
CA GLN A 16 6.90 8.86 -6.51
C GLN A 16 5.87 7.74 -6.67
N LYS A 17 5.02 7.85 -7.67
CA LYS A 17 4.04 6.82 -7.99
C LYS A 17 4.73 5.55 -8.49
N ASN A 18 5.69 5.70 -9.41
CA ASN A 18 6.44 4.56 -9.96
C ASN A 18 7.28 3.88 -8.87
N GLU A 19 7.87 4.68 -7.99
CA GLU A 19 8.64 4.16 -6.86
C GLU A 19 7.69 3.43 -5.92
N PHE A 20 6.48 3.96 -5.83
CA PHE A 20 5.41 3.39 -5.02
C PHE A 20 5.18 1.95 -5.47
N LYS A 21 5.13 1.77 -6.78
CA LYS A 21 4.93 0.47 -7.40
C LYS A 21 6.02 -0.53 -6.98
N ALA A 22 7.25 -0.07 -6.76
CA ALA A 22 8.31 -0.98 -6.28
C ALA A 22 7.81 -1.74 -5.05
N ALA A 23 7.11 -1.01 -4.16
CA ALA A 23 6.45 -1.64 -3.01
C ALA A 23 5.32 -2.56 -3.46
N PHE A 24 4.64 -2.18 -4.54
CA PHE A 24 3.54 -2.98 -5.08
C PHE A 24 4.00 -4.39 -5.36
N ASP A 25 5.23 -4.51 -5.86
CA ASP A 25 5.80 -5.81 -6.14
C ASP A 25 5.88 -6.63 -4.85
N ILE A 26 6.23 -5.96 -3.72
CA ILE A 26 6.24 -6.63 -2.42
C ILE A 26 4.80 -6.97 -1.99
N PHE A 27 3.86 -6.06 -2.30
CA PHE A 27 2.46 -6.26 -1.97
C PHE A 27 1.90 -7.52 -2.65
N VAL A 28 2.24 -7.69 -3.92
CA VAL A 28 1.83 -8.88 -4.67
C VAL A 28 3.00 -9.87 -4.82
N LEU A 29 3.67 -10.15 -3.70
CA LEU A 29 4.83 -11.05 -3.69
C LEU A 29 4.44 -12.44 -4.17
N GLY A 30 3.27 -12.89 -3.75
CA GLY A 30 2.76 -14.23 -4.08
C GLY A 30 1.31 -14.17 -4.55
N ALA A 31 0.97 -13.08 -5.24
CA ALA A 31 -0.39 -12.87 -5.76
C ALA A 31 -0.39 -12.52 -7.23
N GLU A 32 -0.85 -13.46 -8.06
CA GLU A 32 -0.99 -13.25 -9.49
C GLU A 32 -2.28 -12.50 -9.81
N ASP A 33 -3.15 -12.43 -8.81
CA ASP A 33 -4.47 -11.78 -8.92
C ASP A 33 -4.35 -10.30 -9.26
N GLY A 34 -3.34 -9.64 -8.67
CA GLY A 34 -3.13 -8.21 -8.88
C GLY A 34 -3.65 -7.38 -7.70
N CYS A 35 -4.44 -8.02 -6.84
CA CYS A 35 -4.95 -7.39 -5.62
C CYS A 35 -4.15 -7.89 -4.43
N ILE A 36 -4.17 -7.13 -3.32
CA ILE A 36 -3.41 -7.53 -2.15
C ILE A 36 -4.33 -8.25 -1.19
N SER A 37 -3.93 -9.45 -0.79
CA SER A 37 -4.71 -10.20 0.18
C SER A 37 -4.01 -10.14 1.53
N THR A 38 -4.78 -10.19 2.60
CA THR A 38 -4.23 -9.99 3.95
C THR A 38 -3.08 -10.95 4.24
N LYS A 39 -3.18 -12.16 3.72
CA LYS A 39 -2.07 -13.11 3.80
C LYS A 39 -0.83 -12.55 3.08
N GLU A 40 -1.05 -11.98 1.90
CA GLU A 40 0.02 -11.33 1.14
C GLU A 40 0.50 -10.06 1.84
N LEU A 41 -0.44 -9.37 2.48
CA LEU A 41 -0.12 -8.16 3.24
C LEU A 41 0.91 -8.52 4.33
N GLY A 42 0.79 -9.75 4.85
CA GLY A 42 1.77 -10.27 5.81
C GLY A 42 3.18 -10.26 5.20
N LYS A 43 3.26 -10.40 3.88
CA LYS A 43 4.53 -10.32 3.16
C LYS A 43 5.08 -8.90 3.33
N VAL A 44 4.18 -7.94 3.20
CA VAL A 44 4.49 -6.54 3.40
C VAL A 44 4.89 -6.27 4.86
N MET A 45 4.14 -6.87 5.79
CA MET A 45 4.43 -6.75 7.22
C MET A 45 5.82 -7.34 7.51
N ARG A 46 6.11 -8.46 6.84
CA ARG A 46 7.42 -9.11 6.93
C ARG A 46 8.49 -8.13 6.45
N MET A 47 8.17 -7.41 5.37
CA MET A 47 9.03 -6.39 4.81
C MET A 47 9.28 -5.29 5.85
N LEU A 48 8.23 -4.91 6.59
CA LEU A 48 8.37 -3.93 7.69
C LEU A 48 9.29 -4.47 8.79
N GLY A 49 9.19 -5.77 9.05
CA GLY A 49 9.97 -6.41 10.13
C GLY A 49 9.04 -7.11 11.10
N GLN A 50 7.76 -7.18 10.75
CA GLN A 50 6.75 -7.84 11.57
C GLN A 50 6.33 -9.16 10.94
N ASN A 51 6.25 -10.22 11.76
CA ASN A 51 5.90 -11.55 11.26
C ASN A 51 4.68 -12.14 11.99
N PRO A 52 3.66 -11.35 12.20
CA PRO A 52 2.37 -11.82 12.81
C PRO A 52 1.58 -12.72 11.85
N THR A 53 0.62 -13.49 12.39
CA THR A 53 -0.21 -14.41 11.58
C THR A 53 -0.75 -13.67 10.35
N PRO A 54 -0.65 -14.26 9.17
CA PRO A 54 -1.15 -13.61 7.90
C PRO A 54 -2.62 -13.20 8.02
N GLU A 55 -3.39 -14.02 8.72
CA GLU A 55 -4.81 -13.77 8.92
C GLU A 55 -5.04 -12.50 9.77
N GLU A 56 -4.12 -12.27 10.71
CA GLU A 56 -4.17 -11.10 11.63
C GLU A 56 -4.06 -9.78 10.86
N LEU A 57 -3.41 -9.82 9.72
CA LEU A 57 -3.20 -8.64 8.90
C LEU A 57 -4.51 -8.02 8.46
N GLN A 58 -5.61 -8.76 8.62
CA GLN A 58 -6.93 -8.26 8.24
C GLN A 58 -7.21 -6.90 8.89
N GLU A 59 -6.73 -6.71 10.12
CA GLU A 59 -6.97 -5.45 10.83
C GLU A 59 -6.35 -4.27 10.09
N MET A 60 -5.11 -4.43 9.62
CA MET A 60 -4.44 -3.34 8.89
C MET A 60 -5.19 -3.00 7.60
N ILE A 61 -5.54 -4.04 6.82
CA ILE A 61 -6.34 -3.85 5.61
C ILE A 61 -7.74 -3.30 5.91
N ASP A 62 -8.39 -3.85 6.94
CA ASP A 62 -9.76 -3.42 7.27
C ASP A 62 -9.78 -1.94 7.68
N GLU A 63 -8.79 -1.55 8.47
CA GLU A 63 -8.65 -0.16 8.87
C GLU A 63 -8.30 0.72 7.67
N VAL A 64 -7.37 0.23 6.86
CA VAL A 64 -6.91 0.91 5.65
C VAL A 64 -8.01 0.95 4.57
N ASP A 65 -8.70 -0.18 4.38
CA ASP A 65 -9.67 -0.33 3.28
C ASP A 65 -11.00 0.38 3.61
N GLU A 66 -11.21 1.52 2.95
CA GLU A 66 -12.42 2.34 3.15
C GLU A 66 -13.69 1.68 2.59
N ASP A 67 -13.56 1.03 1.43
CA ASP A 67 -14.72 0.44 0.75
C ASP A 67 -15.26 -0.78 1.52
N GLY A 68 -14.53 -1.24 2.52
CA GLY A 68 -14.97 -2.36 3.37
C GLY A 68 -15.00 -3.68 2.61
N SER A 69 -14.15 -3.81 1.59
CA SER A 69 -14.08 -5.07 0.83
C SER A 69 -13.25 -6.10 1.59
N GLY A 70 -12.51 -5.65 2.61
CA GLY A 70 -11.63 -6.53 3.38
C GLY A 70 -10.39 -6.85 2.56
N THR A 71 -10.31 -6.23 1.39
CA THR A 71 -9.20 -6.39 0.47
C THR A 71 -8.71 -5.03 0.01
N VAL A 72 -7.47 -4.98 -0.41
CA VAL A 72 -6.87 -3.73 -0.84
C VAL A 72 -6.38 -3.84 -2.28
N ASP A 73 -7.29 -3.53 -3.22
CA ASP A 73 -6.97 -3.53 -4.64
C ASP A 73 -6.07 -2.34 -4.95
N PHE A 74 -5.24 -2.45 -5.97
CA PHE A 74 -4.29 -1.38 -6.27
C PHE A 74 -5.02 -0.08 -6.56
N ASP A 75 -6.10 -0.17 -7.31
CA ASP A 75 -6.93 0.99 -7.61
C ASP A 75 -7.51 1.59 -6.32
N GLU A 76 -7.96 0.70 -5.40
CA GLU A 76 -8.41 1.14 -4.06
C GLU A 76 -7.23 1.72 -3.28
N PHE A 77 -6.10 1.03 -3.40
CA PHE A 77 -4.88 1.35 -2.66
C PHE A 77 -4.36 2.78 -2.93
N LEU A 78 -4.21 3.12 -4.20
CA LEU A 78 -3.68 4.44 -4.55
C LEU A 78 -4.65 5.56 -4.15
N VAL A 79 -5.90 5.38 -4.54
CA VAL A 79 -6.94 6.39 -4.32
C VAL A 79 -7.25 6.57 -2.82
N MET A 80 -7.41 5.46 -2.11
CA MET A 80 -7.71 5.49 -0.68
C MET A 80 -6.57 6.15 0.12
N MET A 81 -5.35 5.91 -0.30
CA MET A 81 -4.17 6.47 0.38
C MET A 81 -4.19 8.01 0.33
N VAL A 82 -4.70 8.58 -0.77
CA VAL A 82 -4.81 10.04 -0.89
C VAL A 82 -5.70 10.61 0.22
N ARG A 83 -6.61 9.78 0.76
CA ARG A 83 -7.48 10.23 1.86
C ARG A 83 -6.64 10.59 3.08
N CYS A 84 -5.68 9.74 3.39
CA CYS A 84 -4.77 9.98 4.50
C CYS A 84 -3.89 11.18 4.23
N MET A 85 -3.50 11.33 2.97
CA MET A 85 -2.70 12.48 2.52
C MET A 85 -3.52 13.77 2.70
N LYS A 86 -4.81 13.71 2.33
CA LYS A 86 -5.73 14.83 2.49
C LYS A 86 -5.97 15.16 3.97
N ASP A 87 -6.19 14.11 4.78
CA ASP A 87 -6.55 14.25 6.20
C ASP A 87 -7.86 15.04 6.37
N ASP A 88 -8.57 15.26 5.26
CA ASP A 88 -9.85 15.99 5.27
C ASP A 88 -9.74 17.31 6.06
N SER A 89 -8.51 17.82 6.19
CA SER A 89 -8.26 19.05 6.96
C SER A 89 -7.49 20.08 6.12
N ARG B 1 2.07 7.56 1.44
CA ARG B 1 2.20 8.59 2.51
C ARG B 1 1.45 8.17 3.75
N ILE B 2 0.21 7.69 3.59
CA ILE B 2 -0.65 7.33 4.75
C ILE B 2 -0.24 8.12 6.02
N SER B 3 0.59 7.49 6.86
CA SER B 3 1.24 8.19 7.99
C SER B 3 2.76 8.20 7.81
N ALA B 4 3.23 7.43 6.80
CA ALA B 4 4.64 7.37 6.41
C ALA B 4 4.79 6.74 5.02
N ASP B 5 5.88 7.09 4.33
CA ASP B 5 6.22 6.49 3.03
C ASP B 5 7.10 5.27 3.22
N ALA B 6 7.22 4.83 4.48
CA ALA B 6 8.06 3.70 4.84
C ALA B 6 7.96 2.52 3.86
N MET B 7 6.87 2.44 3.08
CA MET B 7 6.69 1.34 2.13
C MET B 7 7.81 1.34 1.08
N MET B 8 8.16 2.52 0.58
CA MET B 8 9.27 2.64 -0.35
C MET B 8 10.61 2.32 0.34
N GLN B 9 10.73 2.79 1.57
CA GLN B 9 11.94 2.59 2.40
C GLN B 9 12.09 1.13 2.85
N ALA B 10 10.96 0.50 3.12
CA ALA B 10 10.87 -0.86 3.66
C ALA B 10 11.41 -1.94 2.71
N LEU B 11 11.66 -1.57 1.46
CA LEU B 11 12.10 -2.52 0.43
C LEU B 11 13.39 -3.22 0.87
N LEU B 12 14.25 -2.47 1.55
CA LEU B 12 15.52 -2.97 2.15
C LEU B 12 15.88 -4.41 1.74
N GLY B 13 15.08 -5.37 2.22
CA GLY B 13 15.35 -6.80 2.01
C GLY B 13 15.51 -7.17 0.54
N ALA B 14 14.88 -6.39 -0.34
CA ALA B 14 14.94 -6.65 -1.78
C ALA B 14 16.35 -6.35 -2.33
N ARG B 15 16.86 -7.27 -3.17
CA ARG B 15 18.21 -7.11 -3.76
C ARG B 15 18.20 -7.38 -5.26
N ALA B 16 18.93 -6.56 -5.99
CA ALA B 16 19.08 -6.71 -7.43
C ALA B 16 20.56 -6.74 -7.82
N LYS B 17 21.44 -6.51 -6.84
CA LYS B 17 22.89 -6.50 -7.06
C LYS B 17 23.61 -7.24 -5.93
N MET A 1 -16.76 14.76 -8.86
CA MET A 1 -16.90 13.28 -8.69
C MET A 1 -15.74 12.77 -7.83
N ASP A 2 -15.20 11.61 -8.21
CA ASP A 2 -14.04 11.03 -7.55
C ASP A 2 -12.77 11.86 -7.83
N ASP A 3 -12.88 12.80 -8.78
CA ASP A 3 -11.73 13.62 -9.19
C ASP A 3 -11.17 14.43 -8.01
N ILE A 4 -11.89 14.44 -6.90
CA ILE A 4 -11.40 15.09 -5.69
C ILE A 4 -10.23 14.30 -5.09
N TYR A 5 -10.39 12.98 -5.02
CA TYR A 5 -9.34 12.10 -4.53
C TYR A 5 -8.18 12.04 -5.54
N LYS A 6 -8.54 12.05 -6.81
CA LYS A 6 -7.56 12.03 -7.91
C LYS A 6 -6.67 13.27 -7.87
N ALA A 7 -7.26 14.41 -7.51
CA ALA A 7 -6.54 15.68 -7.46
C ALA A 7 -5.30 15.57 -6.56
N ALA A 8 -5.44 14.79 -5.48
CA ALA A 8 -4.32 14.52 -4.56
C ALA A 8 -3.19 13.76 -5.27
N VAL A 9 -3.57 12.82 -6.12
CA VAL A 9 -2.63 12.02 -6.91
C VAL A 9 -1.83 12.93 -7.84
N GLU A 10 -2.52 13.87 -8.48
CA GLU A 10 -1.88 14.83 -9.39
C GLU A 10 -0.82 15.66 -8.68
N GLN A 11 -0.95 15.81 -7.36
CA GLN A 11 0.01 16.57 -6.56
C GLN A 11 1.37 15.87 -6.52
N LEU A 12 1.35 14.54 -6.58
CA LEU A 12 2.58 13.77 -6.58
C LEU A 12 3.31 13.98 -7.90
N THR A 13 4.61 14.24 -7.79
CA THR A 13 5.45 14.49 -8.96
C THR A 13 5.49 13.26 -9.84
N GLU A 14 5.94 13.43 -11.06
CA GLU A 14 6.10 12.29 -11.97
C GLU A 14 7.04 11.26 -11.34
N GLU A 15 8.06 11.77 -10.63
CA GLU A 15 9.00 10.89 -9.92
C GLU A 15 8.29 10.15 -8.77
N GLN A 16 7.51 10.91 -7.98
CA GLN A 16 6.74 10.36 -6.85
C GLN A 16 5.64 9.43 -7.31
N LYS A 17 4.93 9.85 -8.33
CA LYS A 17 3.82 9.08 -8.85
C LYS A 17 4.32 7.72 -9.36
N ASN A 18 5.41 7.76 -10.13
CA ASN A 18 6.03 6.52 -10.62
C ASN A 18 6.72 5.74 -9.49
N GLU A 19 7.42 6.46 -8.61
CA GLU A 19 8.14 5.85 -7.47
C GLU A 19 7.17 5.16 -6.52
N PHE A 20 5.90 5.49 -6.67
CA PHE A 20 4.83 5.00 -5.81
C PHE A 20 4.84 3.45 -5.82
N LYS A 21 4.94 2.90 -7.04
CA LYS A 21 4.98 1.43 -7.29
C LYS A 21 6.27 0.74 -6.75
N ALA A 22 7.24 1.52 -6.27
CA ALA A 22 8.56 0.94 -5.86
C ALA A 22 8.41 -0.36 -5.04
N ALA A 23 7.74 -0.29 -3.90
CA ALA A 23 7.55 -1.46 -3.01
C ALA A 23 6.48 -2.42 -3.54
N PHE A 24 5.76 -2.01 -4.58
CA PHE A 24 4.66 -2.79 -5.13
C PHE A 24 5.15 -4.17 -5.58
N ASP A 25 6.34 -4.20 -6.16
CA ASP A 25 6.94 -5.44 -6.70
C ASP A 25 7.12 -6.49 -5.60
N ILE A 26 7.43 -6.05 -4.39
CA ILE A 26 7.67 -6.98 -3.29
C ILE A 26 6.41 -7.78 -2.94
N PHE A 27 5.24 -7.15 -3.13
CA PHE A 27 3.96 -7.79 -2.82
C PHE A 27 3.53 -8.73 -3.94
N VAL A 28 3.65 -8.26 -5.18
CA VAL A 28 3.31 -9.07 -6.34
C VAL A 28 4.53 -9.85 -6.85
N LEU A 29 5.02 -10.73 -5.99
CA LEU A 29 6.17 -11.56 -6.29
C LEU A 29 5.85 -12.52 -7.44
N GLY A 30 4.64 -13.06 -7.40
CA GLY A 30 4.15 -13.98 -8.43
C GLY A 30 2.63 -13.95 -8.48
N ALA A 31 2.04 -12.75 -8.28
CA ALA A 31 0.58 -12.62 -8.19
C ALA A 31 -0.08 -12.46 -9.56
N GLU A 32 -0.83 -13.47 -9.97
CA GLU A 32 -1.62 -13.40 -11.20
C GLU A 32 -2.71 -12.36 -11.06
N ASP A 33 -3.20 -12.18 -9.84
CA ASP A 33 -4.27 -11.23 -9.57
C ASP A 33 -3.83 -9.79 -9.89
N GLY A 34 -2.58 -9.44 -9.53
CA GLY A 34 -2.03 -8.09 -9.81
C GLY A 34 -2.35 -7.09 -8.68
N CYS A 35 -2.84 -7.61 -7.55
CA CYS A 35 -3.18 -6.80 -6.39
C CYS A 35 -2.40 -7.27 -5.16
N ILE A 36 -2.47 -6.50 -4.06
CA ILE A 36 -1.80 -6.90 -2.84
C ILE A 36 -2.77 -7.66 -1.95
N SER A 37 -2.44 -8.91 -1.69
CA SER A 37 -3.27 -9.74 -0.82
C SER A 37 -2.59 -9.85 0.51
N THR A 38 -3.31 -10.30 1.52
CA THR A 38 -2.73 -10.38 2.85
C THR A 38 -1.54 -11.34 2.89
N LYS A 39 -1.65 -12.46 2.16
CA LYS A 39 -0.51 -13.38 2.01
C LYS A 39 0.65 -12.67 1.30
N GLU A 40 0.35 -11.95 0.21
CA GLU A 40 1.36 -11.15 -0.49
C GLU A 40 1.84 -10.00 0.39
N LEU A 41 0.92 -9.46 1.16
CA LEU A 41 1.18 -8.36 2.06
C LEU A 41 2.19 -8.73 3.16
N GLY A 42 2.14 -9.98 3.65
CA GLY A 42 2.97 -10.43 4.78
C GLY A 42 4.41 -9.89 4.71
N LYS A 43 4.83 -9.45 3.53
CA LYS A 43 6.12 -8.80 3.36
C LYS A 43 6.19 -7.49 4.15
N VAL A 44 5.05 -6.81 4.27
CA VAL A 44 4.99 -5.53 4.98
C VAL A 44 5.43 -5.67 6.45
N MET A 45 4.92 -6.70 7.13
CA MET A 45 5.25 -6.88 8.55
C MET A 45 6.72 -7.20 8.80
N ARG A 46 7.33 -7.97 7.89
CA ARG A 46 8.77 -8.22 7.93
C ARG A 46 9.53 -6.89 7.72
N MET A 47 9.02 -6.09 6.78
CA MET A 47 9.55 -4.75 6.53
C MET A 47 9.42 -3.90 7.80
N LEU A 48 8.26 -3.99 8.44
CA LEU A 48 7.99 -3.25 9.68
C LEU A 48 8.91 -3.72 10.82
N GLY A 49 9.12 -5.03 10.89
CA GLY A 49 9.90 -5.62 11.99
C GLY A 49 8.97 -6.33 12.97
N GLN A 50 7.71 -6.47 12.57
CA GLN A 50 6.68 -7.12 13.40
C GLN A 50 6.53 -8.60 13.01
N ASN A 51 6.18 -9.44 13.99
CA ASN A 51 6.03 -10.90 13.76
C ASN A 51 4.59 -11.37 14.04
N PRO A 52 3.61 -10.71 13.47
CA PRO A 52 2.15 -11.02 13.69
C PRO A 52 1.69 -12.28 12.93
N THR A 53 0.64 -12.94 13.44
CA THR A 53 0.00 -14.06 12.73
C THR A 53 -0.60 -13.56 11.38
N PRO A 54 -0.61 -14.37 10.33
CA PRO A 54 -1.18 -13.96 8.99
C PRO A 54 -2.60 -13.47 9.12
N GLU A 55 -3.33 -14.03 10.09
CA GLU A 55 -4.70 -13.61 10.36
C GLU A 55 -4.73 -12.13 10.75
N GLU A 56 -3.74 -11.73 11.56
CA GLU A 56 -3.55 -10.32 11.96
C GLU A 56 -3.15 -9.48 10.75
N LEU A 57 -2.42 -10.11 9.85
CA LEU A 57 -1.87 -9.44 8.67
C LEU A 57 -3.00 -8.89 7.81
N GLN A 58 -4.06 -9.67 7.67
CA GLN A 58 -5.23 -9.28 6.89
C GLN A 58 -5.86 -8.01 7.43
N GLU A 59 -5.83 -7.86 8.76
CA GLU A 59 -6.44 -6.69 9.41
C GLU A 59 -5.79 -5.40 8.87
N MET A 60 -4.51 -5.50 8.54
CA MET A 60 -3.75 -4.38 7.99
C MET A 60 -4.42 -3.91 6.70
N ILE A 61 -4.74 -4.87 5.83
CA ILE A 61 -5.53 -4.62 4.63
C ILE A 61 -6.95 -4.17 4.94
N ASP A 62 -7.60 -4.82 5.91
CA ASP A 62 -9.01 -4.55 6.19
C ASP A 62 -9.20 -3.10 6.66
N GLU A 63 -8.24 -2.60 7.44
CA GLU A 63 -8.27 -1.21 7.89
C GLU A 63 -8.08 -0.27 6.67
N VAL A 64 -7.13 -0.63 5.83
CA VAL A 64 -6.85 0.12 4.60
C VAL A 64 -7.98 0.02 3.59
N ASP A 65 -8.50 -1.20 3.42
CA ASP A 65 -9.49 -1.50 2.38
C ASP A 65 -10.91 -1.22 2.87
N GLU A 66 -11.43 -0.05 2.54
CA GLU A 66 -12.78 0.33 2.93
C GLU A 66 -13.85 -0.50 2.21
N ASP A 67 -13.58 -0.85 0.94
CA ASP A 67 -14.57 -1.58 0.13
C ASP A 67 -14.85 -2.98 0.70
N GLY A 68 -13.93 -3.48 1.52
CA GLY A 68 -14.11 -4.77 2.20
C GLY A 68 -13.81 -5.97 1.30
N SER A 69 -12.94 -5.78 0.30
CA SER A 69 -12.56 -6.87 -0.60
C SER A 69 -11.49 -7.75 0.04
N GLY A 70 -10.97 -7.31 1.19
CA GLY A 70 -9.94 -8.07 1.93
C GLY A 70 -8.60 -8.04 1.19
N THR A 71 -8.58 -7.30 0.09
CA THR A 71 -7.41 -7.17 -0.76
C THR A 71 -7.29 -5.73 -1.22
N VAL A 72 -6.09 -5.32 -1.55
CA VAL A 72 -5.85 -3.94 -1.97
C VAL A 72 -5.10 -3.85 -3.28
N ASP A 73 -5.83 -3.57 -4.33
CA ASP A 73 -5.26 -3.34 -5.64
C ASP A 73 -4.68 -1.93 -5.73
N PHE A 74 -3.77 -1.73 -6.66
CA PHE A 74 -3.17 -0.43 -6.85
C PHE A 74 -4.26 0.60 -7.17
N ASP A 75 -5.25 0.20 -7.97
CA ASP A 75 -6.37 1.06 -8.32
C ASP A 75 -7.14 1.45 -7.06
N GLU A 76 -7.35 0.46 -6.17
CA GLU A 76 -7.99 0.76 -4.89
C GLU A 76 -7.06 1.57 -3.99
N PHE A 77 -5.82 1.12 -3.87
CA PHE A 77 -4.84 1.71 -2.98
C PHE A 77 -4.54 3.17 -3.33
N LEU A 78 -4.33 3.45 -4.61
CA LEU A 78 -3.92 4.80 -5.03
C LEU A 78 -4.95 5.84 -4.63
N VAL A 79 -6.18 5.55 -4.95
CA VAL A 79 -7.26 6.49 -4.73
C VAL A 79 -7.77 6.43 -3.27
N MET A 80 -7.95 5.21 -2.75
CA MET A 80 -8.49 4.99 -1.40
C MET A 80 -7.60 5.57 -0.29
N MET A 81 -6.29 5.32 -0.39
CA MET A 81 -5.34 5.77 0.63
C MET A 81 -5.19 7.30 0.64
N VAL A 82 -5.76 7.97 -0.36
CA VAL A 82 -5.73 9.44 -0.42
C VAL A 82 -6.49 10.05 0.77
N ARG A 83 -7.57 9.41 1.17
CA ARG A 83 -8.39 9.92 2.26
C ARG A 83 -7.54 10.02 3.54
N CYS A 84 -6.68 9.01 3.77
CA CYS A 84 -5.81 8.99 4.95
C CYS A 84 -4.59 9.95 4.81
N MET A 85 -4.15 10.20 3.56
CA MET A 85 -3.02 11.10 3.32
C MET A 85 -3.31 12.53 3.75
N LYS A 86 -4.55 12.98 3.54
CA LYS A 86 -4.96 14.34 3.89
C LYS A 86 -4.57 14.73 5.35
N ASP A 87 -4.20 13.75 6.16
CA ASP A 87 -3.89 14.02 7.56
C ASP A 87 -2.56 14.77 7.69
N ASP A 88 -2.68 16.10 7.72
CA ASP A 88 -1.52 16.98 7.75
C ASP A 88 -1.05 17.30 9.18
N SER A 89 -1.79 16.77 10.16
CA SER A 89 -1.51 17.03 11.58
C SER A 89 -0.01 17.05 11.88
N ARG B 1 1.69 8.11 0.98
CA ARG B 1 2.21 8.64 2.30
C ARG B 1 1.67 7.80 3.44
N ILE B 2 0.34 7.75 3.58
CA ILE B 2 -0.35 6.96 4.63
C ILE B 2 -0.01 7.45 6.05
N SER B 3 1.20 7.98 6.20
CA SER B 3 1.75 8.46 7.45
C SER B 3 3.18 8.94 7.16
N ALA B 4 4.17 8.40 7.87
CA ALA B 4 5.57 8.68 7.54
C ALA B 4 5.88 8.12 6.15
N ASP B 5 5.19 7.02 5.81
CA ASP B 5 5.32 6.30 4.54
C ASP B 5 6.32 5.16 4.64
N ALA B 6 5.86 4.07 5.23
CA ALA B 6 6.66 2.86 5.39
C ALA B 6 7.02 2.25 4.03
N MET B 7 6.20 2.53 3.02
CA MET B 7 6.42 2.00 1.67
C MET B 7 7.74 2.55 1.12
N MET B 8 7.99 3.83 1.35
CA MET B 8 9.26 4.44 0.99
C MET B 8 10.40 3.80 1.80
N GLN B 9 10.14 3.58 3.08
CA GLN B 9 11.09 2.92 3.98
C GLN B 9 11.32 1.46 3.59
N ALA B 10 10.30 0.85 2.97
CA ALA B 10 10.30 -0.58 2.59
C ALA B 10 11.62 -1.05 1.97
N LEU B 11 12.42 -0.13 1.46
CA LEU B 11 13.68 -0.51 0.79
C LEU B 11 14.64 -1.24 1.74
N LEU B 12 14.76 -0.75 2.98
CA LEU B 12 15.59 -1.42 4.02
C LEU B 12 17.05 -1.63 3.54
N GLY B 13 17.24 -2.58 2.61
CA GLY B 13 18.54 -2.92 2.06
C GLY B 13 18.42 -4.06 1.07
N ALA B 14 17.33 -4.03 0.30
CA ALA B 14 17.06 -5.09 -0.69
C ALA B 14 18.23 -5.29 -1.63
N ARG B 15 18.83 -6.47 -1.55
CA ARG B 15 19.97 -6.80 -2.41
C ARG B 15 19.58 -6.87 -3.90
N ALA B 16 18.40 -7.44 -4.18
CA ALA B 16 17.98 -7.64 -5.56
C ALA B 16 16.45 -7.61 -5.73
N LYS B 17 15.77 -6.93 -4.82
CA LYS B 17 14.31 -6.81 -4.91
C LYS B 17 13.93 -5.79 -6.01
N MET A 1 -18.31 9.53 -4.96
CA MET A 1 -17.71 10.68 -5.71
C MET A 1 -16.19 10.61 -5.58
N ASP A 2 -15.62 9.54 -6.13
CA ASP A 2 -14.19 9.30 -6.08
C ASP A 2 -13.41 10.38 -6.85
N ASP A 3 -14.03 10.87 -7.93
CA ASP A 3 -13.40 11.82 -8.84
C ASP A 3 -12.71 12.97 -8.10
N ILE A 4 -13.22 13.30 -6.90
CA ILE A 4 -12.60 14.37 -6.10
C ILE A 4 -11.26 13.93 -5.54
N TYR A 5 -11.24 12.71 -5.01
CA TYR A 5 -9.99 12.09 -4.55
C TYR A 5 -9.08 11.75 -5.74
N LYS A 6 -9.67 11.27 -6.82
CA LYS A 6 -8.89 10.89 -7.99
C LYS A 6 -8.17 12.12 -8.55
N ALA A 7 -8.87 13.25 -8.52
CA ALA A 7 -8.28 14.53 -8.91
C ALA A 7 -7.11 14.90 -7.98
N ALA A 8 -7.25 14.56 -6.70
CA ALA A 8 -6.21 14.79 -5.71
C ALA A 8 -4.93 14.03 -6.09
N VAL A 9 -5.12 12.84 -6.66
CA VAL A 9 -4.01 12.05 -7.19
C VAL A 9 -3.31 12.79 -8.32
N GLU A 10 -4.10 13.41 -9.20
CA GLU A 10 -3.58 14.17 -10.34
C GLU A 10 -2.74 15.38 -9.87
N GLN A 11 -2.99 15.84 -8.64
CA GLN A 11 -2.20 16.93 -8.05
C GLN A 11 -0.78 16.48 -7.78
N LEU A 12 -0.62 15.20 -7.48
CA LEU A 12 0.69 14.60 -7.17
C LEU A 12 1.56 14.53 -8.44
N THR A 13 2.88 14.67 -8.26
CA THR A 13 3.82 14.60 -9.38
C THR A 13 4.00 13.17 -9.87
N GLU A 14 4.60 13.01 -11.04
CA GLU A 14 4.77 11.70 -11.65
C GLU A 14 5.66 10.80 -10.78
N GLU A 15 6.72 11.37 -10.25
CA GLU A 15 7.63 10.65 -9.37
C GLU A 15 6.98 10.28 -8.06
N GLN A 16 6.11 11.14 -7.56
CA GLN A 16 5.38 10.84 -6.33
C GLN A 16 4.64 9.51 -6.47
N LYS A 17 3.95 9.35 -7.59
CA LYS A 17 3.28 8.09 -7.94
C LYS A 17 4.29 6.97 -8.20
N ASN A 18 5.41 7.32 -8.83
CA ASN A 18 6.43 6.32 -9.16
C ASN A 18 7.01 5.71 -7.88
N GLU A 19 7.29 6.55 -6.87
CA GLU A 19 7.76 6.05 -5.57
C GLU A 19 6.65 5.24 -4.92
N PHE A 20 5.43 5.66 -5.21
CA PHE A 20 4.23 5.04 -4.72
C PHE A 20 4.24 3.55 -5.12
N LYS A 21 4.57 3.31 -6.39
CA LYS A 21 4.62 1.98 -6.99
C LYS A 21 5.68 1.08 -6.31
N ALA A 22 6.81 1.68 -5.92
CA ALA A 22 7.97 0.91 -5.40
C ALA A 22 7.56 -0.09 -4.30
N ALA A 23 6.81 0.40 -3.30
CA ALA A 23 6.33 -0.46 -2.24
C ALA A 23 5.36 -1.50 -2.75
N PHE A 24 4.55 -1.10 -3.73
CA PHE A 24 3.58 -1.98 -4.36
C PHE A 24 4.32 -3.18 -4.97
N ASP A 25 5.46 -2.89 -5.61
CA ASP A 25 6.30 -3.92 -6.21
C ASP A 25 6.75 -4.96 -5.17
N ILE A 26 7.02 -4.52 -3.94
CA ILE A 26 7.45 -5.47 -2.90
C ILE A 26 6.34 -6.47 -2.55
N PHE A 27 5.11 -5.99 -2.51
CA PHE A 27 3.97 -6.81 -2.13
C PHE A 27 3.59 -7.81 -3.22
N VAL A 28 3.71 -7.38 -4.47
CA VAL A 28 3.21 -8.16 -5.61
C VAL A 28 4.29 -8.98 -6.31
N LEU A 29 5.05 -9.75 -5.53
CA LEU A 29 6.03 -10.66 -6.12
C LEU A 29 5.44 -12.05 -6.24
N GLY A 30 5.17 -12.46 -7.48
CA GLY A 30 4.56 -13.77 -7.75
C GLY A 30 3.04 -13.67 -7.87
N ALA A 31 2.50 -12.48 -7.64
CA ALA A 31 1.05 -12.27 -7.73
C ALA A 31 0.59 -12.38 -9.18
N GLU A 32 -0.48 -13.14 -9.40
CA GLU A 32 -1.03 -13.36 -10.73
C GLU A 32 -1.63 -12.07 -11.30
N ASP A 33 -2.39 -11.36 -10.47
CA ASP A 33 -3.06 -10.15 -10.92
C ASP A 33 -2.19 -8.89 -10.79
N GLY A 34 -2.56 -8.00 -9.87
CA GLY A 34 -1.85 -6.74 -9.66
C GLY A 34 -2.40 -6.02 -8.43
N CYS A 35 -2.80 -6.81 -7.42
CA CYS A 35 -3.36 -6.29 -6.17
C CYS A 35 -2.61 -6.87 -4.97
N ILE A 36 -2.80 -6.28 -3.78
CA ILE A 36 -2.14 -6.79 -2.60
C ILE A 36 -3.09 -7.60 -1.75
N SER A 37 -2.69 -8.80 -1.43
CA SER A 37 -3.49 -9.67 -0.58
C SER A 37 -2.87 -9.70 0.81
N THR A 38 -3.64 -10.13 1.79
CA THR A 38 -3.17 -10.14 3.17
C THR A 38 -1.95 -11.05 3.35
N LYS A 39 -1.94 -12.20 2.68
CA LYS A 39 -0.77 -13.08 2.70
C LYS A 39 0.46 -12.38 2.10
N GLU A 40 0.28 -11.74 0.94
CA GLU A 40 1.34 -10.95 0.30
C GLU A 40 1.65 -9.69 1.10
N LEU A 41 0.63 -9.20 1.77
CA LEU A 41 0.74 -8.01 2.62
C LEU A 41 1.75 -8.23 3.74
N GLY A 42 1.83 -9.47 4.23
CA GLY A 42 2.71 -9.82 5.36
C GLY A 42 4.10 -9.17 5.25
N LYS A 43 4.51 -8.84 4.03
CA LYS A 43 5.75 -8.09 3.83
C LYS A 43 5.68 -6.72 4.53
N VAL A 44 4.48 -6.14 4.54
CA VAL A 44 4.26 -4.82 5.14
C VAL A 44 4.66 -4.84 6.62
N MET A 45 4.26 -5.89 7.32
CA MET A 45 4.63 -6.08 8.71
C MET A 45 6.14 -6.35 8.87
N ARG A 46 6.70 -7.15 7.96
CA ARG A 46 8.17 -7.41 7.95
C ARG A 46 8.94 -6.15 7.67
N MET A 47 8.37 -5.33 6.81
CA MET A 47 8.89 -4.05 6.47
C MET A 47 8.94 -3.15 7.71
N LEU A 48 7.94 -3.28 8.55
CA LEU A 48 7.86 -2.51 9.79
C LEU A 48 8.60 -3.21 10.95
N GLY A 49 9.03 -4.47 10.71
CA GLY A 49 9.85 -5.21 11.68
C GLY A 49 9.08 -6.30 12.44
N GLN A 50 7.76 -6.38 12.22
CA GLN A 50 6.93 -7.39 12.90
C GLN A 50 6.67 -8.60 11.98
N ASN A 51 6.51 -9.78 12.60
CA ASN A 51 6.25 -11.02 11.84
C ASN A 51 4.97 -11.73 12.35
N PRO A 52 3.85 -11.03 12.39
CA PRO A 52 2.54 -11.60 12.83
C PRO A 52 1.93 -12.56 11.81
N THR A 53 1.01 -13.42 12.28
CA THR A 53 0.34 -14.38 11.41
C THR A 53 -0.37 -13.67 10.25
N PRO A 54 -0.55 -14.34 9.13
CA PRO A 54 -1.31 -13.77 7.98
C PRO A 54 -2.69 -13.34 8.40
N GLU A 55 -3.23 -14.04 9.38
CA GLU A 55 -4.58 -13.77 9.89
C GLU A 55 -4.65 -12.35 10.48
N GLU A 56 -3.60 -11.99 11.23
CA GLU A 56 -3.45 -10.64 11.82
C GLU A 56 -3.27 -9.57 10.71
N LEU A 57 -2.62 -9.98 9.62
CA LEU A 57 -2.36 -9.08 8.49
C LEU A 57 -3.66 -8.58 7.86
N GLN A 58 -4.64 -9.45 7.75
CA GLN A 58 -5.86 -9.16 7.02
C GLN A 58 -6.68 -8.01 7.63
N GLU A 59 -6.64 -7.89 8.95
CA GLU A 59 -7.40 -6.85 9.65
C GLU A 59 -6.92 -5.45 9.27
N MET A 60 -5.61 -5.34 9.01
CA MET A 60 -5.07 -4.06 8.54
C MET A 60 -5.66 -3.66 7.19
N ILE A 61 -5.84 -4.65 6.31
CA ILE A 61 -6.55 -4.41 5.06
C ILE A 61 -7.98 -3.98 5.33
N ASP A 62 -8.63 -4.66 6.28
CA ASP A 62 -10.02 -4.34 6.59
C ASP A 62 -10.15 -2.88 7.07
N GLU A 63 -9.25 -2.48 7.96
CA GLU A 63 -9.25 -1.09 8.44
C GLU A 63 -8.82 -0.14 7.31
N VAL A 64 -7.75 -0.51 6.61
CA VAL A 64 -7.22 0.29 5.53
C VAL A 64 -8.16 0.35 4.32
N ASP A 65 -8.70 -0.80 3.94
CA ASP A 65 -9.46 -0.94 2.72
C ASP A 65 -10.90 -0.50 2.93
N GLU A 66 -11.12 0.81 2.92
CA GLU A 66 -12.44 1.40 3.08
C GLU A 66 -13.34 1.09 1.89
N ASP A 67 -12.74 0.97 0.72
CA ASP A 67 -13.48 0.74 -0.50
C ASP A 67 -14.32 -0.54 -0.41
N GLY A 68 -13.87 -1.48 0.44
CA GLY A 68 -14.63 -2.71 0.70
C GLY A 68 -14.39 -3.82 -0.32
N SER A 69 -13.24 -3.76 -1.01
CA SER A 69 -12.89 -4.82 -1.97
C SER A 69 -12.27 -6.02 -1.24
N GLY A 70 -11.94 -5.83 0.04
CA GLY A 70 -11.34 -6.88 0.87
C GLY A 70 -9.87 -7.09 0.52
N THR A 71 -9.41 -6.36 -0.48
CA THR A 71 -8.03 -6.39 -0.92
C THR A 71 -7.54 -4.98 -1.13
N VAL A 72 -6.24 -4.79 -1.04
CA VAL A 72 -5.62 -3.50 -1.25
C VAL A 72 -5.11 -3.38 -2.70
N ASP A 73 -6.00 -2.87 -3.56
CA ASP A 73 -5.78 -2.79 -5.00
C ASP A 73 -4.86 -1.63 -5.35
N PHE A 74 -4.30 -1.68 -6.55
CA PHE A 74 -3.32 -0.68 -6.98
C PHE A 74 -3.92 0.74 -7.00
N ASP A 75 -5.09 0.90 -7.61
CA ASP A 75 -5.77 2.20 -7.65
C ASP A 75 -6.25 2.59 -6.24
N GLU A 76 -6.68 1.58 -5.48
CA GLU A 76 -7.18 1.78 -4.11
C GLU A 76 -6.08 2.29 -3.23
N PHE A 77 -4.90 1.75 -3.43
CA PHE A 77 -3.72 2.13 -2.68
C PHE A 77 -3.50 3.64 -2.84
N LEU A 78 -3.63 4.13 -4.08
CA LEU A 78 -3.46 5.55 -4.38
C LEU A 78 -4.48 6.42 -3.61
N VAL A 79 -5.76 6.30 -3.97
CA VAL A 79 -6.83 7.14 -3.39
C VAL A 79 -7.06 6.93 -1.89
N MET A 80 -6.99 5.70 -1.42
CA MET A 80 -7.25 5.42 0.00
C MET A 80 -6.27 6.16 0.90
N MET A 81 -5.01 6.12 0.52
CA MET A 81 -3.94 6.82 1.23
C MET A 81 -4.08 8.32 1.10
N VAL A 82 -4.55 8.77 -0.05
CA VAL A 82 -4.72 10.20 -0.32
C VAL A 82 -5.64 10.86 0.72
N ARG A 83 -6.48 10.07 1.37
CA ARG A 83 -7.36 10.61 2.38
C ARG A 83 -6.55 11.17 3.55
N CYS A 84 -5.47 10.46 3.91
CA CYS A 84 -4.56 10.94 4.94
C CYS A 84 -3.85 12.21 4.45
N MET A 85 -3.47 12.22 3.17
CA MET A 85 -2.86 13.38 2.55
C MET A 85 -3.83 14.57 2.53
N LYS A 86 -5.12 14.28 2.27
CA LYS A 86 -6.14 15.32 2.27
C LYS A 86 -6.26 15.94 3.67
N ASP A 87 -6.24 15.09 4.69
CA ASP A 87 -6.27 15.57 6.08
C ASP A 87 -5.01 16.40 6.37
N ASP A 88 -3.89 15.96 5.78
CA ASP A 88 -2.60 16.65 5.88
C ASP A 88 -2.31 17.15 7.31
N SER A 89 -1.56 18.24 7.39
CA SER A 89 -1.12 18.80 8.67
C SER A 89 -1.02 20.33 8.58
N ARG B 1 2.52 8.42 2.58
CA ARG B 1 1.31 7.57 2.32
C ARG B 1 0.71 7.13 3.66
N ILE B 2 -0.64 7.12 3.75
CA ILE B 2 -1.36 6.86 5.01
C ILE B 2 -0.56 7.39 6.23
N SER B 3 -0.19 8.68 6.15
CA SER B 3 0.58 9.38 7.21
C SER B 3 2.09 9.01 7.19
N ALA B 4 2.87 9.81 6.43
CA ALA B 4 4.33 9.61 6.27
C ALA B 4 4.64 8.44 5.33
N ASP B 5 5.86 8.40 4.80
CA ASP B 5 6.25 7.33 3.87
C ASP B 5 7.35 6.43 4.43
N ALA B 6 7.05 5.78 5.55
CA ALA B 6 7.99 4.84 6.18
C ALA B 6 8.33 3.70 5.23
N MET B 7 7.42 3.43 4.30
CA MET B 7 7.56 2.32 3.35
C MET B 7 8.80 2.49 2.46
N MET B 8 9.07 3.74 2.02
CA MET B 8 10.20 4.03 1.13
C MET B 8 11.50 3.36 1.61
N GLN B 9 12.07 3.87 2.70
CA GLN B 9 13.34 3.32 3.23
C GLN B 9 13.16 1.86 3.69
N ALA B 10 12.02 1.59 4.32
CA ALA B 10 11.65 0.26 4.81
C ALA B 10 11.63 -0.80 3.69
N LEU B 11 11.72 -0.36 2.44
CA LEU B 11 11.66 -1.28 1.30
C LEU B 11 12.76 -2.31 1.45
N LEU B 12 13.95 -1.83 1.84
CA LEU B 12 15.11 -2.70 2.13
C LEU B 12 15.48 -3.62 0.94
N GLY B 13 16.68 -4.23 1.02
CA GLY B 13 17.17 -5.14 -0.03
C GLY B 13 16.80 -6.58 0.33
N ALA B 14 16.26 -7.33 -0.65
CA ALA B 14 15.81 -8.70 -0.38
C ALA B 14 16.91 -9.74 -0.61
N ARG B 15 17.13 -10.11 -1.88
CA ARG B 15 18.15 -11.07 -2.23
C ARG B 15 19.01 -10.63 -3.39
N ALA B 16 20.26 -11.01 -3.29
CA ALA B 16 21.21 -10.95 -4.39
C ALA B 16 21.75 -12.37 -4.63
N LYS B 17 21.16 -13.33 -3.92
CA LYS B 17 21.57 -14.73 -3.98
C LYS B 17 20.40 -15.66 -3.59
N MET A 1 -20.72 11.31 -5.44
CA MET A 1 -19.76 11.03 -4.36
C MET A 1 -18.80 12.23 -4.22
N ASP A 2 -17.50 11.97 -4.07
CA ASP A 2 -16.52 13.04 -3.89
C ASP A 2 -15.48 13.07 -5.02
N ASP A 3 -15.44 14.20 -5.73
CA ASP A 3 -14.43 14.42 -6.79
C ASP A 3 -13.04 14.68 -6.20
N ILE A 4 -13.01 15.05 -4.92
CA ILE A 4 -11.76 15.42 -4.24
C ILE A 4 -10.79 14.25 -4.09
N TYR A 5 -11.30 13.02 -4.12
CA TYR A 5 -10.41 11.86 -4.01
C TYR A 5 -9.42 11.84 -5.16
N LYS A 6 -9.96 12.03 -6.36
CA LYS A 6 -9.15 12.07 -7.58
C LYS A 6 -8.20 13.28 -7.58
N ALA A 7 -8.71 14.42 -7.11
CA ALA A 7 -7.97 15.69 -7.13
C ALA A 7 -6.65 15.62 -6.33
N ALA A 8 -6.70 14.94 -5.19
CA ALA A 8 -5.56 14.87 -4.27
C ALA A 8 -4.30 14.23 -4.92
N VAL A 9 -4.49 13.12 -5.62
CA VAL A 9 -3.38 12.38 -6.26
C VAL A 9 -2.74 13.15 -7.43
N GLU A 10 -3.54 14.03 -8.05
CA GLU A 10 -3.09 14.80 -9.22
C GLU A 10 -1.86 15.65 -8.90
N GLN A 11 -1.68 15.96 -7.62
CA GLN A 11 -0.53 16.74 -7.18
C GLN A 11 0.76 15.93 -7.30
N LEU A 12 0.64 14.62 -7.13
CA LEU A 12 1.79 13.71 -7.20
C LEU A 12 2.25 13.52 -8.65
N THR A 13 3.57 13.36 -8.81
CA THR A 13 4.19 13.18 -10.13
C THR A 13 4.07 11.74 -10.61
N GLU A 14 4.35 11.49 -11.89
CA GLU A 14 4.29 10.13 -12.45
C GLU A 14 5.35 9.22 -11.83
N GLU A 15 6.52 9.81 -11.53
CA GLU A 15 7.57 9.07 -10.85
C GLU A 15 7.12 8.68 -9.44
N GLN A 16 6.40 9.59 -8.77
CA GLN A 16 5.87 9.30 -7.44
C GLN A 16 5.05 8.01 -7.47
N LYS A 17 4.12 7.91 -8.44
CA LYS A 17 3.34 6.68 -8.60
C LYS A 17 4.22 5.49 -8.99
N ASN A 18 5.14 5.70 -9.94
CA ASN A 18 6.03 4.64 -10.42
C ASN A 18 6.98 4.14 -9.33
N GLU A 19 7.53 5.08 -8.57
CA GLU A 19 8.42 4.73 -7.47
C GLU A 19 7.61 4.01 -6.39
N PHE A 20 6.34 4.35 -6.34
CA PHE A 20 5.38 3.78 -5.40
C PHE A 20 5.32 2.26 -5.60
N LYS A 21 5.26 1.86 -6.87
CA LYS A 21 5.11 0.46 -7.26
C LYS A 21 6.26 -0.41 -6.80
N ALA A 22 7.32 0.22 -6.29
CA ALA A 22 8.50 -0.54 -5.86
C ALA A 22 8.08 -1.62 -4.85
N ALA A 23 7.14 -1.29 -3.98
CA ALA A 23 6.60 -2.26 -3.04
C ALA A 23 5.48 -3.08 -3.67
N PHE A 24 4.83 -2.49 -4.67
CA PHE A 24 3.79 -3.20 -5.40
C PHE A 24 4.39 -4.44 -6.05
N ASP A 25 5.59 -4.28 -6.60
CA ASP A 25 6.31 -5.36 -7.22
C ASP A 25 6.59 -6.47 -6.21
N ILE A 26 6.94 -6.08 -4.96
CA ILE A 26 7.21 -7.07 -3.92
C ILE A 26 5.94 -7.82 -3.54
N PHE A 27 4.80 -7.12 -3.63
CA PHE A 27 3.49 -7.71 -3.36
C PHE A 27 3.13 -8.76 -4.43
N VAL A 28 3.48 -8.46 -5.68
CA VAL A 28 3.08 -9.29 -6.81
C VAL A 28 4.26 -9.95 -7.53
N LEU A 29 5.15 -10.59 -6.76
CA LEU A 29 6.28 -11.31 -7.35
C LEU A 29 5.77 -12.48 -8.20
N GLY A 30 4.78 -13.19 -7.64
CA GLY A 30 4.14 -14.32 -8.32
C GLY A 30 2.64 -14.35 -8.01
N ALA A 31 2.12 -13.23 -7.51
CA ALA A 31 0.70 -13.10 -7.16
C ALA A 31 -0.17 -13.05 -8.42
N GLU A 32 -0.71 -14.20 -8.79
CA GLU A 32 -1.53 -14.32 -10.00
C GLU A 32 -2.82 -13.51 -9.91
N ASP A 33 -3.28 -13.26 -8.68
CA ASP A 33 -4.50 -12.46 -8.47
C ASP A 33 -4.27 -11.00 -8.92
N GLY A 34 -3.04 -10.53 -8.74
CA GLY A 34 -2.64 -9.19 -9.18
C GLY A 34 -3.03 -8.10 -8.19
N CYS A 35 -3.47 -8.52 -7.00
CA CYS A 35 -3.85 -7.58 -5.92
C CYS A 35 -3.10 -7.91 -4.63
N ILE A 36 -3.17 -7.01 -3.64
CA ILE A 36 -2.52 -7.29 -2.38
C ILE A 36 -3.54 -7.97 -1.50
N SER A 37 -3.33 -9.24 -1.25
CA SER A 37 -4.29 -10.04 -0.52
C SER A 37 -3.80 -10.29 0.90
N THR A 38 -2.74 -9.58 1.26
CA THR A 38 -2.11 -9.69 2.58
C THR A 38 -1.21 -10.91 2.70
N LYS A 39 -1.52 -11.94 1.93
CA LYS A 39 -0.70 -13.13 1.90
C LYS A 39 0.70 -12.79 1.38
N GLU A 40 0.73 -11.95 0.35
CA GLU A 40 1.99 -11.45 -0.20
C GLU A 40 2.46 -10.21 0.57
N LEU A 41 1.53 -9.60 1.33
CA LEU A 41 1.80 -8.36 2.05
C LEU A 41 2.90 -8.54 3.10
N GLY A 42 2.96 -9.69 3.74
CA GLY A 42 3.95 -9.94 4.81
C GLY A 42 5.33 -9.40 4.43
N LYS A 43 5.58 -9.31 3.12
CA LYS A 43 6.82 -8.72 2.60
C LYS A 43 6.90 -7.23 2.93
N VAL A 44 5.74 -6.58 2.97
CA VAL A 44 5.65 -5.16 3.25
C VAL A 44 6.30 -4.84 4.61
N MET A 45 6.01 -5.67 5.61
CA MET A 45 6.58 -5.50 6.95
C MET A 45 8.09 -5.81 6.93
N ARG A 46 8.49 -6.75 6.07
CA ARG A 46 9.89 -7.10 5.88
C ARG A 46 10.70 -5.93 5.32
N MET A 47 10.10 -5.14 4.43
CA MET A 47 10.79 -3.95 3.90
C MET A 47 11.08 -3.00 5.07
N LEU A 48 10.10 -2.88 5.94
CA LEU A 48 10.22 -2.13 7.18
C LEU A 48 11.27 -2.75 8.10
N GLY A 49 11.27 -4.08 8.15
CA GLY A 49 12.15 -4.85 9.03
C GLY A 49 11.39 -5.36 10.25
N GLN A 50 10.07 -5.19 10.21
CA GLN A 50 9.17 -5.64 11.26
C GLN A 50 8.88 -7.15 11.12
N ASN A 51 8.47 -7.78 12.25
CA ASN A 51 8.20 -9.23 12.28
C ASN A 51 6.83 -9.58 12.90
N PRO A 52 5.77 -8.97 12.43
CA PRO A 52 4.37 -9.27 12.89
C PRO A 52 3.85 -10.59 12.29
N THR A 53 2.94 -11.24 13.01
CA THR A 53 2.31 -12.47 12.55
C THR A 53 1.41 -12.19 11.32
N PRO A 54 1.15 -13.20 10.51
CA PRO A 54 0.27 -13.07 9.30
C PRO A 54 -1.12 -12.55 9.68
N GLU A 55 -1.60 -12.94 10.86
CA GLU A 55 -2.90 -12.48 11.35
C GLU A 55 -2.86 -10.95 11.58
N GLU A 56 -1.76 -10.49 12.20
CA GLU A 56 -1.52 -9.05 12.43
C GLU A 56 -1.28 -8.36 11.09
N LEU A 57 -0.64 -9.09 10.19
CA LEU A 57 -0.28 -8.60 8.87
C LEU A 57 -1.57 -8.24 8.10
N GLN A 58 -2.59 -9.09 8.22
CA GLN A 58 -3.88 -8.88 7.56
C GLN A 58 -4.58 -7.62 8.08
N GLU A 59 -4.41 -7.35 9.35
CA GLU A 59 -5.11 -6.25 9.98
C GLU A 59 -4.76 -4.91 9.32
N MET A 60 -3.51 -4.73 8.87
CA MET A 60 -3.16 -3.47 8.22
C MET A 60 -4.02 -3.25 6.96
N ILE A 61 -4.18 -4.30 6.14
CA ILE A 61 -5.10 -4.20 4.99
C ILE A 61 -6.53 -4.04 5.45
N ASP A 62 -6.94 -4.81 6.45
CA ASP A 62 -8.31 -4.75 6.93
C ASP A 62 -8.64 -3.34 7.42
N GLU A 63 -7.70 -2.74 8.16
CA GLU A 63 -7.84 -1.37 8.64
C GLU A 63 -7.75 -0.37 7.46
N VAL A 64 -6.76 -0.61 6.59
CA VAL A 64 -6.51 0.23 5.41
C VAL A 64 -7.62 0.12 4.36
N ASP A 65 -8.07 -1.10 4.11
CA ASP A 65 -9.04 -1.38 3.04
C ASP A 65 -10.41 -0.80 3.36
N GLU A 66 -10.81 0.17 2.56
CA GLU A 66 -12.03 0.93 2.81
C GLU A 66 -13.26 0.31 2.14
N ASP A 67 -13.06 -0.60 1.19
CA ASP A 67 -14.20 -1.22 0.50
C ASP A 67 -14.78 -2.39 1.29
N GLY A 68 -14.10 -2.75 2.39
CA GLY A 68 -14.59 -3.82 3.30
C GLY A 68 -14.31 -5.23 2.76
N SER A 69 -13.45 -5.35 1.75
CA SER A 69 -13.13 -6.65 1.16
C SER A 69 -11.99 -7.35 1.90
N GLY A 70 -11.24 -6.59 2.71
CA GLY A 70 -10.10 -7.14 3.47
C GLY A 70 -8.91 -7.42 2.56
N THR A 71 -9.07 -7.05 1.30
CA THR A 71 -8.05 -7.19 0.27
C THR A 71 -7.96 -5.89 -0.52
N VAL A 72 -6.76 -5.52 -0.94
CA VAL A 72 -6.57 -4.27 -1.63
C VAL A 72 -5.86 -4.40 -2.97
N ASP A 73 -6.47 -3.81 -3.99
CA ASP A 73 -5.89 -3.70 -5.32
C ASP A 73 -5.14 -2.37 -5.43
N PHE A 74 -4.40 -2.17 -6.52
CA PHE A 74 -3.69 -0.90 -6.72
C PHE A 74 -4.70 0.26 -6.76
N ASP A 75 -5.78 0.06 -7.51
CA ASP A 75 -6.84 1.07 -7.64
C ASP A 75 -7.49 1.38 -6.29
N GLU A 76 -7.82 0.33 -5.50
CA GLU A 76 -8.42 0.56 -4.20
C GLU A 76 -7.46 1.35 -3.33
N PHE A 77 -6.20 0.90 -3.30
CA PHE A 77 -5.16 1.46 -2.44
C PHE A 77 -4.83 2.93 -2.72
N LEU A 78 -4.56 3.27 -3.97
CA LEU A 78 -4.05 4.62 -4.27
C LEU A 78 -5.06 5.72 -3.88
N VAL A 79 -6.28 5.58 -4.35
CA VAL A 79 -7.34 6.57 -4.13
C VAL A 79 -7.80 6.62 -2.67
N MET A 80 -7.95 5.44 -2.07
CA MET A 80 -8.38 5.32 -0.67
C MET A 80 -7.33 5.93 0.29
N MET A 81 -6.06 5.64 0.01
CA MET A 81 -4.95 6.10 0.84
C MET A 81 -4.75 7.61 0.72
N VAL A 82 -5.41 8.21 -0.26
CA VAL A 82 -5.33 9.65 -0.51
C VAL A 82 -5.85 10.47 0.70
N ARG A 83 -6.80 9.91 1.46
CA ARG A 83 -7.29 10.59 2.65
C ARG A 83 -6.17 10.71 3.66
N CYS A 84 -5.37 9.65 3.75
CA CYS A 84 -4.21 9.66 4.62
C CYS A 84 -3.19 10.72 4.15
N MET A 85 -3.07 10.88 2.83
CA MET A 85 -2.20 11.91 2.25
C MET A 85 -2.68 13.31 2.66
N LYS A 86 -4.01 13.51 2.61
CA LYS A 86 -4.64 14.74 3.08
C LYS A 86 -4.47 14.91 4.58
N ASP A 87 -4.59 13.78 5.30
CA ASP A 87 -4.66 13.76 6.76
C ASP A 87 -6.03 14.26 7.22
N ASP A 88 -6.84 13.35 7.75
CA ASP A 88 -8.21 13.68 8.14
C ASP A 88 -8.24 14.85 9.12
N SER A 89 -8.70 16.00 8.65
CA SER A 89 -8.74 17.21 9.46
C SER A 89 -9.89 18.12 9.03
N ARG B 1 2.64 10.50 2.47
CA ARG B 1 1.71 9.37 2.18
C ARG B 1 1.60 8.49 3.42
N ILE B 2 0.37 8.10 3.79
CA ILE B 2 0.15 7.24 4.98
C ILE B 2 1.00 7.75 6.14
N SER B 3 0.70 8.97 6.57
CA SER B 3 1.49 9.65 7.59
C SER B 3 2.93 9.89 7.12
N ALA B 4 3.75 8.85 7.15
CA ALA B 4 5.13 8.93 6.67
C ALA B 4 5.41 7.83 5.66
N ASP B 5 6.19 8.15 4.62
CA ASP B 5 6.48 7.16 3.57
C ASP B 5 7.63 6.24 3.98
N ALA B 6 7.29 5.17 4.71
CA ALA B 6 8.26 4.16 5.12
C ALA B 6 8.74 3.35 3.92
N MET B 7 8.04 3.50 2.81
CA MET B 7 8.36 2.77 1.59
C MET B 7 9.78 3.06 1.10
N MET B 8 10.27 4.26 1.40
CA MET B 8 11.62 4.64 0.98
C MET B 8 12.66 3.71 1.62
N GLN B 9 12.42 3.36 2.89
CA GLN B 9 13.24 2.39 3.62
C GLN B 9 13.16 1.02 2.96
N ALA B 10 12.01 0.76 2.34
CA ALA B 10 11.67 -0.55 1.75
C ALA B 10 12.81 -1.22 0.97
N LEU B 11 13.88 -0.49 0.65
CA LEU B 11 14.97 -1.06 -0.15
C LEU B 11 15.60 -2.24 0.59
N LEU B 12 15.78 -2.11 1.89
CA LEU B 12 16.30 -3.19 2.71
C LEU B 12 15.30 -4.36 2.80
N GLY B 13 15.79 -5.58 2.58
CA GLY B 13 14.90 -6.76 2.63
C GLY B 13 15.45 -7.92 1.82
N ALA B 14 14.67 -8.98 1.69
CA ALA B 14 15.06 -10.17 0.93
C ALA B 14 14.53 -10.12 -0.50
N ARG B 15 15.06 -11.00 -1.36
CA ARG B 15 14.66 -11.06 -2.76
C ARG B 15 14.77 -9.69 -3.45
N ALA B 16 15.72 -8.89 -2.98
CA ALA B 16 15.96 -7.55 -3.52
C ALA B 16 17.47 -7.26 -3.64
N LYS B 17 18.25 -8.32 -3.86
CA LYS B 17 19.71 -8.22 -4.00
C LYS B 17 20.20 -8.91 -5.27
N MET A 1 -17.34 8.63 -8.54
CA MET A 1 -17.36 10.05 -9.01
C MET A 1 -16.36 10.89 -8.20
N ASP A 2 -15.41 10.20 -7.55
CA ASP A 2 -14.45 10.85 -6.67
C ASP A 2 -13.26 11.43 -7.44
N ASP A 3 -13.51 12.55 -8.13
CA ASP A 3 -12.48 13.24 -8.88
C ASP A 3 -11.50 13.96 -7.97
N ILE A 4 -12.02 14.50 -6.86
CA ILE A 4 -11.18 15.24 -5.91
C ILE A 4 -10.14 14.33 -5.23
N TYR A 5 -10.58 13.13 -4.85
CA TYR A 5 -9.69 12.16 -4.23
C TYR A 5 -8.62 11.75 -5.22
N LYS A 6 -9.00 11.59 -6.48
CA LYS A 6 -8.06 11.30 -7.55
C LYS A 6 -7.05 12.45 -7.71
N ALA A 7 -7.56 13.68 -7.61
CA ALA A 7 -6.73 14.87 -7.71
C ALA A 7 -5.63 14.91 -6.63
N ALA A 8 -5.89 14.22 -5.51
CA ALA A 8 -4.91 14.13 -4.41
C ALA A 8 -3.64 13.43 -4.89
N VAL A 9 -3.84 12.46 -5.77
CA VAL A 9 -2.72 11.72 -6.36
C VAL A 9 -1.83 12.66 -7.18
N GLU A 10 -2.46 13.54 -7.98
CA GLU A 10 -1.72 14.54 -8.76
C GLU A 10 -0.87 15.45 -7.86
N GLN A 11 -1.21 15.50 -6.57
CA GLN A 11 -0.40 16.28 -5.63
C GLN A 11 0.95 15.61 -5.46
N LEU A 12 0.95 14.28 -5.50
CA LEU A 12 2.19 13.49 -5.40
C LEU A 12 3.02 13.66 -6.68
N THR A 13 4.34 13.61 -6.54
CA THR A 13 5.22 13.77 -7.70
C THR A 13 5.19 12.53 -8.59
N GLU A 14 5.76 12.63 -9.78
CA GLU A 14 5.78 11.51 -10.70
C GLU A 14 6.65 10.37 -10.15
N GLU A 15 7.75 10.74 -9.50
CA GLU A 15 8.66 9.75 -8.90
C GLU A 15 7.91 8.91 -7.87
N GLN A 16 7.06 9.57 -7.07
CA GLN A 16 6.20 8.88 -6.11
C GLN A 16 5.20 8.01 -6.83
N LYS A 17 4.65 8.54 -7.91
CA LYS A 17 3.64 7.88 -8.70
C LYS A 17 4.21 6.57 -9.28
N ASN A 18 5.41 6.68 -9.88
CA ASN A 18 6.12 5.50 -10.41
C ASN A 18 6.53 4.55 -9.30
N GLU A 19 7.01 5.13 -8.21
CA GLU A 19 7.43 4.38 -7.03
C GLU A 19 6.21 3.71 -6.37
N PHE A 20 5.04 4.23 -6.70
CA PHE A 20 3.78 3.79 -6.12
C PHE A 20 3.61 2.28 -6.36
N LYS A 21 3.89 1.87 -7.60
CA LYS A 21 3.79 0.46 -8.00
C LYS A 21 4.98 -0.35 -7.51
N ALA A 22 6.02 0.33 -7.06
CA ALA A 22 7.25 -0.37 -6.62
C ALA A 22 6.94 -1.37 -5.52
N ALA A 23 6.20 -0.92 -4.50
CA ALA A 23 5.85 -1.79 -3.38
C ALA A 23 4.70 -2.73 -3.75
N PHE A 24 4.03 -2.44 -4.86
CA PHE A 24 2.98 -3.32 -5.36
C PHE A 24 3.55 -4.70 -5.67
N ASP A 25 4.70 -4.71 -6.31
CA ASP A 25 5.38 -5.96 -6.66
C ASP A 25 5.75 -6.74 -5.38
N ILE A 26 6.23 -6.03 -4.35
CA ILE A 26 6.54 -6.71 -3.08
C ILE A 26 5.26 -7.20 -2.39
N PHE A 27 4.20 -6.40 -2.49
CA PHE A 27 2.92 -6.74 -1.84
C PHE A 27 2.36 -8.05 -2.38
N VAL A 28 2.32 -8.17 -3.71
CA VAL A 28 1.74 -9.34 -4.36
C VAL A 28 2.78 -10.42 -4.67
N LEU A 29 3.95 -9.98 -5.18
CA LEU A 29 5.04 -10.90 -5.56
C LEU A 29 4.54 -12.20 -6.22
N GLY A 30 4.03 -12.07 -7.46
CA GLY A 30 3.61 -13.25 -8.25
C GLY A 30 2.11 -13.50 -8.25
N ALA A 31 1.37 -12.77 -7.41
CA ALA A 31 -0.09 -12.93 -7.31
C ALA A 31 -0.79 -12.42 -8.57
N GLU A 32 -1.81 -13.17 -9.02
CA GLU A 32 -2.58 -12.84 -10.23
C GLU A 32 -3.78 -11.94 -9.91
N ASP A 33 -4.13 -11.84 -8.62
CA ASP A 33 -5.31 -11.13 -8.16
C ASP A 33 -5.24 -9.63 -8.50
N GLY A 34 -4.05 -9.07 -8.42
CA GLY A 34 -3.87 -7.63 -8.62
C GLY A 34 -4.19 -6.88 -7.34
N CYS A 35 -4.41 -7.63 -6.26
CA CYS A 35 -4.67 -7.07 -4.95
C CYS A 35 -3.76 -7.69 -3.91
N ILE A 36 -3.80 -7.14 -2.71
CA ILE A 36 -3.05 -7.69 -1.60
C ILE A 36 -4.00 -8.53 -0.74
N SER A 37 -3.66 -9.81 -0.58
CA SER A 37 -4.56 -10.76 0.09
C SER A 37 -4.06 -11.14 1.48
N THR A 38 -3.60 -10.15 2.21
CA THR A 38 -3.11 -10.28 3.59
C THR A 38 -1.99 -11.33 3.79
N LYS A 39 -2.17 -12.57 3.32
CA LYS A 39 -1.04 -13.53 3.36
C LYS A 39 0.09 -13.01 2.48
N GLU A 40 -0.31 -12.48 1.35
CA GLU A 40 0.59 -11.79 0.45
C GLU A 40 1.09 -10.50 1.12
N LEU A 41 0.25 -9.90 1.97
CA LEU A 41 0.63 -8.70 2.74
C LEU A 41 1.75 -9.03 3.72
N GLY A 42 1.69 -10.23 4.32
CA GLY A 42 2.69 -10.67 5.32
C GLY A 42 4.11 -10.28 4.90
N LYS A 43 4.27 -10.10 3.59
CA LYS A 43 5.51 -9.63 2.99
C LYS A 43 5.87 -8.23 3.53
N VAL A 44 4.84 -7.42 3.78
CA VAL A 44 5.00 -6.07 4.34
C VAL A 44 5.62 -6.08 5.75
N MET A 45 5.16 -7.00 6.60
CA MET A 45 5.66 -7.12 7.99
C MET A 45 7.16 -7.38 8.01
N ARG A 46 7.63 -8.09 7.01
CA ARG A 46 9.05 -8.37 6.88
C ARG A 46 9.84 -7.05 6.81
N MET A 47 9.32 -6.07 6.05
CA MET A 47 10.01 -4.78 5.93
C MET A 47 10.07 -4.07 7.28
N LEU A 48 8.94 -4.10 7.97
CA LEU A 48 8.76 -3.41 9.24
C LEU A 48 9.64 -3.98 10.36
N GLY A 49 9.76 -5.31 10.40
CA GLY A 49 10.56 -5.99 11.44
C GLY A 49 9.67 -6.68 12.47
N GLN A 50 8.36 -6.48 12.36
CA GLN A 50 7.38 -7.16 13.24
C GLN A 50 6.99 -8.52 12.65
N ASN A 51 6.69 -9.49 13.51
CA ASN A 51 6.29 -10.83 13.03
C ASN A 51 4.93 -11.29 13.60
N PRO A 52 3.87 -10.51 13.38
CA PRO A 52 2.47 -10.88 13.81
C PRO A 52 1.94 -12.11 13.07
N THR A 53 1.09 -12.88 13.75
CA THR A 53 0.40 -14.01 13.14
C THR A 53 -0.24 -13.58 11.80
N PRO A 54 -0.30 -14.46 10.82
CA PRO A 54 -0.96 -14.18 9.50
C PRO A 54 -2.40 -13.71 9.71
N GLU A 55 -3.03 -14.24 10.74
CA GLU A 55 -4.37 -13.84 11.13
C GLU A 55 -4.37 -12.35 11.55
N GLU A 56 -3.33 -11.97 12.27
CA GLU A 56 -3.10 -10.60 12.73
C GLU A 56 -2.75 -9.69 11.55
N LEU A 57 -2.15 -10.32 10.54
CA LEU A 57 -1.63 -9.63 9.35
C LEU A 57 -2.77 -8.90 8.63
N GLN A 58 -3.92 -9.55 8.56
CA GLN A 58 -5.12 -8.99 7.92
C GLN A 58 -5.54 -7.67 8.57
N GLU A 59 -5.34 -7.58 9.87
CA GLU A 59 -5.75 -6.42 10.64
C GLU A 59 -5.13 -5.12 10.12
N MET A 60 -3.92 -5.20 9.56
CA MET A 60 -3.29 -4.00 9.00
C MET A 60 -4.15 -3.47 7.86
N ILE A 61 -4.65 -4.39 7.04
CA ILE A 61 -5.58 -4.07 5.96
C ILE A 61 -6.91 -3.51 6.49
N ASP A 62 -7.42 -4.13 7.56
CA ASP A 62 -8.74 -3.78 8.10
C ASP A 62 -8.94 -2.26 8.19
N GLU A 63 -8.02 -1.56 8.85
CA GLU A 63 -8.09 -0.09 8.91
C GLU A 63 -7.85 0.52 7.53
N VAL A 64 -6.93 -0.10 6.79
CA VAL A 64 -6.59 0.30 5.42
C VAL A 64 -7.54 -0.37 4.42
N ASP A 65 -8.78 -0.60 4.86
CA ASP A 65 -9.82 -1.25 4.04
C ASP A 65 -11.20 -0.76 4.46
N GLU A 66 -11.49 0.50 4.15
CA GLU A 66 -12.76 1.13 4.53
C GLU A 66 -13.95 0.49 3.82
N ASP A 67 -13.70 -0.13 2.67
CA ASP A 67 -14.77 -0.79 1.92
C ASP A 67 -15.28 -2.03 2.68
N GLY A 68 -14.42 -2.56 3.57
CA GLY A 68 -14.75 -3.70 4.43
C GLY A 68 -14.66 -5.02 3.68
N SER A 69 -13.94 -5.02 2.56
CA SER A 69 -13.79 -6.22 1.75
C SER A 69 -12.70 -7.12 2.33
N GLY A 70 -11.84 -6.55 3.17
CA GLY A 70 -10.72 -7.29 3.74
C GLY A 70 -9.65 -7.54 2.68
N THR A 71 -9.90 -6.99 1.49
CA THR A 71 -8.99 -7.09 0.35
C THR A 71 -8.69 -5.70 -0.17
N VAL A 72 -7.45 -5.48 -0.56
CA VAL A 72 -7.02 -4.21 -1.10
C VAL A 72 -6.43 -4.37 -2.49
N ASP A 73 -7.23 -4.00 -3.48
CA ASP A 73 -6.81 -4.03 -4.87
C ASP A 73 -5.97 -2.80 -5.17
N PHE A 74 -5.25 -2.83 -6.28
CA PHE A 74 -4.37 -1.73 -6.64
C PHE A 74 -5.16 -0.43 -6.72
N ASP A 75 -6.30 -0.45 -7.41
CA ASP A 75 -7.14 0.75 -7.53
C ASP A 75 -7.82 1.11 -6.20
N GLU A 76 -8.16 0.09 -5.41
CA GLU A 76 -8.75 0.33 -4.11
C GLU A 76 -7.74 1.03 -3.23
N PHE A 77 -6.55 0.46 -3.20
CA PHE A 77 -5.41 1.00 -2.49
C PHE A 77 -5.07 2.41 -3.00
N LEU A 78 -5.03 2.59 -4.32
CA LEU A 78 -4.80 3.92 -4.92
C LEU A 78 -5.77 4.97 -4.33
N VAL A 79 -7.05 4.82 -4.67
CA VAL A 79 -8.11 5.78 -4.26
C VAL A 79 -8.40 5.81 -2.74
N MET A 80 -8.52 4.63 -2.14
CA MET A 80 -8.89 4.52 -0.72
C MET A 80 -7.85 5.20 0.17
N MET A 81 -6.58 4.96 -0.13
CA MET A 81 -5.47 5.49 0.66
C MET A 81 -5.43 7.01 0.60
N VAL A 82 -6.19 7.59 -0.32
CA VAL A 82 -6.31 9.04 -0.44
C VAL A 82 -6.92 9.67 0.82
N ARG A 83 -7.97 9.05 1.39
CA ARG A 83 -8.59 9.62 2.58
C ARG A 83 -7.57 9.69 3.71
N CYS A 84 -6.71 8.66 3.77
CA CYS A 84 -5.57 8.65 4.71
C CYS A 84 -4.64 9.83 4.41
N MET A 85 -4.48 10.15 3.12
CA MET A 85 -3.71 11.34 2.69
C MET A 85 -4.40 12.61 3.19
N LYS A 86 -5.73 12.59 3.07
CA LYS A 86 -6.56 13.72 3.50
C LYS A 86 -6.45 13.89 5.02
N ASP A 87 -6.44 12.75 5.75
CA ASP A 87 -6.37 12.76 7.22
C ASP A 87 -5.04 13.38 7.73
N ASP A 88 -3.92 13.05 7.06
CA ASP A 88 -2.60 13.57 7.49
C ASP A 88 -2.17 14.79 6.66
N SER A 89 -1.60 15.77 7.34
CA SER A 89 -1.19 17.01 6.68
C SER A 89 0.21 16.86 6.09
N ARG B 1 0.10 7.13 0.54
CA ARG B 1 0.82 7.92 1.58
C ARG B 1 0.69 7.24 2.93
N ILE B 2 -0.55 7.24 3.47
CA ILE B 2 -0.88 6.71 4.81
C ILE B 2 -0.11 7.41 5.94
N SER B 3 1.17 7.67 5.69
CA SER B 3 2.05 8.42 6.59
C SER B 3 3.38 8.66 5.90
N ALA B 4 3.36 9.53 4.89
CA ALA B 4 4.51 9.77 4.03
C ALA B 4 4.78 8.53 3.13
N ASP B 5 5.64 8.69 2.13
CA ASP B 5 5.95 7.60 1.21
C ASP B 5 6.99 6.63 1.81
N ALA B 6 6.62 6.07 2.95
CA ALA B 6 7.49 5.15 3.70
C ALA B 6 7.86 3.88 2.89
N MET B 7 7.02 3.54 1.90
CA MET B 7 7.24 2.36 1.05
C MET B 7 8.52 2.48 0.23
N MET B 8 8.86 3.69 -0.21
CA MET B 8 10.09 3.90 -0.98
C MET B 8 11.30 3.45 -0.14
N GLN B 9 11.30 3.80 1.14
CA GLN B 9 12.35 3.37 2.08
C GLN B 9 12.19 1.88 2.41
N ALA B 10 10.93 1.43 2.41
CA ALA B 10 10.57 0.04 2.78
C ALA B 10 11.33 -1.00 1.95
N LEU B 11 11.81 -0.61 0.78
CA LEU B 11 12.59 -1.50 -0.08
C LEU B 11 13.88 -1.96 0.63
N LEU B 12 14.50 -1.04 1.39
CA LEU B 12 15.77 -1.32 2.08
C LEU B 12 16.93 -1.41 1.09
N GLY B 13 16.80 -2.28 0.09
CA GLY B 13 17.85 -2.47 -0.91
C GLY B 13 17.34 -3.24 -2.11
N ALA B 14 17.25 -4.57 -1.94
CA ALA B 14 16.78 -5.47 -3.00
C ALA B 14 17.75 -5.49 -4.18
N ARG B 15 18.05 -4.32 -4.72
CA ARG B 15 18.99 -4.17 -5.84
C ARG B 15 19.59 -2.76 -5.86
N ALA B 16 18.87 -1.81 -5.24
CA ALA B 16 19.29 -0.41 -5.18
C ALA B 16 20.52 -0.23 -4.27
N LYS B 17 21.38 0.74 -4.64
CA LYS B 17 22.59 1.06 -3.89
C LYS B 17 22.52 2.51 -3.38
N MET A 1 -17.37 9.02 -11.06
CA MET A 1 -16.27 8.81 -10.07
C MET A 1 -16.08 10.10 -9.24
N ASP A 2 -15.42 9.96 -8.09
CA ASP A 2 -15.21 11.10 -7.19
C ASP A 2 -13.91 11.83 -7.55
N ASP A 3 -14.07 13.02 -8.12
CA ASP A 3 -12.95 13.79 -8.65
C ASP A 3 -11.98 14.30 -7.58
N ILE A 4 -12.49 14.66 -6.41
CA ILE A 4 -11.65 15.31 -5.38
C ILE A 4 -10.51 14.40 -4.90
N TYR A 5 -10.82 13.14 -4.60
CA TYR A 5 -9.81 12.18 -4.16
C TYR A 5 -8.84 11.88 -5.29
N LYS A 6 -9.38 11.73 -6.49
CA LYS A 6 -8.58 11.48 -7.67
C LYS A 6 -7.65 12.65 -7.98
N ALA A 7 -8.19 13.86 -7.86
CA ALA A 7 -7.42 15.09 -8.09
C ALA A 7 -6.26 15.23 -7.09
N ALA A 8 -6.48 14.75 -5.88
CA ALA A 8 -5.49 14.83 -4.80
C ALA A 8 -4.17 14.18 -5.20
N VAL A 9 -4.26 13.22 -6.11
CA VAL A 9 -3.08 12.51 -6.62
C VAL A 9 -2.12 13.49 -7.32
N GLU A 10 -2.66 14.62 -7.77
CA GLU A 10 -1.87 15.68 -8.42
C GLU A 10 -0.84 16.25 -7.44
N GLN A 11 -1.09 16.08 -6.14
CA GLN A 11 -0.16 16.51 -5.11
C GLN A 11 1.11 15.65 -5.16
N LEU A 12 0.94 14.39 -5.57
CA LEU A 12 2.06 13.46 -5.73
C LEU A 12 2.91 13.81 -6.95
N THR A 13 4.24 13.59 -6.84
CA THR A 13 5.16 13.85 -7.97
C THR A 13 5.19 12.66 -8.93
N GLU A 14 5.68 12.88 -10.15
CA GLU A 14 5.82 11.79 -11.11
C GLU A 14 6.80 10.73 -10.57
N GLU A 15 7.88 11.18 -9.93
CA GLU A 15 8.84 10.26 -9.32
C GLU A 15 8.21 9.53 -8.14
N GLN A 16 7.47 10.27 -7.31
CA GLN A 16 6.79 9.73 -6.14
C GLN A 16 5.75 8.68 -6.53
N LYS A 17 4.97 8.97 -7.57
CA LYS A 17 4.04 7.98 -8.13
C LYS A 17 4.80 6.77 -8.69
N ASN A 18 5.95 7.03 -9.31
CA ASN A 18 6.74 5.94 -9.91
C ASN A 18 7.21 4.95 -8.84
N GLU A 19 7.69 5.48 -7.71
CA GLU A 19 8.06 4.64 -6.57
C GLU A 19 6.82 3.98 -5.97
N PHE A 20 5.69 4.64 -6.18
CA PHE A 20 4.41 4.21 -5.65
C PHE A 20 4.07 2.81 -6.18
N LYS A 21 4.23 2.65 -7.50
CA LYS A 21 4.00 1.36 -8.15
C LYS A 21 5.00 0.30 -7.68
N ALA A 22 6.26 0.71 -7.56
CA ALA A 22 7.35 -0.21 -7.20
C ALA A 22 7.02 -1.00 -5.94
N ALA A 23 6.45 -0.32 -4.96
CA ALA A 23 6.03 -0.99 -3.73
C ALA A 23 4.94 -2.01 -4.03
N PHE A 24 4.08 -1.68 -4.97
CA PHE A 24 2.98 -2.55 -5.34
C PHE A 24 3.50 -3.90 -5.81
N ASP A 25 4.64 -3.89 -6.51
CA ASP A 25 5.28 -5.11 -6.97
C ASP A 25 5.66 -5.97 -5.77
N ILE A 26 6.15 -5.32 -4.69
CA ILE A 26 6.48 -6.03 -3.47
C ILE A 26 5.23 -6.48 -2.73
N PHE A 27 4.14 -5.74 -2.94
CA PHE A 27 2.87 -6.09 -2.35
C PHE A 27 2.35 -7.40 -2.97
N VAL A 28 2.55 -7.53 -4.30
CA VAL A 28 2.09 -8.71 -5.04
C VAL A 28 3.27 -9.49 -5.68
N LEU A 29 4.04 -10.20 -4.84
CA LEU A 29 5.14 -11.04 -5.35
C LEU A 29 4.63 -12.12 -6.28
N GLY A 30 3.52 -12.75 -5.87
CA GLY A 30 2.90 -13.82 -6.65
C GLY A 30 1.42 -13.95 -6.31
N ALA A 31 0.69 -12.83 -6.38
CA ALA A 31 -0.75 -12.83 -6.08
C ALA A 31 -1.53 -13.57 -7.17
N GLU A 32 -1.57 -14.90 -7.05
CA GLU A 32 -2.28 -15.75 -8.00
C GLU A 32 -3.78 -15.47 -7.96
N ASP A 33 -4.30 -15.25 -6.74
CA ASP A 33 -5.70 -14.91 -6.52
C ASP A 33 -6.02 -13.46 -6.94
N GLY A 34 -4.97 -12.62 -6.98
CA GLY A 34 -5.13 -11.22 -7.41
C GLY A 34 -5.02 -10.22 -6.23
N CYS A 35 -4.70 -8.96 -6.57
CA CYS A 35 -4.53 -7.86 -5.58
C CYS A 35 -3.55 -8.24 -4.47
N ILE A 36 -3.57 -7.50 -3.36
CA ILE A 36 -2.76 -7.88 -2.21
C ILE A 36 -3.71 -8.66 -1.29
N SER A 37 -3.44 -9.95 -1.12
CA SER A 37 -4.40 -10.84 -0.44
C SER A 37 -3.94 -11.20 0.96
N THR A 38 -3.23 -10.28 1.59
CA THR A 38 -2.73 -10.47 2.96
C THR A 38 -1.65 -11.57 3.03
N LYS A 39 -1.84 -12.60 2.21
CA LYS A 39 -0.86 -13.66 2.01
C LYS A 39 0.42 -13.05 1.43
N GLU A 40 0.19 -12.16 0.47
CA GLU A 40 1.24 -11.46 -0.24
C GLU A 40 1.66 -10.21 0.56
N LEU A 41 0.72 -9.71 1.37
CA LEU A 41 0.97 -8.56 2.24
C LEU A 41 2.05 -8.89 3.27
N GLY A 42 2.01 -10.12 3.81
CA GLY A 42 2.96 -10.55 4.86
C GLY A 42 4.39 -10.10 4.51
N LYS A 43 4.62 -9.81 3.23
CA LYS A 43 5.89 -9.26 2.76
C LYS A 43 6.14 -7.89 3.38
N VAL A 44 5.06 -7.12 3.55
CA VAL A 44 5.15 -5.77 4.08
C VAL A 44 5.76 -5.74 5.49
N MET A 45 5.30 -6.62 6.38
CA MET A 45 5.87 -6.74 7.72
C MET A 45 7.32 -7.25 7.70
N ARG A 46 7.60 -8.21 6.81
CA ARG A 46 8.96 -8.74 6.63
C ARG A 46 9.91 -7.64 6.19
N MET A 47 9.39 -6.74 5.35
CA MET A 47 10.12 -5.59 4.86
C MET A 47 10.52 -4.67 6.01
N LEU A 48 9.57 -4.40 6.88
CA LEU A 48 9.79 -3.56 8.06
C LEU A 48 10.78 -4.19 9.03
N GLY A 49 10.65 -5.51 9.20
CA GLY A 49 11.45 -6.25 10.17
C GLY A 49 10.56 -6.83 11.28
N GLN A 50 9.35 -6.26 11.42
CA GLN A 50 8.39 -6.75 12.41
C GLN A 50 7.77 -8.07 11.95
N ASN A 51 7.49 -8.97 12.91
CA ASN A 51 6.92 -10.28 12.57
C ASN A 51 5.61 -10.56 13.33
N PRO A 52 4.61 -9.73 13.13
CA PRO A 52 3.26 -9.92 13.74
C PRO A 52 2.48 -11.06 13.08
N THR A 53 1.58 -11.68 13.83
CA THR A 53 0.79 -12.81 13.31
C THR A 53 0.00 -12.41 12.05
N PRO A 54 -0.28 -13.37 11.19
CA PRO A 54 -1.08 -13.13 9.94
C PRO A 54 -2.43 -12.50 10.27
N GLU A 55 -2.99 -12.84 11.42
CA GLU A 55 -4.27 -12.26 11.86
C GLU A 55 -4.12 -10.75 12.02
N GLU A 56 -3.02 -10.33 12.65
CA GLU A 56 -2.68 -8.92 12.78
C GLU A 56 -2.36 -8.33 11.42
N LEU A 57 -1.73 -9.14 10.58
CA LEU A 57 -1.34 -8.75 9.23
C LEU A 57 -2.57 -8.39 8.41
N GLN A 58 -3.62 -9.19 8.56
CA GLN A 58 -4.90 -8.94 7.89
C GLN A 58 -5.54 -7.63 8.34
N GLU A 59 -5.42 -7.32 9.63
CA GLU A 59 -6.00 -6.11 10.18
C GLU A 59 -5.42 -4.86 9.50
N MET A 60 -4.20 -5.01 8.97
CA MET A 60 -3.54 -3.94 8.23
C MET A 60 -4.36 -3.58 6.98
N ILE A 61 -4.89 -4.61 6.33
CA ILE A 61 -5.75 -4.42 5.16
C ILE A 61 -7.02 -3.65 5.52
N ASP A 62 -7.64 -4.01 6.64
CA ASP A 62 -8.88 -3.36 7.08
C ASP A 62 -8.65 -1.84 7.27
N GLU A 63 -7.51 -1.49 7.82
CA GLU A 63 -7.11 -0.10 7.95
C GLU A 63 -6.87 0.52 6.57
N VAL A 64 -6.29 -0.28 5.67
CA VAL A 64 -5.94 0.16 4.31
C VAL A 64 -7.01 -0.25 3.27
N ASP A 65 -8.18 -0.68 3.74
CA ASP A 65 -9.29 -1.07 2.86
C ASP A 65 -10.59 -0.44 3.36
N GLU A 66 -10.74 0.85 3.08
CA GLU A 66 -11.88 1.63 3.56
C GLU A 66 -13.21 1.12 3.01
N ASP A 67 -13.19 0.60 1.78
CA ASP A 67 -14.41 0.10 1.14
C ASP A 67 -14.95 -1.14 1.87
N GLY A 68 -14.07 -1.86 2.57
CA GLY A 68 -14.46 -3.06 3.32
C GLY A 68 -14.59 -4.29 2.42
N SER A 69 -13.83 -4.28 1.32
CA SER A 69 -13.79 -5.44 0.40
C SER A 69 -12.85 -6.54 0.92
N GLY A 70 -11.98 -6.19 1.88
CA GLY A 70 -11.03 -7.15 2.45
C GLY A 70 -9.88 -7.42 1.48
N THR A 71 -9.96 -6.80 0.31
CA THR A 71 -8.94 -6.92 -0.74
C THR A 71 -8.55 -5.53 -1.22
N VAL A 72 -7.26 -5.30 -1.33
CA VAL A 72 -6.73 -3.98 -1.66
C VAL A 72 -6.15 -3.93 -3.08
N ASP A 73 -6.89 -3.29 -4.00
CA ASP A 73 -6.50 -3.17 -5.41
C ASP A 73 -5.58 -1.97 -5.65
N PHE A 74 -4.90 -1.96 -6.81
CA PHE A 74 -3.97 -0.89 -7.15
C PHE A 74 -4.66 0.48 -7.14
N ASP A 75 -5.81 0.54 -7.80
CA ASP A 75 -6.62 1.75 -7.83
C ASP A 75 -7.24 2.00 -6.45
N GLU A 76 -7.60 0.92 -5.76
CA GLU A 76 -8.16 1.03 -4.41
C GLU A 76 -7.18 1.71 -3.48
N PHE A 77 -5.96 1.21 -3.47
CA PHE A 77 -4.93 1.73 -2.59
C PHE A 77 -4.64 3.20 -2.87
N LEU A 78 -4.49 3.54 -4.15
CA LEU A 78 -4.19 4.91 -4.53
C LEU A 78 -5.30 5.88 -4.06
N VAL A 79 -6.53 5.61 -4.50
CA VAL A 79 -7.71 6.44 -4.17
C VAL A 79 -8.09 6.37 -2.67
N MET A 80 -8.12 5.16 -2.14
CA MET A 80 -8.48 4.94 -0.73
C MET A 80 -7.49 5.60 0.20
N MET A 81 -6.20 5.49 -0.13
CA MET A 81 -5.17 6.10 0.72
C MET A 81 -5.35 7.61 0.77
N VAL A 82 -5.82 8.19 -0.33
CA VAL A 82 -6.06 9.63 -0.43
C VAL A 82 -7.09 10.07 0.61
N ARG A 83 -8.10 9.23 0.84
CA ARG A 83 -9.13 9.54 1.85
C ARG A 83 -8.46 9.70 3.20
N CYS A 84 -7.45 8.87 3.43
CA CYS A 84 -6.62 8.94 4.62
C CYS A 84 -5.78 10.23 4.63
N MET A 85 -5.26 10.62 3.46
CA MET A 85 -4.46 11.85 3.38
C MET A 85 -5.28 13.08 3.78
N LYS A 86 -6.51 13.17 3.26
CA LYS A 86 -7.41 14.28 3.61
C LYS A 86 -7.86 14.21 5.07
N ASP A 87 -8.21 13.00 5.51
CA ASP A 87 -8.70 12.73 6.89
C ASP A 87 -9.54 13.90 7.45
N ASP A 88 -9.51 14.08 8.77
CA ASP A 88 -10.26 15.16 9.43
C ASP A 88 -9.60 16.51 9.16
N SER A 89 -10.39 17.46 8.69
CA SER A 89 -9.90 18.80 8.36
C SER A 89 -10.15 19.78 9.52
N ARG B 1 -0.68 9.07 2.26
CA ARG B 1 0.53 8.50 2.89
C ARG B 1 0.15 7.94 4.27
N ILE B 2 -1.17 7.83 4.52
CA ILE B 2 -1.70 7.39 5.83
C ILE B 2 -0.68 7.63 6.98
N SER B 3 -0.44 8.92 7.28
CA SER B 3 0.53 9.35 8.30
C SER B 3 1.98 9.05 7.87
N ALA B 4 2.59 10.01 7.18
CA ALA B 4 3.97 9.89 6.69
C ALA B 4 4.13 8.74 5.69
N ASP B 5 4.65 9.07 4.51
CA ASP B 5 4.93 8.08 3.46
C ASP B 5 6.34 7.51 3.63
N ALA B 6 6.93 7.76 4.79
CA ALA B 6 8.28 7.30 5.10
C ALA B 6 8.39 5.78 4.98
N MET B 7 7.32 5.07 5.30
CA MET B 7 7.32 3.61 5.20
C MET B 7 7.48 3.16 3.73
N MET B 8 7.30 4.10 2.79
CA MET B 8 7.55 3.87 1.37
C MET B 8 8.95 3.29 1.16
N GLN B 9 9.75 3.34 2.25
CA GLN B 9 11.10 2.75 2.33
C GLN B 9 11.20 1.39 1.60
N ALA B 10 10.04 0.80 1.26
CA ALA B 10 9.93 -0.47 0.49
C ALA B 10 10.98 -0.59 -0.63
N LEU B 11 11.61 0.52 -0.95
CA LEU B 11 12.70 0.54 -1.93
C LEU B 11 13.79 -0.39 -1.41
N LEU B 12 13.99 -0.36 -0.10
CA LEU B 12 14.91 -1.27 0.58
C LEU B 12 14.49 -2.74 0.35
N GLY B 13 15.26 -3.45 -0.47
CA GLY B 13 14.96 -4.85 -0.82
C GLY B 13 15.91 -5.37 -1.90
N ALA B 14 15.50 -6.45 -2.59
CA ALA B 14 16.30 -7.10 -3.64
C ALA B 14 17.52 -7.83 -3.07
N ARG B 15 18.25 -7.14 -2.20
CA ARG B 15 19.49 -7.67 -1.60
C ARG B 15 20.53 -8.01 -2.67
N ALA B 16 20.25 -9.06 -3.44
CA ALA B 16 21.12 -9.48 -4.52
C ALA B 16 20.41 -9.33 -5.88
N LYS B 17 20.69 -10.25 -6.80
CA LYS B 17 20.08 -10.24 -8.13
C LYS B 17 19.34 -11.54 -8.42
#